data_4OU2
#
_entry.id   4OU2
#
_cell.length_a   88.571
_cell.length_b   141.556
_cell.length_c   174.630
_cell.angle_alpha   90.000
_cell.angle_beta   90.000
_cell.angle_gamma   90.000
#
_symmetry.space_group_name_H-M   'P 21 21 21'
#
loop_
_entity.id
_entity.type
_entity.pdbx_description
1 polymer '2-aminomuconate 6-semialdehyde dehydrogenase'
2 non-polymer NICOTINAMIDE-ADENINE-DINUCLEOTIDE
3 non-polymer 'SODIUM ION'
4 non-polymer '(2Z,4E)-2,6-dihydroxyhexa-2,4-dienoic acid'
5 water water
#
_entity_poly.entity_id   1
_entity_poly.type   'polypeptide(L)'
_entity_poly.pdbx_seq_one_letter_code
;SQLLNYIDGNFVTSASSFANINPVNGKLISDVFEADAKQVNEAVVAAQNALKGPWGKLSVQDRAALIHKIADGIQARFEE
FVAAEVADTGRPVHQARTLDIPRAIANFRTFADLAKTSHTDLFEMSTSDGSGALNYTVRKPLGVIGVISPWNLPLLLFTW
KVAPALACGNTVVAKPSEESPSSATLLAEVMHDAGVPPGVFNLIHGFGKDSAGEFLTQHPGISALTFTGESKTGSTIMKA
VADGVKEVSFALGGKNAAVVFADADLDAAIEGVLRSSFTNSGQVCLCSERVYVHRSIFDEFVSGLKVEAERLVVGYPDQD
GVNMGPLISHGHRDKVLSYYRLAVDEGATVVTGGGVPKFNDERDQGAYVQPTIWTGLSDKARCVTEEIFGPVCHISPFDD
EDEVINRVNDSNYGLACAIWTTNLSRAHRVSRQIHVGLVWVNTWYLRDLRTPFGGVKLSGLGREGGRFSMDFYSDIANIC
IKI
;
_entity_poly.pdbx_strand_id   A,B,C,D
#
# COMPACT_ATOMS: atom_id res chain seq x y z
N SER A 1 44.51 22.42 -3.60
CA SER A 1 43.05 22.31 -3.34
C SER A 1 42.82 22.38 -1.84
N GLN A 2 41.91 23.23 -1.44
CA GLN A 2 41.54 23.41 -0.02
C GLN A 2 40.13 22.87 0.16
N LEU A 3 39.93 21.95 1.11
CA LEU A 3 38.61 21.42 1.41
C LEU A 3 38.15 21.92 2.76
N LEU A 4 37.16 22.81 2.77
CA LEU A 4 36.65 23.36 4.05
C LEU A 4 35.35 22.69 4.52
N ASN A 5 35.01 22.95 5.77
CA ASN A 5 33.74 22.65 6.32
C ASN A 5 32.69 23.61 5.77
N TYR A 6 31.44 23.18 5.77
CA TYR A 6 30.35 24.09 5.44
C TYR A 6 29.29 24.06 6.54
N ILE A 7 29.27 25.12 7.34
CA ILE A 7 28.46 25.18 8.58
C ILE A 7 27.61 26.45 8.52
N ASP A 8 26.26 26.29 8.56
CA ASP A 8 25.32 27.43 8.69
C ASP A 8 25.47 28.40 7.52
N GLY A 9 25.58 27.86 6.31
CA GLY A 9 25.67 28.67 5.11
C GLY A 9 27.03 29.27 4.83
N ASN A 10 28.02 28.96 5.62
CA ASN A 10 29.39 29.42 5.31
C ASN A 10 30.48 28.33 5.24
N PHE A 11 31.43 28.50 4.31
CA PHE A 11 32.65 27.73 4.36
C PHE A 11 33.57 28.23 5.42
N VAL A 12 34.09 27.31 6.22
CA VAL A 12 35.06 27.68 7.26
C VAL A 12 36.19 26.68 7.27
N THR A 13 37.37 27.16 7.68
CA THR A 13 38.53 26.32 7.93
C THR A 13 38.46 25.77 9.35
N SER A 14 39.58 25.22 9.85
CA SER A 14 39.69 24.68 11.19
C SER A 14 41.15 24.83 11.60
N ALA A 15 41.43 24.59 12.89
CA ALA A 15 42.77 24.71 13.48
C ALA A 15 43.68 23.61 13.05
N SER A 16 43.16 22.62 12.38
CA SER A 16 43.97 21.49 12.00
C SER A 16 43.50 21.01 10.63
N SER A 17 44.44 20.56 9.80
CA SER A 17 44.15 20.07 8.45
C SER A 17 44.87 18.75 8.23
N PHE A 18 44.40 17.92 7.28
CA PHE A 18 45.08 16.65 7.01
C PHE A 18 45.12 16.49 5.53
N ALA A 19 46.02 15.61 5.10
CA ALA A 19 46.25 15.39 3.65
C ALA A 19 45.22 14.45 2.97
N ASN A 20 44.74 14.87 1.81
CA ASN A 20 43.98 14.04 0.86
C ASN A 20 44.99 13.58 -0.17
N ILE A 21 45.20 12.27 -0.28
CA ILE A 21 46.29 11.67 -1.10
C ILE A 21 45.73 10.90 -2.32
N ASN A 22 46.23 11.18 -3.52
CA ASN A 22 45.84 10.39 -4.70
C ASN A 22 46.39 8.98 -4.65
N PRO A 23 45.53 7.96 -4.60
CA PRO A 23 46.06 6.58 -4.48
C PRO A 23 46.70 6.07 -5.77
N VAL A 24 46.52 6.77 -6.87
CA VAL A 24 47.13 6.40 -8.16
C VAL A 24 48.65 6.55 -8.11
N ASN A 25 49.11 7.61 -7.47
CA ASN A 25 50.55 7.95 -7.50
C ASN A 25 51.09 8.42 -6.16
N GLY A 26 50.24 8.44 -5.13
CA GLY A 26 50.66 8.79 -3.80
C GLY A 26 50.86 10.25 -3.60
N LYS A 27 50.43 11.06 -4.56
CA LYS A 27 50.59 12.51 -4.48
C LYS A 27 49.52 13.21 -3.62
N LEU A 28 49.93 14.33 -3.01
CA LEU A 28 49.01 15.22 -2.28
C LEU A 28 48.05 15.91 -3.23
N ILE A 29 46.75 15.82 -2.97
CA ILE A 29 45.75 16.52 -3.79
C ILE A 29 45.20 17.74 -3.02
N SER A 30 45.01 17.63 -1.68
CA SER A 30 44.38 18.70 -0.93
C SER A 30 44.67 18.68 0.53
N ASP A 31 44.51 19.82 1.13
CA ASP A 31 44.47 19.96 2.56
C ASP A 31 42.99 20.01 2.99
N VAL A 32 42.65 19.26 4.04
CA VAL A 32 41.25 19.11 4.45
C VAL A 32 41.18 19.57 5.89
N PHE A 33 40.34 20.55 6.18
CA PHE A 33 40.22 21.06 7.53
C PHE A 33 39.34 20.21 8.45
N GLU A 34 39.94 19.73 9.54
CA GLU A 34 39.24 18.82 10.45
C GLU A 34 38.37 19.59 11.41
N ALA A 35 37.05 19.41 11.34
CA ALA A 35 36.17 20.08 12.27
C ALA A 35 36.48 19.60 13.66
N ASP A 36 36.48 20.51 14.64
CA ASP A 36 36.66 20.06 15.97
C ASP A 36 35.27 19.94 16.63
N ALA A 37 35.25 19.64 17.93
CA ALA A 37 34.01 19.43 18.69
C ALA A 37 33.15 20.67 18.80
N LYS A 38 33.81 21.81 18.92
CA LYS A 38 33.08 23.07 18.95
C LYS A 38 32.38 23.28 17.62
N GLN A 39 33.03 22.86 16.54
CA GLN A 39 32.49 23.12 15.21
C GLN A 39 31.31 22.18 14.89
N VAL A 40 31.37 20.98 15.41
CA VAL A 40 30.31 20.00 15.24
C VAL A 40 29.12 20.49 16.00
N ASN A 41 29.37 21.02 17.18
CA ASN A 41 28.27 21.69 17.93
C ASN A 41 27.61 22.77 17.16
N GLU A 42 28.45 23.64 16.59
CA GLU A 42 27.95 24.73 15.77
C GLU A 42 27.06 24.21 14.63
N ALA A 43 27.49 23.10 14.00
CA ALA A 43 26.73 22.49 12.91
C ALA A 43 25.35 21.96 13.34
N VAL A 44 25.36 21.18 14.40
CA VAL A 44 24.10 20.62 14.91
C VAL A 44 23.11 21.75 15.34
N VAL A 45 23.63 22.78 16.00
CA VAL A 45 22.77 23.85 16.47
C VAL A 45 22.21 24.57 15.30
N ALA A 46 23.01 24.78 14.27
CA ALA A 46 22.55 25.50 13.11
C ALA A 46 21.48 24.63 12.45
N ALA A 47 21.72 23.32 12.40
CA ALA A 47 20.75 22.39 11.78
C ALA A 47 19.40 22.40 12.57
N GLN A 48 19.52 22.43 13.89
CA GLN A 48 18.31 22.56 14.74
C GLN A 48 17.53 23.81 14.42
N ASN A 49 18.23 24.95 14.30
CA ASN A 49 17.57 26.24 14.02
C ASN A 49 17.03 26.35 12.62
N ALA A 50 17.70 25.70 11.69
CA ALA A 50 17.22 25.68 10.32
C ALA A 50 15.81 25.08 10.20
N LEU A 51 15.50 24.10 11.06
CA LEU A 51 14.19 23.41 11.02
C LEU A 51 13.07 24.42 11.36
N LYS A 52 13.41 25.46 12.11
CA LYS A 52 12.44 26.52 12.48
C LYS A 52 12.39 27.64 11.47
N GLY A 53 13.24 27.60 10.45
CA GLY A 53 13.31 28.70 9.50
C GLY A 53 12.47 28.44 8.25
N PRO A 54 12.83 29.12 7.12
CA PRO A 54 12.17 29.07 5.82
C PRO A 54 12.09 27.66 5.27
N TRP A 55 13.15 26.87 5.49
CA TRP A 55 13.17 25.48 5.09
C TRP A 55 11.99 24.72 5.66
N GLY A 56 11.74 24.94 6.94
CA GLY A 56 10.56 24.36 7.61
C GLY A 56 9.22 24.81 7.05
N LYS A 57 9.17 25.91 6.30
CA LYS A 57 7.88 26.45 5.85
C LYS A 57 7.58 26.01 4.46
N LEU A 58 8.53 25.35 3.81
CA LEU A 58 8.31 24.98 2.42
C LEU A 58 7.24 23.94 2.30
N SER A 59 6.41 24.09 1.29
CA SER A 59 5.49 23.02 0.95
C SER A 59 6.34 21.81 0.50
N VAL A 60 5.75 20.62 0.51
CA VAL A 60 6.43 19.47 -0.02
C VAL A 60 6.83 19.71 -1.49
N GLN A 61 5.92 20.27 -2.28
CA GLN A 61 6.21 20.48 -3.69
C GLN A 61 7.40 21.43 -3.86
N ASP A 62 7.45 22.50 -3.05
CA ASP A 62 8.55 23.46 -3.13
C ASP A 62 9.87 22.86 -2.65
N ARG A 63 9.79 22.07 -1.61
CA ARG A 63 10.96 21.39 -1.13
C ARG A 63 11.46 20.45 -2.22
N ALA A 64 10.55 19.71 -2.82
CA ALA A 64 10.94 18.80 -3.90
C ALA A 64 11.56 19.52 -5.09
N ALA A 65 11.00 20.68 -5.45
CA ALA A 65 11.57 21.48 -6.54
C ALA A 65 13.00 21.83 -6.28
N LEU A 66 13.28 22.30 -5.05
CA LEU A 66 14.60 22.75 -4.71
C LEU A 66 15.64 21.60 -4.73
N ILE A 67 15.22 20.42 -4.30
CA ILE A 67 16.11 19.28 -4.31
C ILE A 67 16.44 18.92 -5.77
N HIS A 68 15.42 19.00 -6.68
CA HIS A 68 15.69 18.86 -8.13
C HIS A 68 16.68 19.94 -8.60
N LYS A 69 16.63 21.09 -7.95
CA LYS A 69 17.56 22.16 -8.26
C LYS A 69 18.99 21.71 -7.82
N ILE A 70 19.10 21.12 -6.64
CA ILE A 70 20.37 20.52 -6.25
C ILE A 70 20.85 19.53 -7.31
N ALA A 71 19.94 18.68 -7.82
CA ALA A 71 20.36 17.68 -8.76
C ALA A 71 20.78 18.33 -10.09
N ASP A 72 20.09 19.42 -10.48
CA ASP A 72 20.48 20.17 -11.71
C ASP A 72 21.86 20.75 -11.55
N GLY A 73 22.16 21.24 -10.35
CA GLY A 73 23.40 21.81 -10.05
C GLY A 73 24.56 20.85 -10.21
N ILE A 74 24.39 19.60 -9.78
CA ILE A 74 25.46 18.61 -9.91
C ILE A 74 25.64 18.25 -11.40
N GLN A 75 24.53 18.15 -12.12
CA GLN A 75 24.57 17.83 -13.52
C GLN A 75 25.32 18.94 -14.29
N ALA A 76 25.12 20.18 -13.90
CA ALA A 76 25.75 21.31 -14.56
C ALA A 76 27.26 21.36 -14.29
N ARG A 77 27.71 20.64 -13.28
CA ARG A 77 29.15 20.56 -13.01
C ARG A 77 29.61 19.12 -13.14
N PHE A 78 28.91 18.36 -13.97
CA PHE A 78 29.11 16.91 -14.09
C PHE A 78 30.56 16.45 -14.07
N GLU A 79 31.32 16.94 -15.05
CA GLU A 79 32.71 16.57 -15.20
C GLU A 79 33.62 17.02 -14.01
N GLU A 80 33.33 18.16 -13.40
CA GLU A 80 34.02 18.52 -12.13
C GLU A 80 33.80 17.49 -11.00
N PHE A 81 32.60 16.92 -10.89
CA PHE A 81 32.33 15.89 -9.87
C PHE A 81 33.05 14.57 -10.25
N VAL A 82 33.02 14.23 -11.55
CA VAL A 82 33.79 13.10 -12.07
C VAL A 82 35.22 13.22 -11.64
N ALA A 83 35.82 14.37 -11.91
CA ALA A 83 37.26 14.56 -11.64
C ALA A 83 37.54 14.50 -10.16
N ALA A 84 36.65 15.07 -9.36
CA ALA A 84 36.85 15.09 -7.92
C ALA A 84 36.83 13.69 -7.38
N GLU A 85 35.85 12.88 -7.85
CA GLU A 85 35.68 11.52 -7.30
C GLU A 85 36.89 10.69 -7.74
N VAL A 86 37.27 10.81 -9.02
CA VAL A 86 38.43 10.05 -9.55
C VAL A 86 39.72 10.43 -8.79
N ALA A 87 39.91 11.71 -8.49
CA ALA A 87 41.21 12.09 -7.82
C ALA A 87 41.34 11.46 -6.49
N ASP A 88 40.26 11.50 -5.70
CA ASP A 88 40.22 10.92 -4.36
C ASP A 88 40.44 9.38 -4.38
N THR A 89 39.95 8.68 -5.36
CA THR A 89 39.83 7.25 -5.13
C THR A 89 40.58 6.37 -6.14
N GLY A 90 40.98 6.95 -7.27
CA GLY A 90 41.62 6.21 -8.38
C GLY A 90 40.65 5.40 -9.21
N ARG A 91 39.34 5.59 -9.03
CA ARG A 91 38.35 4.80 -9.76
C ARG A 91 38.35 5.16 -11.25
N PRO A 92 38.11 4.17 -12.13
CA PRO A 92 38.17 4.47 -13.55
C PRO A 92 37.17 5.59 -13.91
N VAL A 93 37.55 6.44 -14.87
CA VAL A 93 36.71 7.56 -15.26
C VAL A 93 35.37 7.09 -15.77
N HIS A 94 35.35 5.99 -16.51
CA HIS A 94 34.09 5.50 -17.06
C HIS A 94 33.10 5.11 -15.98
N GLN A 95 33.61 4.48 -14.90
CA GLN A 95 32.79 4.08 -13.77
C GLN A 95 32.23 5.35 -13.09
N ALA A 96 33.07 6.36 -12.93
CA ALA A 96 32.62 7.59 -12.32
C ALA A 96 31.51 8.22 -13.17
N ARG A 97 31.69 8.19 -14.50
CA ARG A 97 30.73 8.78 -15.45
C ARG A 97 29.50 7.95 -15.59
N THR A 98 29.55 6.67 -15.26
CA THR A 98 28.37 5.84 -15.55
C THR A 98 27.63 5.39 -14.28
N LEU A 99 28.39 5.14 -13.20
CA LEU A 99 27.73 4.73 -11.98
C LEU A 99 27.70 5.87 -10.96
N ASP A 100 28.88 6.36 -10.60
CA ASP A 100 29.02 7.23 -9.42
C ASP A 100 28.20 8.52 -9.53
N ILE A 101 28.56 9.40 -10.44
CA ILE A 101 27.93 10.72 -10.50
C ILE A 101 26.44 10.63 -10.91
N PRO A 102 26.15 9.81 -11.93
CA PRO A 102 24.74 9.75 -12.30
C PRO A 102 23.82 9.27 -11.16
N ARG A 103 24.28 8.31 -10.35
CA ARG A 103 23.52 7.82 -9.20
C ARG A 103 23.31 8.87 -8.14
N ALA A 104 24.33 9.64 -7.84
CA ALA A 104 24.14 10.74 -6.90
C ALA A 104 23.07 11.69 -7.38
N ILE A 105 23.14 12.07 -8.64
CA ILE A 105 22.01 12.88 -9.25
C ILE A 105 20.63 12.16 -9.10
N ALA A 106 20.57 10.89 -9.45
CA ALA A 106 19.35 10.08 -9.42
C ALA A 106 18.84 9.91 -7.98
N ASN A 107 19.74 9.80 -6.98
CA ASN A 107 19.35 9.74 -5.60
C ASN A 107 18.50 10.96 -5.26
N PHE A 108 18.99 12.16 -5.56
CA PHE A 108 18.27 13.38 -5.25
C PHE A 108 16.93 13.40 -5.96
N ARG A 109 16.90 13.05 -7.25
CA ARG A 109 15.65 13.13 -8.00
C ARG A 109 14.66 12.08 -7.55
N THR A 110 15.13 10.86 -7.31
CA THR A 110 14.22 9.79 -6.86
C THR A 110 13.51 10.15 -5.53
N PHE A 111 14.27 10.64 -4.55
CA PHE A 111 13.64 11.01 -3.28
C PHE A 111 12.84 12.28 -3.32
N ALA A 112 13.23 13.20 -4.20
CA ALA A 112 12.42 14.41 -4.43
C ALA A 112 11.04 14.00 -4.90
N ASP A 113 10.99 13.04 -5.79
CA ASP A 113 9.73 12.59 -6.39
C ASP A 113 8.87 11.81 -5.38
N LEU A 114 9.57 11.01 -4.58
CA LEU A 114 8.91 10.25 -3.56
C LEU A 114 8.31 11.22 -2.49
N ALA A 115 8.98 12.31 -2.21
CA ALA A 115 8.43 13.31 -1.31
C ALA A 115 7.07 13.81 -1.78
N LYS A 116 6.89 13.86 -3.09
CA LYS A 116 5.68 14.39 -3.69
C LYS A 116 4.56 13.34 -3.72
N THR A 117 4.93 12.12 -4.02
CA THR A 117 3.93 11.10 -4.24
C THR A 117 3.53 10.43 -2.95
N SER A 118 4.43 10.42 -1.95
CA SER A 118 4.19 9.63 -0.74
C SER A 118 2.98 10.13 0.06
N HIS A 119 2.19 9.21 0.58
CA HIS A 119 1.07 9.56 1.49
C HIS A 119 1.03 8.60 2.66
N THR A 120 0.02 8.75 3.52
CA THR A 120 -0.02 8.00 4.78
C THR A 120 -1.40 7.32 4.91
N ASP A 121 -1.79 6.98 6.12
CA ASP A 121 -2.85 6.00 6.31
C ASP A 121 -4.03 6.52 7.10
N LEU A 122 -5.19 5.94 6.83
CA LEU A 122 -6.44 6.31 7.51
C LEU A 122 -7.05 5.00 8.05
N PHE A 123 -7.31 4.97 9.37
CA PHE A 123 -7.90 3.79 10.04
C PHE A 123 -9.14 4.29 10.73
N GLU A 124 -10.31 3.79 10.32
CA GLU A 124 -11.54 4.05 11.01
C GLU A 124 -11.75 2.97 12.09
N MET A 125 -12.37 3.33 13.20
CA MET A 125 -12.67 2.37 14.26
C MET A 125 -14.03 2.62 14.90
N SER A 126 -14.61 1.55 15.45
CA SER A 126 -15.83 1.66 16.27
C SER A 126 -15.51 2.05 17.69
N THR A 127 -16.46 2.66 18.38
CA THR A 127 -16.27 2.97 19.81
C THR A 127 -17.50 2.51 20.54
N SER A 128 -17.32 2.25 21.83
CA SER A 128 -18.39 1.81 22.69
C SER A 128 -19.61 2.71 22.62
N ASP A 129 -19.45 4.03 22.51
CA ASP A 129 -20.65 4.89 22.41
C ASP A 129 -21.28 4.90 21.03
N GLY A 130 -20.72 4.20 20.04
CA GLY A 130 -21.37 4.18 18.73
C GLY A 130 -21.03 5.31 17.76
N SER A 131 -20.27 6.32 18.22
CA SER A 131 -19.96 7.46 17.37
C SER A 131 -18.67 7.21 16.60
N GLY A 132 -17.85 6.27 17.06
CA GLY A 132 -16.65 5.95 16.31
C GLY A 132 -15.50 6.95 16.48
N ALA A 133 -14.37 6.64 15.85
CA ALA A 133 -13.22 7.48 15.91
C ALA A 133 -12.39 7.23 14.67
N LEU A 134 -11.48 8.14 14.35
CA LEU A 134 -10.58 7.91 13.25
C LEU A 134 -9.15 8.15 13.63
N ASN A 135 -8.25 7.36 13.07
CA ASN A 135 -6.81 7.50 13.30
C ASN A 135 -6.21 7.86 11.94
N TYR A 136 -5.48 8.95 11.87
CA TYR A 136 -4.66 9.19 10.65
C TYR A 136 -3.20 9.41 10.95
N THR A 137 -2.34 8.97 10.05
CA THR A 137 -0.94 9.14 10.27
C THR A 137 -0.38 10.23 9.39
N VAL A 138 0.71 10.84 9.81
CA VAL A 138 1.43 11.81 9.02
C VAL A 138 2.91 11.54 9.13
N ARG A 139 3.67 11.99 8.14
CA ARG A 139 5.15 11.93 8.20
C ARG A 139 5.61 13.32 8.46
N LYS A 140 6.51 13.48 9.42
CA LYS A 140 7.09 14.77 9.71
C LYS A 140 8.59 14.63 9.65
N PRO A 141 9.34 15.76 9.57
CA PRO A 141 10.80 15.60 9.67
C PRO A 141 11.16 14.99 11.02
N LEU A 142 12.06 14.03 11.04
CA LEU A 142 12.62 13.45 12.26
C LEU A 142 13.35 14.49 13.09
N GLY A 143 14.15 15.30 12.41
CA GLY A 143 14.87 16.42 13.04
C GLY A 143 16.24 16.64 12.39
N VAL A 144 17.30 16.62 13.17
CA VAL A 144 18.60 16.71 12.58
C VAL A 144 19.14 15.31 12.36
N ILE A 145 19.49 15.01 11.13
CA ILE A 145 20.03 13.69 10.74
C ILE A 145 21.54 13.77 10.67
N GLY A 146 22.19 12.95 11.43
CA GLY A 146 23.67 12.88 11.39
C GLY A 146 23.99 11.85 10.32
N VAL A 147 24.84 12.22 9.34
CA VAL A 147 25.21 11.32 8.26
C VAL A 147 26.75 11.08 8.29
N ILE A 148 27.16 9.79 8.21
CA ILE A 148 28.59 9.42 8.26
C ILE A 148 28.79 8.37 7.15
N SER A 149 29.64 8.68 6.16
CA SER A 149 29.70 7.83 4.97
C SER A 149 31.13 7.28 4.68
N PRO A 150 31.26 6.21 3.87
CA PRO A 150 32.59 5.62 3.68
C PRO A 150 33.18 6.09 2.34
N TRP A 151 34.30 5.48 1.97
CA TRP A 151 35.10 6.04 0.89
C TRP A 151 34.96 5.25 -0.37
N ASN A 152 34.30 4.09 -0.29
CA ASN A 152 34.32 3.20 -1.45
C ASN A 152 33.46 3.68 -2.63
N LEU A 153 32.33 4.32 -2.31
CA LEU A 153 31.45 4.97 -3.32
C LEU A 153 31.01 6.34 -2.77
N PRO A 154 31.92 7.31 -2.79
CA PRO A 154 31.83 8.49 -1.91
C PRO A 154 30.53 9.27 -2.14
N LEU A 155 30.31 9.77 -3.36
CA LEU A 155 29.16 10.68 -3.56
C LEU A 155 27.87 9.92 -3.62
N LEU A 156 27.92 8.71 -4.17
CA LEU A 156 26.72 7.86 -4.29
C LEU A 156 26.18 7.53 -2.87
N LEU A 157 27.06 7.13 -1.96
CA LEU A 157 26.61 6.69 -0.66
C LEU A 157 26.29 7.87 0.23
N PHE A 158 26.99 9.00 0.01
CA PHE A 158 26.76 10.24 0.76
C PHE A 158 25.37 10.80 0.41
N THR A 159 25.07 10.83 -0.89
CA THR A 159 23.80 11.36 -1.34
C THR A 159 22.67 10.36 -1.13
N TRP A 160 23.00 9.06 -1.07
CA TRP A 160 22.02 8.03 -0.77
C TRP A 160 21.32 8.30 0.53
N LYS A 161 22.05 8.93 1.42
CA LYS A 161 21.57 9.30 2.75
C LYS A 161 21.06 10.76 2.81
N VAL A 162 21.81 11.70 2.19
CA VAL A 162 21.46 13.11 2.24
C VAL A 162 20.14 13.42 1.49
N ALA A 163 19.91 12.72 0.39
CA ALA A 163 18.72 12.97 -0.43
C ALA A 163 17.41 12.67 0.30
N PRO A 164 17.26 11.46 0.88
CA PRO A 164 15.98 11.25 1.57
C PRO A 164 15.89 12.08 2.81
N ALA A 165 17.03 12.33 3.47
CA ALA A 165 17.03 13.14 4.65
C ALA A 165 16.37 14.48 4.35
N LEU A 166 16.90 15.17 3.34
CA LEU A 166 16.34 16.42 2.88
C LEU A 166 14.95 16.30 2.34
N ALA A 167 14.70 15.27 1.53
CA ALA A 167 13.37 15.13 0.94
C ALA A 167 12.28 15.04 2.01
N CYS A 168 12.63 14.41 3.16
CA CYS A 168 11.66 14.25 4.25
C CYS A 168 11.63 15.50 5.15
N GLY A 169 12.38 16.55 4.75
CA GLY A 169 12.29 17.81 5.41
C GLY A 169 13.21 17.96 6.58
N ASN A 170 14.10 16.99 6.79
CA ASN A 170 15.07 17.13 7.87
C ASN A 170 16.14 18.13 7.54
N THR A 171 17.03 18.34 8.48
CA THR A 171 18.25 19.06 8.22
C THR A 171 19.39 18.09 8.52
N VAL A 172 20.61 18.40 8.05
CA VAL A 172 21.68 17.39 7.95
C VAL A 172 23.01 17.93 8.45
N VAL A 173 23.71 17.10 9.22
CA VAL A 173 25.12 17.28 9.50
C VAL A 173 25.81 15.99 8.99
N ALA A 174 26.70 16.13 8.02
CA ALA A 174 27.20 14.98 7.27
C ALA A 174 28.74 14.99 7.27
N LYS A 175 29.34 13.83 7.44
CA LYS A 175 30.75 13.74 7.60
C LYS A 175 31.18 12.67 6.63
N PRO A 176 31.84 13.07 5.51
CA PRO A 176 32.29 12.08 4.55
C PRO A 176 33.55 11.44 5.02
N SER A 177 33.90 10.30 4.45
CA SER A 177 35.20 9.67 4.81
C SER A 177 36.36 10.65 4.59
N GLU A 178 37.30 10.63 5.54
CA GLU A 178 38.53 11.41 5.42
C GLU A 178 39.31 10.98 4.14
N GLU A 179 39.06 9.75 3.64
CA GLU A 179 39.78 9.28 2.46
C GLU A 179 39.17 9.88 1.18
N SER A 180 37.94 10.37 1.19
CA SER A 180 37.33 10.79 -0.09
C SER A 180 36.46 12.03 0.16
N PRO A 181 37.09 13.16 0.47
CA PRO A 181 36.38 14.33 0.92
C PRO A 181 35.86 15.26 -0.16
N SER A 182 36.35 15.10 -1.38
CA SER A 182 36.20 16.15 -2.38
C SER A 182 34.80 16.33 -2.95
N SER A 183 34.19 15.22 -3.40
CA SER A 183 32.90 15.37 -4.11
C SER A 183 31.87 15.90 -3.11
N ALA A 184 31.98 15.52 -1.83
CA ALA A 184 31.04 15.99 -0.81
C ALA A 184 31.20 17.49 -0.60
N THR A 185 32.41 17.97 -0.79
CA THR A 185 32.66 19.38 -0.62
C THR A 185 32.12 20.20 -1.84
N LEU A 186 32.28 19.68 -3.04
CA LEU A 186 31.61 20.27 -4.21
C LEU A 186 30.10 20.26 -4.04
N LEU A 187 29.59 19.23 -3.35
CA LEU A 187 28.14 19.13 -3.13
C LEU A 187 27.73 20.33 -2.26
N ALA A 188 28.57 20.65 -1.28
CA ALA A 188 28.24 21.80 -0.43
C ALA A 188 28.26 23.08 -1.27
N GLU A 189 29.19 23.14 -2.23
CA GLU A 189 29.11 24.28 -3.19
C GLU A 189 27.81 24.32 -4.00
N VAL A 190 27.37 23.17 -4.48
CA VAL A 190 26.12 23.18 -5.20
C VAL A 190 24.92 23.60 -4.31
N MET A 191 24.89 23.10 -3.09
CA MET A 191 23.81 23.45 -2.16
C MET A 191 23.74 24.98 -1.99
N HIS A 192 24.89 25.57 -1.70
CA HIS A 192 24.99 27.01 -1.51
C HIS A 192 24.51 27.76 -2.71
N ASP A 193 25.01 27.39 -3.88
CA ASP A 193 24.59 28.08 -5.12
C ASP A 193 23.14 27.87 -5.42
N ALA A 194 22.59 26.71 -5.06
CA ALA A 194 21.18 26.49 -5.31
C ALA A 194 20.28 27.22 -4.30
N GLY A 195 20.88 27.96 -3.40
CA GLY A 195 20.12 28.70 -2.37
C GLY A 195 19.48 27.84 -1.27
N VAL A 196 20.02 26.66 -1.01
CA VAL A 196 19.59 25.95 0.18
C VAL A 196 19.87 26.80 1.43
N PRO A 197 18.84 27.07 2.23
CA PRO A 197 18.98 27.95 3.40
C PRO A 197 20.05 27.49 4.37
N PRO A 198 20.73 28.42 5.02
CA PRO A 198 21.86 28.07 5.85
C PRO A 198 21.40 27.22 7.02
N GLY A 199 22.24 26.26 7.41
CA GLY A 199 21.86 25.32 8.48
C GLY A 199 21.15 24.07 8.03
N VAL A 200 20.49 24.11 6.87
CA VAL A 200 19.86 22.89 6.31
C VAL A 200 20.84 21.73 5.97
N PHE A 201 21.93 22.08 5.30
CA PHE A 201 22.97 21.11 4.98
C PHE A 201 24.30 21.52 5.58
N ASN A 202 24.83 20.71 6.48
CA ASN A 202 26.15 21.04 7.03
C ASN A 202 27.16 19.94 6.76
N LEU A 203 28.36 20.36 6.32
CA LEU A 203 29.43 19.42 5.99
C LEU A 203 30.54 19.62 6.97
N ILE A 204 30.95 18.53 7.61
CA ILE A 204 32.03 18.55 8.54
C ILE A 204 33.00 17.49 8.14
N HIS A 205 34.31 17.82 8.12
CA HIS A 205 35.38 16.86 7.73
C HIS A 205 36.12 16.31 8.91
N GLY A 206 36.72 15.14 8.76
CA GLY A 206 37.51 14.62 9.88
C GLY A 206 37.56 13.10 9.88
N PHE A 207 37.95 12.53 11.04
CA PHE A 207 38.05 11.07 11.21
C PHE A 207 36.90 10.51 12.08
N GLY A 208 37.11 9.31 12.60
CA GLY A 208 36.10 8.64 13.43
C GLY A 208 36.29 8.94 14.90
N LYS A 209 36.94 8.01 15.57
CA LYS A 209 37.35 8.18 16.97
C LYS A 209 38.05 9.51 17.23
N ASP A 210 37.67 10.19 18.29
CA ASP A 210 38.27 11.46 18.70
C ASP A 210 38.34 12.48 17.58
N SER A 211 37.38 12.46 16.66
CA SER A 211 37.33 13.46 15.63
C SER A 211 35.87 13.71 15.27
N ALA A 212 35.65 14.43 14.17
CA ALA A 212 34.32 14.85 13.73
C ALA A 212 33.24 13.72 13.81
N GLY A 213 33.59 12.53 13.34
CA GLY A 213 32.66 11.41 13.36
C GLY A 213 32.13 11.08 14.75
N GLU A 214 33.03 10.76 15.65
CA GLU A 214 32.63 10.48 17.01
C GLU A 214 31.84 11.64 17.64
N PHE A 215 32.29 12.87 17.43
CA PHE A 215 31.63 14.01 18.04
C PHE A 215 30.18 14.10 17.54
N LEU A 216 29.96 13.76 16.25
CA LEU A 216 28.66 13.77 15.71
C LEU A 216 27.77 12.81 16.43
N THR A 217 28.23 11.57 16.58
CA THR A 217 27.38 10.51 17.09
C THR A 217 27.05 10.76 18.52
N GLN A 218 27.89 11.55 19.21
CA GLN A 218 27.76 11.78 20.63
C GLN A 218 26.88 12.96 20.93
N HIS A 219 26.53 13.72 19.92
CA HIS A 219 25.85 14.98 20.16
C HIS A 219 24.39 14.78 20.44
N PRO A 220 23.86 15.36 21.55
CA PRO A 220 22.43 15.16 21.94
C PRO A 220 21.46 15.82 21.03
N GLY A 221 21.94 16.72 20.18
CA GLY A 221 21.03 17.50 19.27
C GLY A 221 20.60 16.79 17.98
N ILE A 222 21.28 15.72 17.61
CA ILE A 222 20.83 14.97 16.43
C ILE A 222 19.61 14.08 16.79
N SER A 223 18.79 13.72 15.79
CA SER A 223 17.65 12.85 16.05
C SER A 223 17.90 11.47 15.54
N ALA A 224 18.85 11.30 14.60
CA ALA A 224 19.17 9.99 14.09
C ALA A 224 20.58 9.95 13.53
N LEU A 225 21.11 8.76 13.43
CA LEU A 225 22.40 8.56 12.84
C LEU A 225 22.27 7.48 11.77
N THR A 226 22.48 7.84 10.51
CA THR A 226 22.52 6.79 9.49
C THR A 226 23.94 6.62 9.07
N PHE A 227 24.35 5.38 8.96
CA PHE A 227 25.76 5.06 8.77
C PHE A 227 25.92 3.89 7.83
N THR A 228 26.90 4.03 6.93
CA THR A 228 27.37 2.95 6.06
C THR A 228 28.89 2.75 6.28
N GLY A 229 29.35 1.51 6.43
CA GLY A 229 30.75 1.31 6.78
C GLY A 229 30.98 -0.06 7.45
N GLU A 230 32.08 -0.18 8.16
CA GLU A 230 32.47 -1.46 8.74
C GLU A 230 31.53 -1.84 9.88
N SER A 231 31.32 -3.13 10.05
CA SER A 231 30.41 -3.64 11.07
C SER A 231 30.83 -3.24 12.48
N LYS A 232 32.12 -3.33 12.80
CA LYS A 232 32.55 -2.95 14.13
C LYS A 232 32.34 -1.48 14.41
N THR A 233 32.48 -0.66 13.38
CA THR A 233 32.14 0.76 13.54
C THR A 233 30.64 0.97 13.78
N GLY A 234 29.81 0.25 13.04
CA GLY A 234 28.35 0.21 13.34
C GLY A 234 28.06 -0.03 14.82
N SER A 235 28.72 -1.03 15.40
CA SER A 235 28.54 -1.37 16.83
C SER A 235 28.92 -0.21 17.75
N THR A 236 30.06 0.39 17.46
CA THR A 236 30.56 1.53 18.28
C THR A 236 29.57 2.69 18.23
N ILE A 237 29.06 2.99 17.05
CA ILE A 237 28.11 4.09 16.90
C ILE A 237 26.79 3.70 17.62
N MET A 238 26.37 2.43 17.52
CA MET A 238 25.14 2.00 18.23
C MET A 238 25.28 2.28 19.71
N LYS A 239 26.45 2.00 20.29
CA LYS A 239 26.70 2.26 21.73
C LYS A 239 26.73 3.73 22.05
N ALA A 240 27.40 4.49 21.17
CA ALA A 240 27.49 5.95 21.31
C ALA A 240 26.18 6.69 21.39
N VAL A 241 25.16 6.24 20.65
CA VAL A 241 23.89 6.96 20.61
C VAL A 241 22.87 6.39 21.62
N ALA A 242 23.26 5.34 22.31
CA ALA A 242 22.32 4.56 23.12
C ALA A 242 21.62 5.41 24.18
N ASP A 243 22.39 6.18 24.91
CA ASP A 243 21.85 7.09 25.96
C ASP A 243 20.83 8.06 25.43
N GLY A 244 21.00 8.50 24.17
CA GLY A 244 20.02 9.39 23.55
C GLY A 244 18.89 8.64 22.88
N VAL A 245 18.99 7.29 22.80
CA VAL A 245 17.99 6.43 22.06
C VAL A 245 17.73 6.99 20.64
N LYS A 246 18.78 7.47 19.98
CA LYS A 246 18.65 7.99 18.62
C LYS A 246 18.20 6.92 17.63
N GLU A 247 17.36 7.32 16.66
CA GLU A 247 17.10 6.39 15.56
C GLU A 247 18.39 5.99 14.84
N VAL A 248 18.49 4.71 14.46
CA VAL A 248 19.68 4.22 13.76
C VAL A 248 19.37 3.40 12.56
N SER A 249 20.19 3.61 11.51
CA SER A 249 20.09 2.82 10.29
C SER A 249 21.50 2.51 9.82
N PHE A 250 21.83 1.22 9.72
CA PHE A 250 23.20 0.80 9.43
C PHE A 250 23.21 -0.15 8.23
N ALA A 251 24.04 0.15 7.21
CA ALA A 251 24.43 -0.79 6.16
C ALA A 251 25.92 -1.06 6.34
N LEU A 252 26.28 -2.33 6.60
CA LEU A 252 27.57 -2.65 7.10
C LEU A 252 28.33 -3.62 6.19
N GLY A 253 29.25 -4.37 6.74
CA GLY A 253 30.08 -5.24 5.93
C GLY A 253 29.39 -6.52 5.44
N GLY A 254 30.12 -7.26 4.63
CA GLY A 254 29.61 -8.50 4.10
C GLY A 254 30.73 -9.48 3.77
N LYS A 255 30.37 -10.76 3.65
CA LYS A 255 31.28 -11.74 3.07
C LYS A 255 30.41 -12.50 2.13
N ASN A 256 30.07 -11.86 1.00
CA ASN A 256 29.06 -12.34 0.08
C ASN A 256 29.52 -13.48 -0.77
N ALA A 257 28.60 -14.41 -1.02
CA ALA A 257 28.85 -15.54 -1.82
C ALA A 257 28.25 -15.34 -3.26
N ALA A 258 28.82 -16.05 -4.21
CA ALA A 258 28.18 -16.21 -5.50
C ALA A 258 28.07 -17.68 -5.70
N VAL A 259 26.96 -18.14 -6.22
CA VAL A 259 26.74 -19.56 -6.43
C VAL A 259 26.51 -19.80 -7.91
N VAL A 260 27.33 -20.70 -8.49
CA VAL A 260 27.14 -21.09 -9.90
C VAL A 260 26.66 -22.53 -9.98
N PHE A 261 25.42 -22.75 -10.38
CA PHE A 261 24.86 -24.08 -10.50
C PHE A 261 25.23 -24.70 -11.85
N ALA A 262 25.08 -26.03 -11.96
CA ALA A 262 25.51 -26.75 -13.17
C ALA A 262 24.76 -26.25 -14.37
N ASP A 263 23.49 -25.88 -14.20
CA ASP A 263 22.70 -25.47 -15.35
C ASP A 263 22.89 -23.97 -15.73
N ALA A 264 23.93 -23.34 -15.19
CA ALA A 264 24.17 -21.91 -15.45
C ALA A 264 24.66 -21.67 -16.88
N ASP A 265 24.37 -20.49 -17.41
CA ASP A 265 25.11 -20.04 -18.63
C ASP A 265 26.52 -19.78 -18.15
N LEU A 266 27.45 -20.66 -18.55
CA LEU A 266 28.81 -20.67 -17.95
C LEU A 266 29.64 -19.43 -18.33
N ASP A 267 29.64 -19.07 -19.61
CA ASP A 267 30.31 -17.81 -20.03
C ASP A 267 29.70 -16.60 -19.36
N ALA A 268 28.36 -16.52 -19.26
CA ALA A 268 27.74 -15.38 -18.52
C ALA A 268 28.10 -15.39 -17.03
N ALA A 269 28.12 -16.59 -16.43
CA ALA A 269 28.41 -16.68 -15.01
C ALA A 269 29.89 -16.27 -14.77
N ILE A 270 30.76 -16.61 -15.72
CA ILE A 270 32.21 -16.30 -15.54
C ILE A 270 32.39 -14.79 -15.62
N GLU A 271 31.76 -14.19 -16.63
CA GLU A 271 31.76 -12.73 -16.74
C GLU A 271 31.16 -12.03 -15.50
N GLY A 272 30.03 -12.59 -15.01
CA GLY A 272 29.31 -12.02 -13.85
C GLY A 272 30.09 -12.11 -12.53
N VAL A 273 30.79 -13.21 -12.32
CA VAL A 273 31.64 -13.32 -11.14
C VAL A 273 32.88 -12.45 -11.23
N LEU A 274 33.40 -12.32 -12.45
CA LEU A 274 34.50 -11.40 -12.72
C LEU A 274 34.08 -9.99 -12.28
N ARG A 275 32.87 -9.62 -12.65
CA ARG A 275 32.34 -8.34 -12.28
C ARG A 275 32.07 -8.21 -10.80
N SER A 276 31.41 -9.20 -10.19
CA SER A 276 31.09 -9.14 -8.76
C SER A 276 32.29 -9.27 -7.84
N SER A 277 33.41 -9.77 -8.33
CA SER A 277 34.62 -9.85 -7.44
C SER A 277 35.55 -8.63 -7.57
N PHE A 278 35.62 -8.04 -8.78
CA PHE A 278 36.69 -7.05 -9.11
C PHE A 278 36.23 -5.67 -9.48
N THR A 279 34.93 -5.47 -9.64
CA THR A 279 34.44 -4.10 -9.76
C THR A 279 34.96 -3.21 -8.61
N ASN A 280 35.33 -1.96 -8.93
CA ASN A 280 35.86 -1.01 -7.99
C ASN A 280 37.04 -1.63 -7.21
N SER A 281 37.76 -2.54 -7.87
CA SER A 281 38.88 -3.25 -7.23
C SER A 281 38.44 -4.04 -6.01
N GLY A 282 37.21 -4.54 -6.09
CA GLY A 282 36.68 -5.46 -5.04
C GLY A 282 36.30 -4.64 -3.84
N GLN A 283 36.34 -3.30 -4.01
CA GLN A 283 36.02 -2.42 -2.87
C GLN A 283 34.56 -2.00 -2.93
N VAL A 284 33.67 -2.95 -3.21
CA VAL A 284 32.22 -2.73 -3.05
C VAL A 284 31.72 -3.70 -1.95
N CYS A 285 30.78 -3.24 -1.12
CA CYS A 285 30.36 -4.05 0.00
C CYS A 285 29.60 -5.26 -0.50
N LEU A 286 29.00 -5.10 -1.67
CA LEU A 286 28.28 -6.17 -2.35
C LEU A 286 29.14 -7.21 -3.11
N CYS A 287 30.45 -6.98 -3.17
CA CYS A 287 31.35 -7.89 -3.90
C CYS A 287 31.32 -9.31 -3.35
N SER A 288 31.45 -10.27 -4.25
CA SER A 288 31.49 -11.66 -3.89
C SER A 288 32.93 -12.09 -3.61
N GLU A 289 33.25 -12.34 -2.34
CA GLU A 289 34.60 -12.80 -2.03
C GLU A 289 34.66 -14.33 -1.79
N ARG A 290 33.49 -14.97 -1.81
CA ARG A 290 33.35 -16.41 -1.74
C ARG A 290 32.49 -16.85 -2.92
N VAL A 291 32.90 -17.93 -3.58
CA VAL A 291 32.22 -18.39 -4.78
C VAL A 291 32.07 -19.92 -4.69
N TYR A 292 30.90 -20.42 -5.01
CA TYR A 292 30.69 -21.83 -4.94
C TYR A 292 30.22 -22.23 -6.31
N VAL A 293 30.85 -23.28 -6.89
CA VAL A 293 30.57 -23.73 -8.22
C VAL A 293 30.31 -25.25 -8.22
N HIS A 294 29.26 -25.68 -8.91
CA HIS A 294 28.99 -27.13 -8.95
C HIS A 294 30.21 -27.90 -9.37
N ARG A 295 30.42 -29.04 -8.73
CA ARG A 295 31.66 -29.80 -8.97
C ARG A 295 31.82 -30.17 -10.42
N SER A 296 30.73 -30.50 -11.08
CA SER A 296 30.74 -30.86 -12.51
C SER A 296 31.31 -29.79 -13.49
N ILE A 297 31.32 -28.53 -13.07
CA ILE A 297 31.82 -27.43 -13.91
C ILE A 297 32.87 -26.62 -13.19
N PHE A 298 33.32 -27.08 -12.03
CA PHE A 298 34.23 -26.30 -11.21
C PHE A 298 35.55 -26.00 -11.97
N ASP A 299 36.17 -27.06 -12.51
CA ASP A 299 37.47 -26.89 -13.17
C ASP A 299 37.40 -25.95 -14.33
N GLU A 300 36.39 -26.17 -15.20
CA GLU A 300 36.16 -25.29 -16.30
C GLU A 300 35.87 -23.86 -15.86
N PHE A 301 35.08 -23.64 -14.80
CA PHE A 301 34.80 -22.26 -14.31
C PHE A 301 36.06 -21.55 -13.87
N VAL A 302 36.85 -22.25 -13.07
CA VAL A 302 38.07 -21.65 -12.51
C VAL A 302 39.07 -21.25 -13.63
N SER A 303 39.23 -22.12 -14.65
CA SER A 303 40.09 -21.83 -15.80
C SER A 303 39.61 -20.60 -16.54
N GLY A 304 38.31 -20.60 -16.92
CA GLY A 304 37.70 -19.48 -17.63
C GLY A 304 37.89 -18.17 -16.83
N LEU A 305 37.73 -18.23 -15.51
CA LEU A 305 37.82 -17.03 -14.68
C LEU A 305 39.26 -16.54 -14.60
N LYS A 306 40.21 -17.48 -14.48
CA LYS A 306 41.62 -17.12 -14.51
C LYS A 306 41.96 -16.34 -15.77
N VAL A 307 41.58 -16.89 -16.91
CA VAL A 307 41.80 -16.20 -18.22
C VAL A 307 41.25 -14.75 -18.25
N GLU A 308 39.97 -14.58 -17.96
CA GLU A 308 39.34 -13.26 -17.86
C GLU A 308 39.98 -12.32 -16.84
N ALA A 309 40.29 -12.82 -15.65
CA ALA A 309 40.91 -11.95 -14.63
C ALA A 309 42.29 -11.46 -15.06
N GLU A 310 43.03 -12.33 -15.73
CA GLU A 310 44.36 -11.98 -16.21
C GLU A 310 44.31 -11.01 -17.41
N ARG A 311 43.18 -10.93 -18.12
CA ARG A 311 42.98 -9.89 -19.13
C ARG A 311 42.53 -8.52 -18.60
N LEU A 312 42.25 -8.43 -17.31
CA LEU A 312 41.88 -7.13 -16.69
C LEU A 312 43.02 -6.13 -16.81
N VAL A 313 42.69 -4.92 -17.25
CA VAL A 313 43.72 -3.86 -17.32
C VAL A 313 43.73 -3.10 -16.00
N VAL A 314 44.87 -3.14 -15.33
CA VAL A 314 45.03 -2.42 -14.07
C VAL A 314 45.89 -1.20 -14.29
N GLY A 315 45.38 -0.01 -14.03
CA GLY A 315 46.16 1.20 -14.32
C GLY A 315 45.55 2.54 -14.01
N TYR A 316 45.80 3.54 -14.85
CA TYR A 316 45.29 4.89 -14.66
C TYR A 316 43.77 4.95 -14.90
N PRO A 317 43.07 5.82 -14.18
CA PRO A 317 41.62 6.00 -14.33
C PRO A 317 41.20 6.30 -15.75
N ASP A 318 42.01 7.04 -16.52
CA ASP A 318 41.70 7.29 -17.96
C ASP A 318 42.49 6.44 -18.96
N GLN A 319 43.20 5.44 -18.46
CA GLN A 319 43.91 4.56 -19.38
C GLN A 319 42.90 3.78 -20.29
N ASP A 320 43.24 3.61 -21.56
CA ASP A 320 42.37 2.90 -22.51
C ASP A 320 42.16 1.48 -22.08
N GLY A 321 40.90 1.08 -22.10
CA GLY A 321 40.49 -0.25 -21.65
C GLY A 321 40.62 -0.55 -20.17
N VAL A 322 40.87 0.48 -19.34
CA VAL A 322 41.15 0.28 -17.94
C VAL A 322 39.98 -0.44 -17.23
N ASN A 323 40.31 -1.43 -16.42
CA ASN A 323 39.28 -2.20 -15.70
C ASN A 323 39.33 -1.91 -14.21
N MET A 324 40.52 -1.65 -13.67
CA MET A 324 40.70 -1.47 -12.24
C MET A 324 41.71 -0.37 -11.97
N GLY A 325 41.34 0.57 -11.10
CA GLY A 325 42.28 1.52 -10.51
C GLY A 325 42.96 0.89 -9.27
N PRO A 326 43.61 1.72 -8.45
CA PRO A 326 44.28 1.22 -7.26
C PRO A 326 43.30 0.98 -6.07
N LEU A 327 43.81 0.52 -4.95
CA LEU A 327 43.04 0.54 -3.73
C LEU A 327 42.91 1.97 -3.21
N ILE A 328 42.04 2.22 -2.22
CA ILE A 328 41.76 3.61 -1.79
C ILE A 328 43.02 4.26 -1.24
N SER A 329 43.91 3.48 -0.60
CA SER A 329 45.06 4.09 0.10
C SER A 329 46.11 3.04 0.42
N HIS A 330 47.31 3.49 0.77
CA HIS A 330 48.42 2.60 1.14
C HIS A 330 48.06 1.80 2.39
N GLY A 331 47.38 2.45 3.35
CA GLY A 331 46.94 1.74 4.58
C GLY A 331 46.02 0.58 4.19
N HIS A 332 45.05 0.84 3.31
CA HIS A 332 44.15 -0.24 2.93
C HIS A 332 44.91 -1.31 2.16
N ARG A 333 45.83 -0.91 1.30
CA ARG A 333 46.63 -1.93 0.62
C ARG A 333 47.42 -2.83 1.59
N ASP A 334 47.98 -2.23 2.64
CA ASP A 334 48.66 -3.00 3.69
C ASP A 334 47.73 -4.13 4.21
N LYS A 335 46.51 -3.74 4.63
CA LYS A 335 45.49 -4.72 5.05
C LYS A 335 45.30 -5.83 4.01
N VAL A 336 45.04 -5.43 2.77
CA VAL A 336 44.77 -6.40 1.71
C VAL A 336 45.95 -7.38 1.43
N LEU A 337 47.16 -6.87 1.32
CA LEU A 337 48.33 -7.75 1.14
C LEU A 337 48.56 -8.69 2.35
N SER A 338 48.29 -8.20 3.57
CA SER A 338 48.41 -9.06 4.75
C SER A 338 47.41 -10.22 4.64
N TYR A 339 46.25 -9.97 4.00
CA TYR A 339 45.34 -11.06 3.70
C TYR A 339 45.82 -11.92 2.57
N TYR A 340 46.50 -11.31 1.59
CA TYR A 340 47.08 -12.09 0.50
C TYR A 340 48.11 -13.15 1.06
N ARG A 341 48.89 -12.72 2.03
CA ARG A 341 49.89 -13.62 2.71
C ARG A 341 49.17 -14.69 3.52
N LEU A 342 48.15 -14.26 4.25
CA LEU A 342 47.40 -15.15 5.12
C LEU A 342 46.78 -16.26 4.33
N ALA A 343 46.26 -15.95 3.15
CA ALA A 343 45.67 -16.98 2.32
C ALA A 343 46.70 -18.09 2.00
N VAL A 344 47.90 -17.66 1.66
CA VAL A 344 48.94 -18.63 1.35
C VAL A 344 49.24 -19.45 2.60
N ASP A 345 49.36 -18.78 3.75
CA ASP A 345 49.61 -19.50 5.03
C ASP A 345 48.53 -20.52 5.33
N GLU A 346 47.30 -20.18 4.97
CA GLU A 346 46.17 -21.07 5.21
C GLU A 346 46.09 -22.21 4.18
N GLY A 347 47.01 -22.27 3.22
CA GLY A 347 47.05 -23.39 2.32
C GLY A 347 46.41 -23.19 0.96
N ALA A 348 46.06 -21.95 0.61
CA ALA A 348 45.47 -21.68 -0.71
C ALA A 348 46.39 -21.89 -1.89
N THR A 349 45.83 -22.43 -2.95
CA THR A 349 46.39 -22.30 -4.28
C THR A 349 46.07 -20.87 -4.77
N VAL A 350 47.11 -20.17 -5.20
CA VAL A 350 46.91 -18.86 -5.85
C VAL A 350 46.67 -19.08 -7.34
N VAL A 351 45.40 -19.09 -7.73
CA VAL A 351 45.01 -19.26 -9.14
C VAL A 351 45.64 -18.16 -10.02
N THR A 352 45.60 -16.90 -9.59
CA THR A 352 46.23 -15.81 -10.31
C THR A 352 46.32 -14.67 -9.32
N GLY A 353 47.21 -13.71 -9.60
CA GLY A 353 47.32 -12.52 -8.79
C GLY A 353 48.08 -12.76 -7.52
N GLY A 354 47.76 -12.02 -6.45
CA GLY A 354 48.33 -12.35 -5.13
C GLY A 354 49.48 -11.44 -4.78
N GLY A 355 49.75 -10.46 -5.62
CA GLY A 355 50.81 -9.48 -5.34
C GLY A 355 50.40 -8.13 -5.91
N VAL A 356 51.42 -7.29 -6.18
CA VAL A 356 51.19 -5.98 -6.78
C VAL A 356 51.79 -5.90 -8.19
N PRO A 357 51.12 -5.25 -9.14
CA PRO A 357 51.71 -5.17 -10.48
C PRO A 357 52.96 -4.24 -10.48
N LYS A 358 53.89 -4.45 -11.39
CA LYS A 358 55.06 -3.55 -11.47
C LYS A 358 54.84 -2.63 -12.68
N PHE A 359 54.78 -1.32 -12.45
CA PHE A 359 54.39 -0.39 -13.55
C PHE A 359 55.59 0.31 -14.21
N ASN A 360 56.70 0.50 -13.44
CA ASN A 360 57.86 1.30 -13.92
C ASN A 360 57.46 2.72 -14.25
N ASP A 361 56.46 3.24 -13.56
CA ASP A 361 56.16 4.66 -13.60
C ASP A 361 55.60 5.10 -12.26
N GLU A 362 54.97 6.29 -12.22
CA GLU A 362 54.50 6.87 -10.97
C GLU A 362 53.49 5.95 -10.23
N ARG A 363 52.81 5.10 -10.96
CA ARG A 363 51.87 4.13 -10.35
C ARG A 363 52.50 3.20 -9.32
N ASP A 364 53.83 3.08 -9.37
CA ASP A 364 54.51 2.26 -8.40
C ASP A 364 54.48 2.92 -7.03
N GLN A 365 54.27 4.23 -6.98
CA GLN A 365 54.18 4.96 -5.70
C GLN A 365 52.71 4.99 -5.24
N GLY A 366 51.81 4.42 -6.06
CA GLY A 366 50.38 4.32 -5.69
C GLY A 366 50.06 3.10 -4.83
N ALA A 367 48.78 2.73 -4.76
CA ALA A 367 48.31 1.60 -3.92
C ALA A 367 47.62 0.55 -4.71
N TYR A 368 48.25 0.05 -5.78
CA TYR A 368 47.65 -1.00 -6.59
C TYR A 368 47.93 -2.43 -6.05
N VAL A 369 46.98 -3.34 -6.27
CA VAL A 369 47.20 -4.77 -6.12
C VAL A 369 46.66 -5.46 -7.35
N GLN A 370 47.04 -6.73 -7.52
CA GLN A 370 46.50 -7.49 -8.61
C GLN A 370 45.16 -8.13 -8.23
N PRO A 371 44.25 -8.28 -9.22
CA PRO A 371 43.06 -9.06 -8.97
C PRO A 371 43.52 -10.50 -8.65
N THR A 372 42.81 -11.17 -7.75
CA THR A 372 43.37 -12.41 -7.15
C THR A 372 42.28 -13.48 -6.93
N ILE A 373 42.61 -14.69 -7.32
CA ILE A 373 41.68 -15.80 -7.16
C ILE A 373 42.37 -16.93 -6.37
N TRP A 374 41.68 -17.47 -5.37
CA TRP A 374 42.18 -18.59 -4.58
C TRP A 374 41.30 -19.81 -4.73
N THR A 375 41.89 -20.96 -4.46
CA THR A 375 41.22 -22.24 -4.48
C THR A 375 41.75 -23.03 -3.26
N GLY A 376 41.02 -24.03 -2.81
CA GLY A 376 41.58 -24.98 -1.82
C GLY A 376 41.61 -24.56 -0.36
N LEU A 377 40.76 -23.62 0.05
CA LEU A 377 40.71 -23.30 1.50
C LEU A 377 39.46 -23.94 2.08
N SER A 378 39.45 -24.16 3.38
CA SER A 378 38.24 -24.74 3.98
C SER A 378 37.23 -23.62 4.20
N ASP A 379 35.99 -24.00 4.43
CA ASP A 379 34.98 -23.09 4.82
C ASP A 379 35.31 -22.34 6.15
N LYS A 380 36.27 -22.83 6.90
CA LYS A 380 36.59 -22.17 8.17
C LYS A 380 37.78 -21.24 8.08
N ALA A 381 38.41 -21.21 6.93
CA ALA A 381 39.62 -20.37 6.75
C ALA A 381 39.25 -18.88 6.99
N ARG A 382 40.14 -18.17 7.62
CA ARG A 382 39.94 -16.77 7.86
C ARG A 382 39.70 -15.98 6.55
N CYS A 383 40.37 -16.40 5.48
CA CYS A 383 40.32 -15.67 4.22
C CYS A 383 38.99 -15.88 3.51
N VAL A 384 38.31 -16.92 3.91
CA VAL A 384 36.98 -17.28 3.42
C VAL A 384 35.84 -16.75 4.35
N THR A 385 36.17 -16.36 5.57
CA THR A 385 35.15 -15.88 6.49
C THR A 385 35.26 -14.40 6.84
N GLU A 386 36.46 -13.79 6.80
CA GLU A 386 36.61 -12.36 7.15
C GLU A 386 36.53 -11.49 5.91
N GLU A 387 35.83 -10.36 6.02
CA GLU A 387 35.74 -9.42 4.91
C GLU A 387 37.12 -8.85 4.59
N ILE A 388 37.54 -9.00 3.34
CA ILE A 388 38.87 -8.49 2.93
C ILE A 388 38.76 -7.09 2.26
N PHE A 389 37.71 -6.91 1.46
CA PHE A 389 37.43 -5.64 0.82
C PHE A 389 38.52 -5.28 -0.19
N GLY A 390 38.86 -6.25 -1.00
CA GLY A 390 39.83 -6.06 -2.07
C GLY A 390 39.43 -6.91 -3.25
N PRO A 391 40.28 -6.93 -4.30
CA PRO A 391 39.87 -7.60 -5.49
C PRO A 391 40.22 -9.06 -5.44
N VAL A 392 39.37 -9.86 -4.82
CA VAL A 392 39.69 -11.22 -4.54
C VAL A 392 38.46 -12.10 -4.40
N CYS A 393 38.56 -13.34 -4.88
CA CYS A 393 37.54 -14.33 -4.54
C CYS A 393 38.18 -15.70 -4.26
N HIS A 394 37.56 -16.48 -3.37
CA HIS A 394 37.92 -17.88 -3.23
C HIS A 394 36.84 -18.73 -3.86
N ILE A 395 37.23 -19.72 -4.64
CA ILE A 395 36.26 -20.60 -5.28
C ILE A 395 36.35 -22.01 -4.68
N SER A 396 35.17 -22.63 -4.50
CA SER A 396 35.05 -23.90 -3.87
C SER A 396 33.94 -24.72 -4.51
N PRO A 397 34.20 -26.03 -4.76
CA PRO A 397 33.13 -26.84 -5.39
C PRO A 397 32.02 -27.18 -4.43
N PHE A 398 30.86 -27.52 -4.94
CA PHE A 398 29.80 -28.08 -4.10
C PHE A 398 29.09 -29.15 -4.92
N ASP A 399 28.29 -29.98 -4.24
CA ASP A 399 27.57 -31.03 -4.90
C ASP A 399 26.08 -30.89 -4.88
N ASP A 400 25.58 -30.34 -3.78
CA ASP A 400 24.15 -30.37 -3.50
C ASP A 400 23.60 -28.97 -3.25
N GLU A 401 22.33 -28.79 -3.60
CA GLU A 401 21.67 -27.50 -3.48
C GLU A 401 21.48 -27.14 -2.01
N ASP A 402 20.89 -28.04 -1.21
CA ASP A 402 20.80 -27.75 0.24
C ASP A 402 22.15 -27.53 0.88
N GLU A 403 23.13 -28.34 0.49
CA GLU A 403 24.50 -28.14 1.00
C GLU A 403 24.97 -26.70 0.74
N VAL A 404 24.85 -26.25 -0.52
CA VAL A 404 25.48 -24.96 -0.84
C VAL A 404 24.66 -23.81 -0.16
N ILE A 405 23.34 -23.95 -0.07
CA ILE A 405 22.51 -23.02 0.72
C ILE A 405 23.04 -22.90 2.16
N ASN A 406 23.29 -24.05 2.82
CA ASN A 406 23.86 -23.99 4.20
C ASN A 406 25.20 -23.34 4.26
N ARG A 407 26.02 -23.65 3.29
CA ARG A 407 27.37 -23.06 3.27
C ARG A 407 27.36 -21.53 3.09
N VAL A 408 26.50 -21.07 2.21
CA VAL A 408 26.36 -19.63 1.95
C VAL A 408 25.84 -18.95 3.24
N ASN A 409 24.84 -19.57 3.91
CA ASN A 409 24.22 -18.97 5.11
C ASN A 409 25.09 -19.10 6.30
N ASP A 410 26.04 -20.04 6.25
CA ASP A 410 27.01 -20.19 7.34
C ASP A 410 27.97 -19.03 7.53
N SER A 411 27.45 -17.92 8.02
CA SER A 411 28.27 -16.71 8.10
C SER A 411 27.70 -15.74 9.15
N ASN A 412 28.58 -14.98 9.78
CA ASN A 412 28.14 -13.91 10.66
C ASN A 412 27.62 -12.68 9.88
N TYR A 413 27.85 -12.67 8.55
CA TYR A 413 27.34 -11.65 7.66
C TYR A 413 26.13 -12.11 6.84
N GLY A 414 25.51 -11.16 6.14
CA GLY A 414 24.34 -11.50 5.35
C GLY A 414 23.86 -10.29 4.61
N LEU A 415 24.73 -9.77 3.75
CA LEU A 415 24.41 -8.59 2.98
C LEU A 415 23.80 -8.97 1.67
N ALA A 416 24.57 -9.66 0.82
CA ALA A 416 24.09 -9.97 -0.52
C ALA A 416 24.51 -11.36 -1.02
N CYS A 417 23.84 -11.83 -2.06
CA CYS A 417 24.24 -13.07 -2.72
C CYS A 417 23.86 -12.98 -4.21
N ALA A 418 24.66 -13.62 -5.04
CA ALA A 418 24.34 -13.75 -6.46
C ALA A 418 24.26 -15.20 -6.88
N ILE A 419 23.24 -15.52 -7.65
CA ILE A 419 23.03 -16.90 -8.06
C ILE A 419 22.95 -17.01 -9.58
N TRP A 420 23.68 -17.98 -10.14
CA TRP A 420 23.62 -18.29 -11.57
C TRP A 420 22.93 -19.60 -11.86
N THR A 421 21.82 -19.53 -12.61
CA THR A 421 21.10 -20.71 -13.00
C THR A 421 20.10 -20.30 -14.07
N THR A 422 19.84 -21.18 -15.03
CA THR A 422 18.85 -20.90 -16.09
C THR A 422 17.52 -21.55 -15.74
N ASN A 423 17.46 -22.21 -14.57
CA ASN A 423 16.24 -22.98 -14.24
C ASN A 423 15.26 -22.11 -13.44
N LEU A 424 14.02 -22.03 -13.93
CA LEU A 424 12.96 -21.23 -13.29
C LEU A 424 12.77 -21.54 -11.74
N SER A 425 12.45 -22.81 -11.45
CA SER A 425 12.23 -23.25 -10.09
C SER A 425 13.43 -22.96 -9.22
N ARG A 426 14.62 -23.33 -9.68
CA ARG A 426 15.81 -23.12 -8.85
C ARG A 426 15.96 -21.65 -8.46
N ALA A 427 15.76 -20.75 -9.43
CA ALA A 427 15.98 -19.33 -9.17
C ALA A 427 15.13 -18.90 -7.92
N HIS A 428 13.84 -19.21 -7.91
CA HIS A 428 12.96 -18.77 -6.87
C HIS A 428 13.09 -19.61 -5.61
N ARG A 429 13.31 -20.92 -5.76
CA ARG A 429 13.40 -21.80 -4.62
C ARG A 429 14.62 -21.44 -3.82
N VAL A 430 15.76 -21.26 -4.47
CA VAL A 430 17.00 -21.03 -3.75
C VAL A 430 17.09 -19.65 -3.20
N SER A 431 16.67 -18.66 -4.01
CA SER A 431 16.79 -17.25 -3.60
C SER A 431 16.14 -16.97 -2.25
N ARG A 432 14.96 -17.51 -2.04
CA ARG A 432 14.18 -17.30 -0.79
C ARG A 432 14.81 -17.94 0.43
N GLN A 433 15.79 -18.84 0.22
CA GLN A 433 16.47 -19.46 1.35
C GLN A 433 17.83 -18.88 1.66
N ILE A 434 18.26 -17.89 0.87
CA ILE A 434 19.57 -17.26 1.21
C ILE A 434 19.35 -16.20 2.27
N HIS A 435 20.11 -16.28 3.35
CA HIS A 435 19.91 -15.43 4.51
C HIS A 435 20.65 -14.14 4.35
N VAL A 436 20.14 -13.28 3.46
CA VAL A 436 20.78 -12.00 3.18
C VAL A 436 19.63 -11.00 2.90
N GLY A 437 19.96 -9.74 2.75
CA GLY A 437 18.91 -8.77 2.37
C GLY A 437 18.73 -8.65 0.87
N LEU A 438 19.72 -9.12 0.08
CA LEU A 438 19.74 -8.79 -1.35
C LEU A 438 20.21 -9.99 -2.14
N VAL A 439 19.34 -10.52 -3.00
CA VAL A 439 19.76 -11.56 -3.93
C VAL A 439 19.69 -11.06 -5.36
N TRP A 440 20.68 -11.42 -6.18
CA TRP A 440 20.60 -11.24 -7.64
C TRP A 440 20.65 -12.60 -8.34
N VAL A 441 19.82 -12.80 -9.35
CA VAL A 441 19.90 -14.01 -10.12
C VAL A 441 20.37 -13.63 -11.57
N ASN A 442 21.46 -14.25 -12.01
CA ASN A 442 22.06 -14.02 -13.35
C ASN A 442 22.42 -12.57 -13.60
N THR A 443 22.84 -11.89 -12.52
CA THR A 443 23.38 -10.53 -12.62
C THR A 443 23.96 -10.16 -11.30
N TRP A 444 24.38 -8.91 -11.15
CA TRP A 444 24.94 -8.42 -9.88
C TRP A 444 24.88 -6.94 -9.76
N TYR A 445 24.59 -6.43 -8.56
CA TYR A 445 24.50 -4.96 -8.30
C TYR A 445 23.66 -4.26 -9.36
N LEU A 446 22.51 -4.81 -9.70
CA LEU A 446 21.56 -4.12 -10.54
C LEU A 446 20.60 -3.46 -9.55
N ARG A 447 20.44 -2.13 -9.60
CA ARG A 447 19.69 -1.41 -8.53
C ARG A 447 18.47 -0.67 -9.06
N ASP A 448 17.33 -0.95 -8.44
CA ASP A 448 16.09 -0.19 -8.60
C ASP A 448 15.92 0.56 -7.27
N LEU A 449 15.98 1.88 -7.34
CA LEU A 449 16.08 2.70 -6.17
C LEU A 449 14.87 2.61 -5.25
N ARG A 450 13.80 1.98 -5.70
CA ARG A 450 12.56 1.86 -4.92
C ARG A 450 12.61 0.66 -3.99
N THR A 451 13.58 -0.27 -4.19
CA THR A 451 13.58 -1.54 -3.41
C THR A 451 14.21 -1.39 -2.04
N PRO A 452 13.83 -2.27 -1.09
CA PRO A 452 14.43 -2.20 0.22
C PRO A 452 15.86 -2.66 0.14
N PHE A 453 16.77 -1.95 0.79
CA PHE A 453 18.18 -2.24 0.71
C PHE A 453 18.77 -2.31 2.09
N GLY A 454 19.45 -3.43 2.38
CA GLY A 454 20.05 -3.62 3.71
C GLY A 454 20.47 -5.06 3.92
N GLY A 455 21.05 -5.34 5.09
CA GLY A 455 21.53 -6.68 5.37
C GLY A 455 20.96 -7.28 6.63
N VAL A 456 21.35 -8.53 6.92
CA VAL A 456 20.88 -9.17 8.13
C VAL A 456 22.13 -9.50 8.91
N LYS A 457 21.97 -9.92 10.16
CA LYS A 457 23.11 -10.26 10.99
C LYS A 457 24.06 -9.11 11.06
N LEU A 458 25.36 -9.38 10.99
CA LEU A 458 26.33 -8.28 11.17
C LEU A 458 26.31 -7.21 10.04
N SER A 459 25.57 -7.48 8.95
CA SER A 459 25.62 -6.60 7.76
C SER A 459 24.72 -5.43 7.84
N GLY A 460 23.92 -5.32 8.91
CA GLY A 460 23.16 -4.10 9.14
C GLY A 460 21.98 -4.19 10.08
N LEU A 461 21.22 -3.09 10.12
CA LEU A 461 19.91 -3.14 10.74
C LEU A 461 19.06 -2.04 10.13
N GLY A 462 17.81 -2.36 9.87
CA GLY A 462 16.99 -1.50 9.12
C GLY A 462 17.10 -1.73 7.65
N ARG A 463 16.17 -1.15 6.92
CA ARG A 463 16.30 -1.11 5.49
C ARG A 463 16.18 0.36 5.09
N GLU A 464 16.82 0.71 3.96
CA GLU A 464 16.60 1.99 3.31
C GLU A 464 16.15 1.72 1.87
N GLY A 465 15.76 2.76 1.15
CA GLY A 465 15.28 2.62 -0.24
C GLY A 465 13.75 2.80 -0.21
N GLY A 466 13.18 3.43 -1.23
CA GLY A 466 11.73 3.67 -1.29
C GLY A 466 11.12 4.15 0.01
N ARG A 467 9.95 3.59 0.33
CA ARG A 467 9.20 3.97 1.55
C ARG A 467 9.90 3.64 2.86
N PHE A 468 10.93 2.78 2.78
CA PHE A 468 11.74 2.46 3.93
C PHE A 468 12.61 3.65 4.29
N SER A 469 13.11 4.35 3.27
CA SER A 469 13.83 5.63 3.55
C SER A 469 12.84 6.65 4.02
N MET A 470 11.67 6.68 3.39
CA MET A 470 10.63 7.68 3.70
C MET A 470 10.13 7.51 5.13
N ASP A 471 10.03 6.24 5.58
CA ASP A 471 9.73 6.00 6.98
C ASP A 471 10.95 6.31 7.90
N PHE A 472 12.15 5.86 7.55
CA PHE A 472 13.24 6.09 8.50
C PHE A 472 13.52 7.56 8.75
N TYR A 473 13.52 8.35 7.69
CA TYR A 473 13.89 9.79 7.82
C TYR A 473 12.74 10.69 8.31
N SER A 474 11.65 10.08 8.80
CA SER A 474 10.47 10.84 9.21
C SER A 474 9.99 10.39 10.57
N ASP A 475 9.40 11.28 11.36
CA ASP A 475 8.58 10.87 12.54
C ASP A 475 7.34 10.33 11.93
N ILE A 476 6.93 9.14 12.33
CA ILE A 476 5.58 8.68 11.97
C ILE A 476 4.72 8.98 13.15
N ALA A 477 3.65 9.79 12.95
CA ALA A 477 2.83 10.14 14.06
C ALA A 477 1.38 9.73 13.82
N ASN A 478 0.75 9.12 14.84
CA ASN A 478 -0.63 8.70 14.72
C ASN A 478 -1.47 9.74 15.48
N ILE A 479 -2.52 10.20 14.84
CA ILE A 479 -3.40 11.18 15.44
C ILE A 479 -4.78 10.57 15.53
N CYS A 480 -5.30 10.44 16.74
CA CYS A 480 -6.64 9.79 16.88
C CYS A 480 -7.76 10.79 17.30
N ILE A 481 -8.78 10.92 16.46
CA ILE A 481 -9.88 11.84 16.67
C ILE A 481 -11.11 11.06 17.12
N LYS A 482 -11.52 11.29 18.36
CA LYS A 482 -12.78 10.73 18.85
C LYS A 482 -13.92 11.55 18.27
N ILE A 483 -14.85 10.94 17.56
CA ILE A 483 -15.90 11.68 16.91
C ILE A 483 -17.18 11.82 17.80
N SER B 1 8.33 -23.83 44.72
CA SER B 1 7.70 -24.48 43.50
C SER B 1 6.29 -23.95 43.21
N GLN B 2 6.23 -22.93 42.36
CA GLN B 2 4.96 -22.38 41.88
C GLN B 2 5.12 -22.00 40.39
N LEU B 3 5.99 -21.04 40.05
CA LEU B 3 6.10 -20.56 38.66
C LEU B 3 7.40 -21.03 37.98
N LEU B 4 7.27 -21.98 37.06
CA LEU B 4 8.43 -22.56 36.38
C LEU B 4 8.73 -21.87 35.03
N ASN B 5 9.99 -21.87 34.64
CA ASN B 5 10.43 -21.62 33.28
C ASN B 5 9.85 -22.64 32.30
N TYR B 6 9.78 -22.28 31.00
CA TYR B 6 9.26 -23.21 29.98
C TYR B 6 10.22 -23.21 28.81
N ILE B 7 11.02 -24.28 28.70
CA ILE B 7 12.17 -24.28 27.77
C ILE B 7 12.16 -25.57 26.96
N ASP B 8 12.25 -25.41 25.66
CA ASP B 8 12.15 -26.52 24.73
C ASP B 8 11.01 -27.48 25.04
N GLY B 9 9.85 -26.95 25.43
CA GLY B 9 8.68 -27.81 25.54
C GLY B 9 8.49 -28.47 26.88
N ASN B 10 9.32 -28.10 27.85
CA ASN B 10 9.23 -28.60 29.21
C ASN B 10 9.19 -27.49 30.27
N PHE B 11 8.32 -27.64 31.26
CA PHE B 11 8.44 -26.81 32.46
C PHE B 11 9.63 -27.29 33.26
N VAL B 12 10.54 -26.39 33.61
CA VAL B 12 11.72 -26.71 34.41
C VAL B 12 11.87 -25.69 35.51
N THR B 13 12.46 -26.13 36.61
CA THR B 13 12.78 -25.26 37.77
C THR B 13 14.18 -24.72 37.56
N SER B 14 14.76 -24.10 38.60
CA SER B 14 16.12 -23.55 38.50
C SER B 14 16.79 -23.68 39.83
N ALA B 15 18.08 -23.39 39.86
CA ALA B 15 18.89 -23.40 41.09
C ALA B 15 18.33 -22.47 42.19
N SER B 16 17.81 -21.32 41.80
CA SER B 16 17.38 -20.29 42.77
C SER B 16 15.93 -19.84 42.49
N SER B 17 15.20 -19.54 43.54
CA SER B 17 13.83 -19.07 43.37
C SER B 17 13.68 -17.70 44.03
N PHE B 18 12.65 -16.95 43.62
CA PHE B 18 12.42 -15.66 44.28
C PHE B 18 10.94 -15.46 44.51
N ALA B 19 10.63 -14.52 45.40
CA ALA B 19 9.28 -14.32 45.86
C ALA B 19 8.48 -13.44 44.90
N ASN B 20 7.26 -13.87 44.65
CA ASN B 20 6.26 -13.06 43.98
C ASN B 20 5.34 -12.51 45.08
N ILE B 21 5.20 -11.20 45.20
CA ILE B 21 4.41 -10.62 46.30
C ILE B 21 3.11 -9.96 45.82
N ASN B 22 1.98 -10.33 46.41
CA ASN B 22 0.71 -9.64 46.17
C ASN B 22 0.72 -8.21 46.72
N PRO B 23 0.64 -7.20 45.84
CA PRO B 23 0.72 -5.81 46.29
C PRO B 23 -0.56 -5.33 47.02
N VAL B 24 -1.64 -6.12 47.02
CA VAL B 24 -2.80 -5.73 47.84
C VAL B 24 -2.46 -5.80 49.36
N ASN B 25 -1.59 -6.72 49.76
CA ASN B 25 -1.44 -7.04 51.19
C ASN B 25 -0.08 -7.43 51.60
N GLY B 26 0.85 -7.47 50.64
CA GLY B 26 2.27 -7.79 50.95
C GLY B 26 2.51 -9.27 51.17
N LYS B 27 1.50 -10.09 50.98
CA LYS B 27 1.69 -11.56 51.08
C LYS B 27 2.37 -12.28 49.90
N LEU B 28 3.05 -13.39 50.20
CA LEU B 28 3.61 -14.26 49.20
C LEU B 28 2.55 -14.93 48.36
N ILE B 29 2.62 -14.76 47.03
CA ILE B 29 1.68 -15.42 46.12
C ILE B 29 2.36 -16.67 45.61
N SER B 30 3.66 -16.59 45.32
CA SER B 30 4.34 -17.72 44.68
C SER B 30 5.83 -17.61 44.74
N ASP B 31 6.50 -18.75 44.52
CA ASP B 31 7.95 -18.75 44.34
C ASP B 31 8.23 -18.87 42.83
N VAL B 32 9.20 -18.10 42.34
CA VAL B 32 9.53 -18.06 40.90
C VAL B 32 10.94 -18.53 40.60
N PHE B 33 11.08 -19.53 39.71
CA PHE B 33 12.44 -20.05 39.41
C PHE B 33 13.22 -19.17 38.43
N GLU B 34 14.28 -18.57 38.92
CA GLU B 34 15.07 -17.65 38.15
C GLU B 34 16.01 -18.38 37.18
N ALA B 35 15.80 -18.17 35.87
CA ALA B 35 16.63 -18.82 34.90
C ALA B 35 18.06 -18.26 34.99
N ASP B 36 19.06 -19.15 34.83
CA ASP B 36 20.44 -18.70 34.86
C ASP B 36 21.03 -18.64 33.42
N ALA B 37 22.29 -18.20 33.30
CA ALA B 37 22.88 -18.05 32.00
C ALA B 37 22.74 -19.31 31.14
N LYS B 38 23.01 -20.45 31.76
CA LYS B 38 22.90 -21.74 31.06
C LYS B 38 21.50 -22.02 30.53
N GLN B 39 20.51 -21.64 31.31
CA GLN B 39 19.13 -21.94 30.92
C GLN B 39 18.68 -20.99 29.83
N VAL B 40 19.16 -19.76 29.93
CA VAL B 40 18.92 -18.76 28.84
C VAL B 40 19.56 -19.28 27.54
N ASN B 41 20.78 -19.79 27.65
CA ASN B 41 21.40 -20.45 26.50
C ASN B 41 20.61 -21.59 25.94
N GLU B 42 20.12 -22.46 26.81
CA GLU B 42 19.33 -23.60 26.36
C GLU B 42 18.08 -23.13 25.62
N ALA B 43 17.46 -22.08 26.14
CA ALA B 43 16.22 -21.56 25.54
C ALA B 43 16.50 -21.04 24.12
N VAL B 44 17.52 -20.19 23.99
CA VAL B 44 17.91 -19.61 22.69
C VAL B 44 18.28 -20.70 21.66
N VAL B 45 19.08 -21.69 22.10
CA VAL B 45 19.47 -22.84 21.18
C VAL B 45 18.23 -23.61 20.77
N ALA B 46 17.35 -23.89 21.74
CA ALA B 46 16.13 -24.61 21.40
C ALA B 46 15.26 -23.77 20.40
N ALA B 47 15.26 -22.46 20.57
CA ALA B 47 14.43 -21.62 19.65
C ALA B 47 15.11 -21.64 18.27
N GLN B 48 16.45 -21.59 18.25
CA GLN B 48 17.18 -21.75 16.98
C GLN B 48 16.81 -23.04 16.26
N ASN B 49 16.83 -24.16 16.98
CA ASN B 49 16.51 -25.43 16.38
C ASN B 49 15.07 -25.53 15.98
N ALA B 50 14.18 -24.93 16.76
CA ALA B 50 12.77 -25.00 16.39
C ALA B 50 12.50 -24.34 15.01
N LEU B 51 13.32 -23.38 14.64
CA LEU B 51 13.11 -22.73 13.28
C LEU B 51 13.29 -23.79 12.19
N LYS B 52 14.05 -24.85 12.49
CA LYS B 52 14.38 -25.89 11.49
C LYS B 52 13.46 -27.05 11.60
N GLY B 53 12.58 -27.03 12.60
CA GLY B 53 11.57 -28.11 12.78
C GLY B 53 10.27 -27.87 12.02
N PRO B 54 9.22 -28.59 12.38
CA PRO B 54 7.92 -28.49 11.73
C PRO B 54 7.33 -27.07 11.79
N TRP B 55 7.64 -26.31 12.84
CA TRP B 55 7.15 -24.93 12.93
C TRP B 55 7.61 -24.18 11.70
N GLY B 56 8.87 -24.41 11.33
CA GLY B 56 9.44 -23.92 10.07
C GLY B 56 8.73 -24.34 8.81
N LYS B 57 7.93 -25.40 8.85
CA LYS B 57 7.33 -25.93 7.64
C LYS B 57 5.87 -25.60 7.55
N LEU B 58 5.28 -25.02 8.58
CA LEU B 58 3.89 -24.63 8.50
C LEU B 58 3.65 -23.63 7.43
N SER B 59 2.54 -23.77 6.73
CA SER B 59 2.09 -22.71 5.82
C SER B 59 1.65 -21.50 6.65
N VAL B 60 1.60 -20.35 6.01
CA VAL B 60 1.18 -19.13 6.66
C VAL B 60 -0.24 -19.28 7.21
N GLN B 61 -1.13 -19.93 6.46
CA GLN B 61 -2.51 -20.20 6.92
C GLN B 61 -2.56 -21.19 8.11
N ASP B 62 -1.70 -22.16 8.12
CA ASP B 62 -1.72 -23.11 9.25
C ASP B 62 -1.12 -22.51 10.51
N ARG B 63 -0.09 -21.70 10.31
CA ARG B 63 0.57 -21.02 11.37
C ARG B 63 -0.45 -20.11 11.99
N ALA B 64 -1.26 -19.47 11.16
CA ALA B 64 -2.24 -18.52 11.63
C ALA B 64 -3.34 -19.23 12.41
N ALA B 65 -3.79 -20.35 11.87
CA ALA B 65 -4.79 -21.12 12.52
C ALA B 65 -4.28 -21.57 13.90
N LEU B 66 -3.01 -21.99 13.98
CA LEU B 66 -2.44 -22.37 15.21
C LEU B 66 -2.41 -21.20 16.25
N ILE B 67 -2.06 -20.01 15.77
CA ILE B 67 -2.09 -18.87 16.64
C ILE B 67 -3.53 -18.57 17.13
N HIS B 68 -4.53 -18.82 16.30
CA HIS B 68 -5.90 -18.63 16.74
C HIS B 68 -6.28 -19.60 17.81
N LYS B 69 -5.66 -20.77 17.77
CA LYS B 69 -5.85 -21.77 18.80
C LYS B 69 -5.25 -21.37 20.16
N ILE B 70 -4.03 -20.80 20.15
CA ILE B 70 -3.49 -20.18 21.38
C ILE B 70 -4.49 -19.21 21.96
N ALA B 71 -5.06 -18.37 21.10
CA ALA B 71 -6.06 -17.40 21.52
C ALA B 71 -7.28 -18.06 22.13
N ASP B 72 -7.81 -19.08 21.45
CA ASP B 72 -8.92 -19.87 21.94
C ASP B 72 -8.55 -20.47 23.28
N GLY B 73 -7.30 -20.91 23.41
CA GLY B 73 -6.80 -21.53 24.65
C GLY B 73 -6.84 -20.56 25.84
N ILE B 74 -6.51 -19.29 25.58
CA ILE B 74 -6.60 -18.26 26.61
C ILE B 74 -8.11 -18.03 26.94
N GLN B 75 -8.94 -17.88 25.92
CA GLN B 75 -10.38 -17.63 26.10
C GLN B 75 -10.99 -18.74 26.98
N ALA B 76 -10.64 -19.98 26.68
CA ALA B 76 -11.06 -21.15 27.42
C ALA B 76 -10.74 -21.09 28.89
N ARG B 77 -9.65 -20.40 29.26
CA ARG B 77 -9.21 -20.28 30.67
C ARG B 77 -9.30 -18.82 31.14
N PHE B 78 -10.28 -18.12 30.60
CA PHE B 78 -10.39 -16.69 30.80
C PHE B 78 -10.20 -16.24 32.25
N GLU B 79 -11.08 -16.73 33.13
CA GLU B 79 -11.08 -16.29 34.54
C GLU B 79 -9.77 -16.70 35.29
N GLU B 80 -9.16 -17.79 34.87
CA GLU B 80 -7.83 -18.13 35.39
C GLU B 80 -6.78 -17.06 35.05
N PHE B 81 -6.86 -16.53 33.83
CA PHE B 81 -5.90 -15.44 33.45
C PHE B 81 -6.23 -14.18 34.19
N VAL B 82 -7.52 -13.90 34.31
CA VAL B 82 -7.97 -12.75 35.12
C VAL B 82 -7.40 -12.85 36.52
N ALA B 83 -7.51 -14.00 37.16
CA ALA B 83 -7.09 -14.13 38.58
C ALA B 83 -5.59 -14.00 38.70
N ALA B 84 -4.88 -14.64 37.80
CA ALA B 84 -3.43 -14.51 37.78
C ALA B 84 -2.97 -13.06 37.63
N GLU B 85 -3.62 -12.34 36.70
CA GLU B 85 -3.24 -10.92 36.46
C GLU B 85 -3.57 -10.06 37.68
N VAL B 86 -4.70 -10.36 38.30
CA VAL B 86 -5.16 -9.58 39.46
C VAL B 86 -4.21 -9.87 40.61
N ALA B 87 -3.87 -11.17 40.79
CA ALA B 87 -3.05 -11.56 41.92
C ALA B 87 -1.72 -10.82 41.89
N ASP B 88 -1.10 -10.79 40.72
CA ASP B 88 0.23 -10.15 40.59
C ASP B 88 0.17 -8.63 40.80
N THR B 89 -0.92 -8.00 40.38
CA THR B 89 -0.83 -6.59 40.15
C THR B 89 -1.74 -5.78 41.04
N GLY B 90 -2.74 -6.42 41.63
CA GLY B 90 -3.76 -5.65 42.41
C GLY B 90 -4.78 -4.96 41.51
N ARG B 91 -4.69 -5.15 40.19
CA ARG B 91 -5.59 -4.41 39.32
C ARG B 91 -7.05 -4.77 39.62
N PRO B 92 -7.94 -3.80 39.57
CA PRO B 92 -9.39 -4.09 39.72
C PRO B 92 -9.79 -5.26 38.80
N VAL B 93 -10.57 -6.20 39.32
CA VAL B 93 -11.03 -7.34 38.56
C VAL B 93 -11.76 -6.94 37.27
N HIS B 94 -12.54 -5.85 37.30
CA HIS B 94 -13.21 -5.38 36.10
C HIS B 94 -12.25 -4.91 35.05
N GLN B 95 -11.21 -4.16 35.45
CA GLN B 95 -10.19 -3.73 34.50
C GLN B 95 -9.55 -4.97 33.81
N ALA B 96 -9.19 -5.99 34.61
CA ALA B 96 -8.58 -7.21 34.04
C ALA B 96 -9.53 -7.88 33.06
N ARG B 97 -10.82 -7.92 33.42
CA ARG B 97 -11.84 -8.57 32.61
C ARG B 97 -12.16 -7.85 31.31
N THR B 98 -11.92 -6.56 31.25
CA THR B 98 -12.37 -5.76 30.14
C THR B 98 -11.18 -5.23 29.36
N LEU B 99 -10.07 -4.99 30.00
CA LEU B 99 -8.95 -4.51 29.23
C LEU B 99 -7.90 -5.63 29.01
N ASP B 100 -7.26 -6.04 30.09
CA ASP B 100 -6.06 -6.80 30.05
C ASP B 100 -6.22 -8.11 29.27
N ILE B 101 -7.08 -9.01 29.76
CA ILE B 101 -7.20 -10.32 29.15
C ILE B 101 -7.77 -10.27 27.74
N PRO B 102 -8.87 -9.51 27.51
CA PRO B 102 -9.35 -9.40 26.09
C PRO B 102 -8.31 -8.83 25.09
N ARG B 103 -7.53 -7.85 25.53
CA ARG B 103 -6.51 -7.25 24.68
C ARG B 103 -5.42 -8.27 24.34
N ALA B 104 -5.13 -9.17 25.28
CA ALA B 104 -4.10 -10.13 25.06
C ALA B 104 -4.58 -11.08 24.01
N ILE B 105 -5.87 -11.38 24.10
CA ILE B 105 -6.44 -12.34 23.14
C ILE B 105 -6.49 -11.69 21.74
N ALA B 106 -6.91 -10.43 21.71
CA ALA B 106 -7.03 -9.67 20.45
C ALA B 106 -5.64 -9.53 19.79
N ASN B 107 -4.58 -9.41 20.57
CA ASN B 107 -3.24 -9.36 20.04
C ASN B 107 -2.93 -10.60 19.15
N PHE B 108 -3.17 -11.78 19.69
CA PHE B 108 -2.92 -12.99 18.94
C PHE B 108 -3.81 -13.07 17.73
N ARG B 109 -5.07 -12.68 17.88
CA ARG B 109 -5.98 -12.75 16.72
C ARG B 109 -5.65 -11.73 15.61
N THR B 110 -5.32 -10.51 16.00
CA THR B 110 -5.05 -9.50 15.02
C THR B 110 -3.83 -9.88 14.16
N PHE B 111 -2.75 -10.29 14.82
CA PHE B 111 -1.54 -10.65 14.10
C PHE B 111 -1.57 -11.95 13.31
N ALA B 112 -2.37 -12.90 13.77
CA ALA B 112 -2.64 -14.11 13.05
C ALA B 112 -3.29 -13.71 11.75
N ASP B 113 -4.26 -12.77 11.83
CA ASP B 113 -5.01 -12.39 10.61
C ASP B 113 -4.07 -11.62 9.63
N LEU B 114 -3.22 -10.76 10.19
CA LEU B 114 -2.26 -9.99 9.38
C LEU B 114 -1.24 -10.87 8.72
N ALA B 115 -0.85 -11.93 9.38
CA ALA B 115 0.01 -12.93 8.80
C ALA B 115 -0.57 -13.48 7.52
N LYS B 116 -1.87 -13.56 7.44
CA LYS B 116 -2.51 -14.21 6.28
C LYS B 116 -2.82 -13.16 5.21
N THR B 117 -3.08 -11.92 5.61
CA THR B 117 -3.37 -10.88 4.61
C THR B 117 -2.13 -10.19 4.02
N SER B 118 -1.09 -10.01 4.80
CA SER B 118 0.08 -9.23 4.35
C SER B 118 0.75 -9.79 3.06
N HIS B 119 1.11 -8.92 2.15
CA HIS B 119 1.81 -9.28 0.96
C HIS B 119 2.97 -8.35 0.82
N THR B 120 3.75 -8.56 -0.25
CA THR B 120 4.92 -7.76 -0.47
C THR B 120 4.87 -7.03 -1.85
N ASP B 121 6.04 -6.66 -2.40
CA ASP B 121 6.06 -5.72 -3.52
C ASP B 121 6.73 -6.32 -4.77
N LEU B 122 6.28 -5.84 -5.93
CA LEU B 122 6.89 -6.17 -7.19
C LEU B 122 7.31 -4.90 -7.92
N PHE B 123 8.59 -4.84 -8.30
CA PHE B 123 9.17 -3.69 -8.99
C PHE B 123 9.71 -4.11 -10.36
N GLU B 124 9.22 -3.52 -11.45
CA GLU B 124 9.79 -3.85 -12.77
C GLU B 124 10.82 -2.77 -13.14
N MET B 125 11.89 -3.16 -13.80
CA MET B 125 12.88 -2.17 -14.29
C MET B 125 13.39 -2.51 -15.69
N SER B 126 13.83 -1.50 -16.41
CA SER B 126 14.52 -1.69 -17.70
C SER B 126 15.99 -1.89 -17.49
N THR B 127 16.65 -2.51 -18.46
CA THR B 127 18.08 -2.77 -18.44
C THR B 127 18.71 -2.42 -19.77
N SER B 128 20.04 -2.33 -19.81
CA SER B 128 20.80 -1.92 -21.03
C SER B 128 20.55 -2.84 -22.19
N ASP B 129 20.22 -4.09 -21.93
CA ASP B 129 20.06 -5.00 -23.03
C ASP B 129 18.64 -5.04 -23.54
N GLY B 130 17.75 -4.25 -22.95
CA GLY B 130 16.38 -4.20 -23.44
C GLY B 130 15.48 -5.35 -22.98
N SER B 131 15.99 -6.27 -22.17
CA SER B 131 15.18 -7.41 -21.62
C SER B 131 14.55 -7.14 -20.26
N GLY B 132 15.15 -6.25 -19.47
CA GLY B 132 14.57 -5.89 -18.20
C GLY B 132 14.93 -6.82 -17.05
N ALA B 133 14.41 -6.49 -15.88
CA ALA B 133 14.60 -7.32 -14.71
C ALA B 133 13.41 -7.14 -13.82
N LEU B 134 13.14 -8.15 -12.96
CA LEU B 134 12.13 -8.02 -11.89
C LEU B 134 12.80 -7.95 -10.54
N ASN B 135 12.28 -7.13 -9.63
CA ASN B 135 12.67 -7.17 -8.22
C ASN B 135 11.41 -7.48 -7.46
N TYR B 136 11.45 -8.43 -6.55
CA TYR B 136 10.33 -8.71 -5.69
C TYR B 136 10.82 -8.92 -4.27
N THR B 137 9.96 -8.59 -3.29
CA THR B 137 10.37 -8.73 -1.89
C THR B 137 9.53 -9.83 -1.27
N VAL B 138 10.06 -10.37 -0.15
CA VAL B 138 9.42 -11.43 0.63
C VAL B 138 9.69 -11.17 2.10
N ARG B 139 8.76 -11.57 2.96
CA ARG B 139 8.95 -11.43 4.37
C ARG B 139 9.28 -12.83 4.87
N LYS B 140 10.34 -12.93 5.61
CA LYS B 140 10.75 -14.21 6.21
C LYS B 140 10.89 -13.99 7.72
N PRO B 141 10.86 -15.08 8.50
CA PRO B 141 11.16 -14.96 9.93
C PRO B 141 12.53 -14.27 10.12
N LEU B 142 12.59 -13.28 10.99
CA LEU B 142 13.87 -12.71 11.44
C LEU B 142 14.78 -13.78 12.02
N GLY B 143 14.20 -14.65 12.87
CA GLY B 143 14.97 -15.62 13.66
C GLY B 143 14.35 -15.83 15.06
N VAL B 144 15.20 -15.83 16.07
CA VAL B 144 14.78 -15.93 17.44
C VAL B 144 14.57 -14.50 17.99
N ILE B 145 13.36 -14.21 18.43
CA ILE B 145 13.07 -12.88 18.99
C ILE B 145 13.17 -12.90 20.50
N GLY B 146 14.01 -12.04 21.03
CA GLY B 146 14.14 -11.89 22.47
C GLY B 146 13.12 -10.85 22.96
N VAL B 147 12.24 -11.24 23.88
CA VAL B 147 11.21 -10.34 24.39
C VAL B 147 11.47 -10.04 25.85
N ILE B 148 11.52 -8.75 26.19
CA ILE B 148 11.64 -8.30 27.58
C ILE B 148 10.49 -7.33 27.91
N SER B 149 9.60 -7.74 28.86
CA SER B 149 8.33 -7.02 29.06
C SER B 149 8.18 -6.47 30.48
N PRO B 150 7.36 -5.42 30.63
CA PRO B 150 7.26 -4.74 31.94
C PRO B 150 6.07 -5.26 32.78
N TRP B 151 5.92 -4.74 33.99
CA TRP B 151 4.94 -5.24 34.94
C TRP B 151 3.60 -4.54 34.96
N ASN B 152 3.45 -3.46 34.19
CA ASN B 152 2.26 -2.63 34.39
C ASN B 152 1.02 -3.17 33.70
N LEU B 153 1.20 -3.67 32.48
CA LEU B 153 0.09 -4.39 31.81
C LEU B 153 0.71 -5.70 31.34
N PRO B 154 0.82 -6.66 32.25
CA PRO B 154 1.67 -7.84 32.06
C PRO B 154 1.31 -8.65 30.84
N LEU B 155 0.12 -9.19 30.78
CA LEU B 155 -0.24 -10.06 29.67
C LEU B 155 -0.42 -9.28 28.34
N LEU B 156 -1.00 -8.11 28.46
CA LEU B 156 -1.25 -7.26 27.30
C LEU B 156 0.08 -6.97 26.59
N LEU B 157 1.06 -6.51 27.35
CA LEU B 157 2.28 -6.09 26.73
C LEU B 157 3.14 -7.22 26.27
N PHE B 158 3.05 -8.35 26.99
CA PHE B 158 3.85 -9.54 26.69
C PHE B 158 3.36 -10.09 25.36
N THR B 159 2.05 -10.23 25.22
CA THR B 159 1.47 -10.74 23.97
C THR B 159 1.51 -9.73 22.81
N TRP B 160 1.53 -8.42 23.11
CA TRP B 160 1.74 -7.40 22.06
C TRP B 160 3.10 -7.68 21.32
N LYS B 161 4.05 -8.29 22.03
CA LYS B 161 5.34 -8.65 21.42
C LYS B 161 5.34 -10.09 20.88
N VAL B 162 4.84 -11.04 21.68
CA VAL B 162 4.86 -12.43 21.30
C VAL B 162 3.96 -12.74 20.10
N ALA B 163 2.79 -12.12 20.03
CA ALA B 163 1.89 -12.38 18.86
C ALA B 163 2.51 -12.07 17.51
N PRO B 164 3.07 -10.86 17.29
CA PRO B 164 3.61 -10.64 15.92
C PRO B 164 4.90 -11.43 15.73
N ALA B 165 5.65 -11.64 16.81
CA ALA B 165 6.85 -12.51 16.69
C ALA B 165 6.49 -13.88 16.13
N LEU B 166 5.56 -14.57 16.79
CA LEU B 166 5.04 -15.85 16.29
C LEU B 166 4.31 -15.77 14.94
N ALA B 167 3.54 -14.71 14.72
CA ALA B 167 2.78 -14.59 13.47
C ALA B 167 3.73 -14.41 12.27
N CYS B 168 4.93 -13.85 12.50
CA CYS B 168 5.88 -13.72 11.38
C CYS B 168 6.82 -14.96 11.24
N GLY B 169 6.51 -16.04 11.98
CA GLY B 169 7.24 -17.31 11.83
C GLY B 169 8.49 -17.42 12.69
N ASN B 170 8.70 -16.44 13.57
CA ASN B 170 9.83 -16.48 14.49
C ASN B 170 9.65 -17.49 15.59
N THR B 171 10.75 -17.79 16.30
CA THR B 171 10.66 -18.42 17.59
C THR B 171 11.06 -17.38 18.66
N VAL B 172 10.75 -17.66 19.92
CA VAL B 172 10.72 -16.62 20.95
C VAL B 172 11.37 -17.10 22.25
N VAL B 173 12.21 -16.22 22.79
CA VAL B 173 12.61 -16.37 24.14
C VAL B 173 12.18 -15.10 24.89
N ALA B 174 11.24 -15.24 25.83
CA ALA B 174 10.59 -14.10 26.47
C ALA B 174 10.70 -14.14 27.97
N LYS B 175 10.94 -12.97 28.54
CA LYS B 175 11.30 -12.83 29.97
C LYS B 175 10.33 -11.77 30.57
N PRO B 176 9.27 -12.21 31.26
CA PRO B 176 8.36 -11.21 31.82
C PRO B 176 8.96 -10.54 33.06
N SER B 177 8.35 -9.47 33.54
CA SER B 177 8.89 -8.77 34.67
C SER B 177 8.86 -9.67 35.91
N GLU B 178 9.93 -9.61 36.69
CA GLU B 178 9.96 -10.30 37.99
C GLU B 178 8.74 -9.99 38.85
N GLU B 179 8.13 -8.83 38.63
CA GLU B 179 7.02 -8.42 39.51
C GLU B 179 5.75 -9.08 39.03
N SER B 180 5.65 -9.47 37.76
CA SER B 180 4.35 -10.01 37.31
C SER B 180 4.48 -11.23 36.40
N PRO B 181 4.86 -12.36 36.98
CA PRO B 181 5.19 -13.47 36.10
C PRO B 181 4.10 -14.51 35.89
N SER B 182 2.97 -14.36 36.55
CA SER B 182 1.98 -15.45 36.57
C SER B 182 1.26 -15.65 35.27
N SER B 183 0.69 -14.57 34.71
CA SER B 183 -0.11 -14.74 33.47
C SER B 183 0.77 -15.31 32.31
N ALA B 184 2.02 -14.89 32.28
CA ALA B 184 2.91 -15.39 31.21
C ALA B 184 3.20 -16.87 31.43
N THR B 185 3.19 -17.30 32.68
CA THR B 185 3.37 -18.71 33.01
C THR B 185 2.15 -19.52 32.54
N LEU B 186 0.94 -19.03 32.81
CA LEU B 186 -0.23 -19.69 32.29
C LEU B 186 -0.23 -19.72 30.75
N LEU B 187 0.26 -18.62 30.12
CA LEU B 187 0.34 -18.55 28.67
C LEU B 187 1.20 -19.72 28.14
N ALA B 188 2.33 -20.02 28.83
CA ALA B 188 3.16 -21.16 28.45
C ALA B 188 2.35 -22.45 28.50
N GLU B 189 1.49 -22.59 29.51
CA GLU B 189 0.68 -23.84 29.59
C GLU B 189 -0.30 -23.87 28.42
N VAL B 190 -0.86 -22.71 28.08
CA VAL B 190 -1.76 -22.66 26.93
C VAL B 190 -1.03 -23.03 25.62
N MET B 191 0.23 -22.61 25.48
CA MET B 191 1.03 -22.92 24.28
C MET B 191 1.21 -24.44 24.22
N HIS B 192 1.71 -24.99 25.33
CA HIS B 192 1.83 -26.43 25.46
C HIS B 192 0.58 -27.18 25.05
N ASP B 193 -0.56 -26.83 25.63
CA ASP B 193 -1.79 -27.59 25.37
C ASP B 193 -2.27 -27.39 23.97
N ALA B 194 -1.90 -26.26 23.33
CA ALA B 194 -2.30 -26.03 21.93
C ALA B 194 -1.42 -26.82 20.95
N GLY B 195 -0.38 -27.50 21.47
CA GLY B 195 0.59 -28.23 20.67
C GLY B 195 1.54 -27.32 19.89
N VAL B 196 1.76 -26.09 20.34
CA VAL B 196 2.88 -25.31 19.76
C VAL B 196 4.11 -26.17 19.94
N PRO B 197 4.90 -26.40 18.87
CA PRO B 197 6.09 -27.29 18.93
C PRO B 197 7.16 -26.82 19.92
N PRO B 198 7.98 -27.76 20.47
CA PRO B 198 8.98 -27.40 21.47
C PRO B 198 10.03 -26.44 20.93
N GLY B 199 10.49 -25.53 21.79
CA GLY B 199 11.41 -24.50 21.40
C GLY B 199 10.82 -23.29 20.65
N VAL B 200 9.64 -23.40 20.10
CA VAL B 200 9.01 -22.22 19.44
C VAL B 200 8.73 -21.07 20.40
N PHE B 201 8.16 -21.38 21.55
CA PHE B 201 7.92 -20.37 22.57
C PHE B 201 8.63 -20.80 23.87
N ASN B 202 9.54 -19.96 24.38
CA ASN B 202 10.24 -20.30 25.60
C ASN B 202 10.09 -19.18 26.62
N LEU B 203 9.74 -19.55 27.85
CA LEU B 203 9.58 -18.59 28.94
C LEU B 203 10.71 -18.74 29.95
N ILE B 204 11.40 -17.64 30.22
CA ILE B 204 12.43 -17.60 31.26
C ILE B 204 12.07 -16.52 32.24
N HIS B 205 12.30 -16.79 33.54
CA HIS B 205 11.94 -15.85 34.60
C HIS B 205 13.18 -15.26 35.17
N GLY B 206 13.02 -14.13 35.85
CA GLY B 206 14.14 -13.48 36.49
C GLY B 206 14.16 -11.97 36.41
N PHE B 207 15.32 -11.40 36.76
CA PHE B 207 15.48 -9.96 36.79
C PHE B 207 16.19 -9.43 35.54
N GLY B 208 16.61 -8.20 35.61
CA GLY B 208 17.36 -7.57 34.53
C GLY B 208 18.84 -7.84 34.63
N LYS B 209 19.54 -6.89 35.19
CA LYS B 209 20.99 -6.94 35.36
C LYS B 209 21.42 -8.17 36.13
N ASP B 210 22.52 -8.80 35.71
CA ASP B 210 23.03 -10.03 36.35
C ASP B 210 22.00 -11.12 36.45
N SER B 211 20.99 -11.13 35.58
CA SER B 211 19.98 -12.18 35.62
C SER B 211 19.43 -12.51 34.21
N ALA B 212 18.30 -13.21 34.13
CA ALA B 212 17.77 -13.68 32.85
C ALA B 212 17.69 -12.61 31.75
N GLY B 213 17.28 -11.39 32.15
CA GLY B 213 17.11 -10.30 31.20
C GLY B 213 18.42 -9.95 30.55
N GLU B 214 19.40 -9.55 31.35
CA GLU B 214 20.71 -9.26 30.82
C GLU B 214 21.25 -10.41 29.97
N PHE B 215 21.14 -11.63 30.46
CA PHE B 215 21.65 -12.75 29.69
C PHE B 215 20.98 -12.87 28.29
N LEU B 216 19.64 -12.81 28.22
CA LEU B 216 18.95 -12.88 26.92
C LEU B 216 19.54 -11.81 25.99
N THR B 217 19.75 -10.64 26.56
CA THR B 217 20.14 -9.46 25.83
C THR B 217 21.54 -9.59 25.27
N GLN B 218 22.38 -10.37 25.91
CA GLN B 218 23.76 -10.53 25.44
C GLN B 218 24.02 -11.79 24.58
N HIS B 219 22.99 -12.58 24.30
CA HIS B 219 23.21 -13.84 23.70
C HIS B 219 23.28 -13.69 22.20
N PRO B 220 24.35 -14.20 21.58
CA PRO B 220 24.67 -14.02 20.13
C PRO B 220 23.68 -14.70 19.24
N GLY B 221 22.86 -15.58 19.83
CA GLY B 221 21.88 -16.38 19.10
C GLY B 221 20.54 -15.76 18.81
N ILE B 222 20.23 -14.61 19.43
CA ILE B 222 18.93 -13.93 19.12
C ILE B 222 19.10 -13.12 17.85
N SER B 223 18.01 -12.82 17.15
CA SER B 223 18.11 -11.96 15.98
C SER B 223 17.62 -10.53 16.28
N ALA B 224 16.88 -10.36 17.38
CA ALA B 224 16.23 -9.06 17.71
C ALA B 224 15.92 -9.02 19.20
N LEU B 225 15.73 -7.81 19.69
CA LEU B 225 15.36 -7.58 21.06
C LEU B 225 14.28 -6.49 21.06
N THR B 226 13.08 -6.88 21.45
CA THR B 226 11.95 -5.94 21.52
C THR B 226 11.61 -5.78 22.99
N PHE B 227 11.53 -4.53 23.38
CA PHE B 227 11.52 -4.19 24.75
C PHE B 227 10.54 -3.10 25.01
N THR B 228 9.86 -3.20 26.15
CA THR B 228 9.04 -2.13 26.65
C THR B 228 9.43 -1.85 28.13
N GLY B 229 9.71 -0.59 28.47
CA GLY B 229 10.10 -0.27 29.86
C GLY B 229 10.81 1.09 29.98
N GLU B 230 11.67 1.23 30.97
CA GLU B 230 12.24 2.54 31.30
C GLU B 230 13.22 2.94 30.23
N SER B 231 13.36 4.23 30.00
CA SER B 231 14.33 4.69 28.92
C SER B 231 15.76 4.26 29.19
N LYS B 232 16.17 4.41 30.42
CA LYS B 232 17.56 4.11 30.75
C LYS B 232 17.82 2.63 30.54
N THR B 233 16.81 1.81 30.80
CA THR B 233 17.00 0.38 30.54
C THR B 233 17.10 0.13 29.01
N GLY B 234 16.31 0.87 28.22
CA GLY B 234 16.39 0.77 26.73
C GLY B 234 17.81 1.08 26.30
N SER B 235 18.41 2.11 26.91
CA SER B 235 19.75 2.48 26.54
C SER B 235 20.72 1.35 26.85
N THR B 236 20.56 0.77 28.04
CA THR B 236 21.44 -0.32 28.45
C THR B 236 21.31 -1.49 27.50
N ILE B 237 20.08 -1.77 27.12
CA ILE B 237 19.84 -2.87 26.20
C ILE B 237 20.44 -2.56 24.83
N MET B 238 20.30 -1.32 24.39
CA MET B 238 20.86 -0.92 23.09
C MET B 238 22.40 -1.22 23.06
N LYS B 239 23.13 -0.78 24.10
CA LYS B 239 24.60 -1.09 24.18
C LYS B 239 24.87 -2.56 24.20
N ALA B 240 24.01 -3.32 24.86
CA ALA B 240 24.29 -4.74 25.07
C ALA B 240 24.25 -5.55 23.79
N VAL B 241 23.31 -5.24 22.89
CA VAL B 241 23.15 -5.96 21.62
C VAL B 241 24.04 -5.38 20.50
N ALA B 242 24.72 -4.29 20.80
CA ALA B 242 25.43 -3.50 19.81
C ALA B 242 26.50 -4.27 19.01
N ASP B 243 27.33 -5.06 19.70
CA ASP B 243 28.35 -5.87 19.05
C ASP B 243 27.74 -6.86 18.06
N GLY B 244 26.54 -7.33 18.33
CA GLY B 244 25.83 -8.25 17.44
C GLY B 244 25.02 -7.52 16.35
N VAL B 245 24.89 -6.18 16.45
CA VAL B 245 24.01 -5.37 15.56
C VAL B 245 22.59 -5.99 15.45
N LYS B 246 22.01 -6.36 16.60
CA LYS B 246 20.71 -6.96 16.64
C LYS B 246 19.65 -5.87 16.35
N GLU B 247 18.60 -6.26 15.64
CA GLU B 247 17.47 -5.36 15.38
C GLU B 247 16.82 -5.02 16.75
N VAL B 248 16.41 -3.77 16.92
CA VAL B 248 15.82 -3.35 18.19
C VAL B 248 14.55 -2.59 17.97
N SER B 249 13.62 -2.73 18.92
CA SER B 249 12.36 -1.98 18.89
C SER B 249 12.05 -1.62 20.36
N PHE B 250 11.95 -0.33 20.64
CA PHE B 250 11.80 0.15 22.01
C PHE B 250 10.57 1.02 22.17
N ALA B 251 9.78 0.71 23.20
CA ALA B 251 8.71 1.63 23.65
C ALA B 251 9.03 1.91 25.11
N LEU B 252 9.45 3.15 25.34
CA LEU B 252 10.04 3.56 26.62
C LEU B 252 9.18 4.51 27.45
N GLY B 253 9.81 5.31 28.28
CA GLY B 253 9.05 6.10 29.26
C GLY B 253 8.40 7.31 28.60
N GLY B 254 7.53 8.01 29.31
CA GLY B 254 7.11 9.29 28.86
C GLY B 254 6.87 10.27 29.97
N LYS B 255 6.63 11.52 29.62
CA LYS B 255 6.10 12.45 30.57
C LYS B 255 5.01 13.23 29.83
N ASN B 256 3.90 12.55 29.61
CA ASN B 256 2.87 12.97 28.71
C ASN B 256 2.00 14.13 29.20
N ALA B 257 1.58 14.98 28.27
CA ALA B 257 0.72 16.13 28.61
C ALA B 257 -0.68 15.92 28.12
N ALA B 258 -1.65 16.50 28.85
CA ALA B 258 -2.95 16.71 28.34
C ALA B 258 -3.20 18.22 28.24
N VAL B 259 -3.92 18.65 27.20
CA VAL B 259 -4.09 20.07 26.99
C VAL B 259 -5.57 20.29 26.84
N VAL B 260 -6.11 21.16 27.71
CA VAL B 260 -7.53 21.47 27.67
C VAL B 260 -7.75 22.95 27.30
N PHE B 261 -8.36 23.14 26.17
CA PHE B 261 -8.59 24.47 25.60
C PHE B 261 -9.98 24.98 26.06
N ALA B 262 -10.20 26.28 25.94
CA ALA B 262 -11.37 26.90 26.54
C ALA B 262 -12.61 26.37 25.93
N ASP B 263 -12.54 25.99 24.66
CA ASP B 263 -13.74 25.48 24.04
C ASP B 263 -13.98 23.94 24.16
N ALA B 264 -13.23 23.28 25.03
CA ALA B 264 -13.52 21.85 25.30
C ALA B 264 -14.87 21.65 25.96
N ASP B 265 -15.43 20.46 25.81
CA ASP B 265 -16.53 20.04 26.66
C ASP B 265 -15.92 19.78 28.04
N LEU B 266 -16.10 20.73 28.95
CA LEU B 266 -15.40 20.72 30.25
C LEU B 266 -15.59 19.43 31.07
N ASP B 267 -16.81 18.93 31.11
CA ASP B 267 -17.11 17.74 31.89
C ASP B 267 -16.48 16.54 31.23
N ALA B 268 -16.53 16.49 29.90
CA ALA B 268 -15.78 15.40 29.21
C ALA B 268 -14.29 15.49 29.51
N ALA B 269 -13.74 16.70 29.54
CA ALA B 269 -12.29 16.84 29.69
C ALA B 269 -11.86 16.43 31.11
N ILE B 270 -12.70 16.74 32.08
CA ILE B 270 -12.41 16.34 33.46
C ILE B 270 -12.46 14.83 33.57
N GLU B 271 -13.53 14.26 33.05
CA GLU B 271 -13.60 12.81 33.01
C GLU B 271 -12.37 12.21 32.29
N GLY B 272 -12.04 12.79 31.13
CA GLY B 272 -10.94 12.35 30.27
C GLY B 272 -9.60 12.39 30.98
N VAL B 273 -9.31 13.47 31.70
CA VAL B 273 -8.05 13.63 32.39
C VAL B 273 -8.02 12.84 33.66
N LEU B 274 -9.17 12.67 34.26
CA LEU B 274 -9.29 11.73 35.40
C LEU B 274 -8.85 10.31 34.92
N ARG B 275 -9.42 9.80 33.81
CA ARG B 275 -8.93 8.53 33.26
C ARG B 275 -7.42 8.55 32.90
N SER B 276 -6.93 9.61 32.27
CA SER B 276 -5.54 9.57 31.77
C SER B 276 -4.54 9.72 32.86
N SER B 277 -4.93 10.30 33.97
CA SER B 277 -3.95 10.44 35.06
C SER B 277 -3.95 9.25 36.03
N PHE B 278 -5.06 8.54 36.15
CA PHE B 278 -5.25 7.64 37.30
C PHE B 278 -5.61 6.20 36.96
N THR B 279 -5.87 5.88 35.69
CA THR B 279 -6.06 4.51 35.26
C THR B 279 -4.85 3.67 35.65
N ASN B 280 -5.11 2.45 36.11
CA ASN B 280 -4.10 1.48 36.51
C ASN B 280 -3.23 2.13 37.57
N SER B 281 -3.83 3.01 38.38
CA SER B 281 -3.10 3.79 39.39
C SER B 281 -1.95 4.63 38.82
N GLY B 282 -2.17 5.18 37.62
CA GLY B 282 -1.17 6.06 37.00
C GLY B 282 -0.01 5.23 36.47
N GLN B 283 -0.17 3.91 36.47
CA GLN B 283 0.94 3.01 35.96
C GLN B 283 0.77 2.61 34.51
N VAL B 284 0.64 3.60 33.64
CA VAL B 284 0.60 3.36 32.22
C VAL B 284 1.53 4.36 31.58
N CYS B 285 2.32 3.83 30.61
CA CYS B 285 3.26 4.63 29.96
C CYS B 285 2.63 5.96 29.25
N LEU B 286 1.36 5.86 28.94
CA LEU B 286 0.57 6.86 28.23
C LEU B 286 -0.14 7.83 29.16
N CYS B 287 0.01 7.61 30.46
CA CYS B 287 -0.70 8.51 31.43
C CYS B 287 -0.21 9.96 31.29
N SER B 288 -1.14 10.87 31.57
CA SER B 288 -0.85 12.30 31.62
C SER B 288 -0.38 12.64 33.02
N GLU B 289 0.89 12.98 33.16
CA GLU B 289 1.36 13.52 34.42
C GLU B 289 1.50 15.06 34.40
N ARG B 290 1.35 15.64 33.20
CA ARG B 290 1.36 17.07 33.00
C ARG B 290 0.07 17.44 32.32
N VAL B 291 -0.58 18.49 32.79
CA VAL B 291 -1.88 18.88 32.28
C VAL B 291 -1.88 20.40 32.12
N TYR B 292 -2.25 20.88 30.95
CA TYR B 292 -2.27 22.33 30.73
C TYR B 292 -3.67 22.75 30.39
N VAL B 293 -4.15 23.77 31.12
CA VAL B 293 -5.57 24.16 30.96
C VAL B 293 -5.66 25.65 30.74
N HIS B 294 -6.51 26.06 29.80
CA HIS B 294 -6.58 27.48 29.49
C HIS B 294 -7.07 28.22 30.74
N ARG B 295 -6.45 29.38 30.99
CA ARG B 295 -6.69 30.14 32.21
C ARG B 295 -8.19 30.44 32.47
N SER B 296 -9.01 30.63 31.43
CA SER B 296 -10.43 30.95 31.67
C SER B 296 -11.21 29.78 32.34
N ILE B 297 -10.72 28.55 32.20
CA ILE B 297 -11.46 27.40 32.78
C ILE B 297 -10.61 26.66 33.85
N PHE B 298 -9.41 27.18 34.13
CA PHE B 298 -8.42 26.55 35.00
C PHE B 298 -8.98 26.19 36.40
N ASP B 299 -9.43 27.20 37.16
CA ASP B 299 -9.94 26.94 38.52
C ASP B 299 -11.11 25.96 38.49
N GLU B 300 -12.06 26.18 37.61
CA GLU B 300 -13.16 25.29 37.50
C GLU B 300 -12.65 23.83 37.16
N PHE B 301 -11.70 23.72 36.24
CA PHE B 301 -11.20 22.42 35.85
C PHE B 301 -10.58 21.72 37.10
N VAL B 302 -9.69 22.45 37.76
CA VAL B 302 -9.03 21.93 38.94
C VAL B 302 -10.05 21.50 40.03
N SER B 303 -11.05 22.33 40.27
CA SER B 303 -12.06 22.07 41.28
C SER B 303 -12.82 20.83 40.93
N GLY B 304 -13.23 20.74 39.67
CA GLY B 304 -13.92 19.53 39.16
C GLY B 304 -13.10 18.26 39.25
N LEU B 305 -11.81 18.38 38.94
CA LEU B 305 -10.95 17.20 38.91
C LEU B 305 -10.78 16.67 40.32
N LYS B 306 -10.60 17.60 41.26
CA LYS B 306 -10.43 17.29 42.68
C LYS B 306 -11.62 16.43 43.18
N VAL B 307 -12.82 16.87 42.85
CA VAL B 307 -14.03 16.22 43.33
C VAL B 307 -14.03 14.80 42.76
N GLU B 308 -13.77 14.70 41.46
CA GLU B 308 -13.84 13.42 40.79
C GLU B 308 -12.77 12.54 41.33
N ALA B 309 -11.62 13.12 41.66
CA ALA B 309 -10.51 12.32 42.08
C ALA B 309 -10.79 11.72 43.46
N GLU B 310 -11.40 12.54 44.33
CA GLU B 310 -11.71 12.11 45.74
C GLU B 310 -12.89 11.16 45.81
N ARG B 311 -13.66 11.05 44.71
CA ARG B 311 -14.66 10.01 44.56
C ARG B 311 -14.09 8.66 44.13
N LEU B 312 -12.83 8.62 43.77
CA LEU B 312 -12.22 7.34 43.30
C LEU B 312 -12.16 6.37 44.46
N VAL B 313 -12.64 5.16 44.24
CA VAL B 313 -12.54 4.13 45.28
C VAL B 313 -11.21 3.35 45.16
N VAL B 314 -10.39 3.45 46.18
CA VAL B 314 -9.11 2.81 46.23
C VAL B 314 -9.16 1.60 47.18
N GLY B 315 -9.03 0.38 46.64
CA GLY B 315 -9.17 -0.83 47.45
C GLY B 315 -8.95 -2.18 46.81
N TYR B 316 -9.79 -3.14 47.19
CA TYR B 316 -9.62 -4.55 46.75
C TYR B 316 -10.06 -4.71 45.33
N PRO B 317 -9.38 -5.58 44.58
CA PRO B 317 -9.76 -5.87 43.22
C PRO B 317 -11.20 -6.30 43.06
N ASP B 318 -11.75 -7.01 44.05
CA ASP B 318 -13.20 -7.44 43.98
C ASP B 318 -14.11 -6.55 44.85
N GLN B 319 -13.61 -5.38 45.26
CA GLN B 319 -14.36 -4.45 46.14
C GLN B 319 -15.41 -3.75 45.31
N ASP B 320 -16.66 -3.77 45.81
CA ASP B 320 -17.76 -3.05 45.17
C ASP B 320 -17.41 -1.60 44.75
N GLY B 321 -17.55 -1.28 43.46
CA GLY B 321 -17.23 0.06 42.93
C GLY B 321 -15.77 0.44 42.84
N VAL B 322 -14.85 -0.53 42.96
CA VAL B 322 -13.42 -0.16 43.09
C VAL B 322 -12.97 0.53 41.79
N ASN B 323 -12.16 1.60 41.91
CA ASN B 323 -11.53 2.27 40.75
C ASN B 323 -10.02 2.01 40.61
N MET B 324 -9.34 1.90 41.72
CA MET B 324 -7.88 1.83 41.67
C MET B 324 -7.35 0.81 42.66
N GLY B 325 -6.38 -0.02 42.24
CA GLY B 325 -5.61 -0.83 43.18
C GLY B 325 -4.34 -0.17 43.66
N PRO B 326 -3.47 -0.94 44.29
CA PRO B 326 -2.22 -0.48 44.72
C PRO B 326 -1.24 -0.20 43.56
N LEU B 327 -0.05 0.24 43.91
CA LEU B 327 1.07 0.27 42.99
C LEU B 327 1.62 -1.17 42.90
N ILE B 328 2.54 -1.45 41.97
CA ILE B 328 2.97 -2.81 41.73
C ILE B 328 3.77 -3.40 42.91
N SER B 329 4.47 -2.55 43.65
CA SER B 329 5.33 -3.09 44.72
C SER B 329 5.69 -2.01 45.72
N HIS B 330 6.18 -2.43 46.89
CA HIS B 330 6.74 -1.50 47.91
C HIS B 330 7.81 -0.62 47.40
N GLY B 331 8.70 -1.21 46.60
CA GLY B 331 9.87 -0.47 46.05
C GLY B 331 9.34 0.61 45.09
N HIS B 332 8.39 0.27 44.24
CA HIS B 332 7.77 1.29 43.39
C HIS B 332 7.04 2.32 44.23
N ARG B 333 6.30 1.86 45.23
CA ARG B 333 5.64 2.80 46.18
C ARG B 333 6.62 3.79 46.84
N ASP B 334 7.79 3.28 47.24
CA ASP B 334 8.81 4.17 47.83
C ASP B 334 9.21 5.23 46.82
N LYS B 335 9.32 4.83 45.54
CA LYS B 335 9.72 5.79 44.51
C LYS B 335 8.72 6.92 44.35
N VAL B 336 7.46 6.51 44.17
CA VAL B 336 6.39 7.43 44.03
C VAL B 336 6.30 8.39 45.23
N LEU B 337 6.40 7.83 46.44
CA LEU B 337 6.38 8.67 47.69
C LEU B 337 7.53 9.64 47.73
N SER B 338 8.70 9.19 47.25
CA SER B 338 9.85 10.08 47.16
C SER B 338 9.52 11.29 46.29
N TYR B 339 8.82 11.06 45.18
CA TYR B 339 8.36 12.17 44.36
C TYR B 339 7.28 13.00 45.05
N TYR B 340 6.41 12.35 45.82
CA TYR B 340 5.36 13.04 46.54
C TYR B 340 5.96 14.05 47.48
N ARG B 341 7.07 13.67 48.15
CA ARG B 341 7.82 14.55 49.04
C ARG B 341 8.56 15.60 48.25
N LEU B 342 9.24 15.17 47.19
CA LEU B 342 9.95 16.14 46.36
C LEU B 342 9.03 17.26 45.83
N ALA B 343 7.78 16.91 45.54
CA ALA B 343 6.84 17.85 44.99
C ALA B 343 6.56 18.97 45.98
N VAL B 344 6.36 18.58 47.22
CA VAL B 344 6.20 19.58 48.30
C VAL B 344 7.44 20.47 48.49
N ASP B 345 8.63 19.88 48.46
CA ASP B 345 9.86 20.66 48.56
C ASP B 345 10.00 21.63 47.39
N GLU B 346 9.46 21.26 46.22
CA GLU B 346 9.56 22.11 45.08
C GLU B 346 8.48 23.20 45.11
N GLY B 347 7.62 23.19 46.12
CA GLY B 347 6.75 24.33 46.33
C GLY B 347 5.38 24.10 45.76
N ALA B 348 5.05 22.85 45.51
CA ALA B 348 3.76 22.57 44.91
C ALA B 348 2.65 22.81 45.92
N THR B 349 1.45 23.14 45.42
CA THR B 349 0.24 22.96 46.23
C THR B 349 -0.32 21.55 46.01
N VAL B 350 -0.69 20.88 47.12
CA VAL B 350 -1.35 19.57 47.04
C VAL B 350 -2.85 19.78 46.98
N VAL B 351 -3.40 19.75 45.79
CA VAL B 351 -4.81 19.91 45.64
C VAL B 351 -5.51 18.73 46.35
N THR B 352 -4.98 17.51 46.19
CA THR B 352 -5.57 16.32 46.78
C THR B 352 -4.53 15.27 46.85
N GLY B 353 -4.68 14.37 47.81
CA GLY B 353 -3.80 13.22 47.90
C GLY B 353 -2.47 13.56 48.49
N GLY B 354 -1.37 13.03 47.93
CA GLY B 354 -0.01 13.39 48.45
C GLY B 354 0.58 12.40 49.41
N GLY B 355 -0.20 11.38 49.75
CA GLY B 355 0.24 10.39 50.75
C GLY B 355 -0.34 9.00 50.49
N VAL B 356 -0.50 8.22 51.55
CA VAL B 356 -1.00 6.82 51.47
C VAL B 356 -2.28 6.77 52.21
N PRO B 357 -3.28 6.05 51.71
CA PRO B 357 -4.54 6.00 52.47
C PRO B 357 -4.37 5.06 53.66
N LYS B 358 -5.11 5.34 54.73
CA LYS B 358 -5.08 4.52 55.95
C LYS B 358 -6.31 3.62 55.91
N PHE B 359 -6.09 2.32 55.68
CA PHE B 359 -7.19 1.37 55.50
C PHE B 359 -7.57 0.70 56.81
N ASN B 360 -6.65 0.65 57.77
CA ASN B 360 -6.85 -0.05 59.07
C ASN B 360 -7.14 -1.53 58.83
N ASP B 361 -6.56 -2.10 57.76
CA ASP B 361 -6.64 -3.54 57.51
C ASP B 361 -5.43 -3.98 56.73
N GLU B 362 -5.48 -5.18 56.18
CA GLU B 362 -4.28 -5.80 55.59
C GLU B 362 -3.74 -5.02 54.35
N ARG B 363 -4.58 -4.17 53.74
CA ARG B 363 -4.14 -3.26 52.66
C ARG B 363 -3.03 -2.34 53.14
N ASP B 364 -2.99 -2.03 54.44
CA ASP B 364 -1.96 -1.15 54.96
C ASP B 364 -0.62 -1.85 54.81
N GLN B 365 -0.63 -3.16 54.59
CA GLN B 365 0.64 -3.88 54.36
C GLN B 365 0.99 -3.91 52.86
N GLY B 366 0.01 -3.64 52.01
CA GLY B 366 0.21 -3.54 50.55
C GLY B 366 0.98 -2.29 50.12
N ALA B 367 0.74 -1.82 48.87
CA ALA B 367 1.53 -0.74 48.27
C ALA B 367 0.69 0.33 47.64
N TYR B 368 -0.32 0.79 48.39
CA TYR B 368 -1.26 1.79 47.91
C TYR B 368 -0.74 3.19 48.10
N VAL B 369 -1.08 4.08 47.15
CA VAL B 369 -0.89 5.53 47.39
C VAL B 369 -2.19 6.16 46.96
N GLN B 370 -2.32 7.46 47.27
CA GLN B 370 -3.48 8.19 46.94
C GLN B 370 -3.33 8.81 45.57
N PRO B 371 -4.44 8.92 44.82
CA PRO B 371 -4.40 9.72 43.64
C PRO B 371 -4.11 11.19 44.01
N THR B 372 -3.27 11.85 43.25
CA THR B 372 -2.69 13.11 43.70
C THR B 372 -2.74 14.13 42.59
N ILE B 373 -3.09 15.36 42.96
CA ILE B 373 -3.14 16.48 42.02
C ILE B 373 -2.28 17.60 42.58
N TRP B 374 -1.25 18.01 41.84
CA TRP B 374 -0.49 19.22 42.21
C TRP B 374 -0.83 20.39 41.37
N THR B 375 -0.52 21.57 41.93
CA THR B 375 -0.62 22.86 41.24
C THR B 375 0.59 23.72 41.67
N GLY B 376 0.91 24.77 40.92
CA GLY B 376 1.96 25.73 41.32
C GLY B 376 3.43 25.39 41.09
N LEU B 377 3.77 24.31 40.40
CA LEU B 377 5.19 24.08 40.11
C LEU B 377 5.60 24.79 38.80
N SER B 378 6.89 24.95 38.62
CA SER B 378 7.39 25.61 37.44
C SER B 378 7.65 24.53 36.39
N ASP B 379 7.65 24.94 35.12
CA ASP B 379 7.92 24.01 34.03
C ASP B 379 9.26 23.30 34.19
N LYS B 380 10.12 23.77 35.07
CA LYS B 380 11.42 23.12 35.24
C LYS B 380 11.50 22.27 36.47
N ALA B 381 10.42 22.17 37.23
CA ALA B 381 10.41 21.32 38.45
C ALA B 381 10.69 19.86 38.06
N ARG B 382 11.50 19.18 38.84
CA ARG B 382 11.77 17.79 38.59
C ARG B 382 10.48 16.98 38.49
N CYS B 383 9.50 17.34 39.30
CA CYS B 383 8.24 16.59 39.36
C CYS B 383 7.42 16.79 38.13
N VAL B 384 7.76 17.84 37.36
CA VAL B 384 7.04 18.17 36.15
C VAL B 384 7.82 17.65 34.93
N THR B 385 9.08 17.27 35.14
CA THR B 385 9.88 16.81 34.01
C THR B 385 10.26 15.32 34.07
N GLU B 386 10.32 14.71 35.25
CA GLU B 386 10.73 13.32 35.33
C GLU B 386 9.55 12.36 35.46
N GLU B 387 9.58 11.25 34.75
CA GLU B 387 8.44 10.32 34.79
C GLU B 387 8.31 9.72 36.22
N ILE B 388 7.12 9.86 36.82
CA ILE B 388 6.91 9.38 38.16
C ILE B 388 6.29 7.98 38.12
N PHE B 389 5.29 7.80 37.24
CA PHE B 389 4.70 6.52 36.99
C PHE B 389 3.78 6.15 38.16
N GLY B 390 3.14 7.17 38.71
CA GLY B 390 2.22 7.01 39.83
C GLY B 390 0.91 7.71 39.51
N PRO B 391 -0.07 7.65 40.45
CA PRO B 391 -1.35 8.24 40.06
C PRO B 391 -1.30 9.73 40.42
N VAL B 392 -0.69 10.51 39.56
CA VAL B 392 -0.52 11.92 39.82
C VAL B 392 -0.51 12.75 38.56
N CYS B 393 -1.02 13.98 38.66
CA CYS B 393 -0.79 14.94 37.60
C CYS B 393 -0.57 16.29 38.15
N HIS B 394 0.29 17.05 37.47
CA HIS B 394 0.40 18.51 37.76
C HIS B 394 -0.43 19.28 36.77
N ILE B 395 -1.15 20.30 37.22
CA ILE B 395 -1.99 21.13 36.33
C ILE B 395 -1.43 22.58 36.36
N SER B 396 -1.23 23.13 35.17
CA SER B 396 -0.73 24.45 34.97
C SER B 396 -1.64 25.22 33.99
N PRO B 397 -1.85 26.53 34.22
CA PRO B 397 -2.63 27.33 33.27
C PRO B 397 -1.78 27.72 32.06
N PHE B 398 -2.44 28.04 30.94
CA PHE B 398 -1.73 28.64 29.84
C PHE B 398 -2.64 29.69 29.16
N ASP B 399 -2.02 30.56 28.38
CA ASP B 399 -2.79 31.60 27.71
C ASP B 399 -2.86 31.48 26.23
N ASP B 400 -1.72 31.14 25.59
CA ASP B 400 -1.64 31.16 24.12
C ASP B 400 -1.43 29.77 23.56
N GLU B 401 -1.97 29.54 22.39
CA GLU B 401 -1.81 28.26 21.68
C GLU B 401 -0.34 27.93 21.37
N ASP B 402 0.44 28.89 20.83
CA ASP B 402 1.81 28.57 20.48
C ASP B 402 2.62 28.32 21.75
N GLU B 403 2.23 28.98 22.84
CA GLU B 403 2.89 28.85 24.13
C GLU B 403 2.71 27.42 24.65
N VAL B 404 1.46 26.93 24.69
CA VAL B 404 1.20 25.63 25.29
C VAL B 404 1.87 24.49 24.43
N ILE B 405 1.89 24.65 23.10
CA ILE B 405 2.61 23.71 22.17
C ILE B 405 4.08 23.65 22.54
N ASN B 406 4.72 24.80 22.71
CA ASN B 406 6.12 24.81 23.14
C ASN B 406 6.38 24.14 24.49
N ARG B 407 5.52 24.41 25.43
CA ARG B 407 5.70 23.83 26.76
C ARG B 407 5.42 22.31 26.73
N VAL B 408 4.40 21.87 25.99
CA VAL B 408 4.21 20.45 25.74
C VAL B 408 5.47 19.77 25.12
N ASN B 409 6.05 20.38 24.11
CA ASN B 409 7.18 19.78 23.36
C ASN B 409 8.52 19.98 24.10
N ASP B 410 8.54 20.87 25.10
CA ASP B 410 9.78 21.10 25.84
C ASP B 410 10.04 19.95 26.82
N SER B 411 10.46 18.80 26.29
CA SER B 411 10.63 17.63 27.08
C SER B 411 11.60 16.73 26.35
N ASN B 412 12.37 15.94 27.09
CA ASN B 412 13.22 14.89 26.53
C ASN B 412 12.44 13.67 26.16
N TYR B 413 11.18 13.61 26.57
CA TYR B 413 10.31 12.50 26.19
C TYR B 413 9.39 12.97 25.08
N GLY B 414 8.72 12.02 24.41
CA GLY B 414 7.70 12.34 23.44
C GLY B 414 6.94 11.12 23.07
N LEU B 415 6.13 10.60 24.04
CA LEU B 415 5.35 9.42 23.76
C LEU B 415 3.95 9.78 23.24
N ALA B 416 3.16 10.45 24.09
CA ALA B 416 1.76 10.69 23.75
C ALA B 416 1.30 12.02 24.28
N CYS B 417 0.17 12.50 23.76
CA CYS B 417 -0.45 13.74 24.24
C CYS B 417 -1.94 13.67 24.01
N ALA B 418 -2.71 14.26 24.92
CA ALA B 418 -4.14 14.34 24.74
C ALA B 418 -4.59 15.78 24.63
N ILE B 419 -5.44 16.06 23.68
CA ILE B 419 -5.90 17.43 23.45
C ILE B 419 -7.42 17.44 23.54
N TRP B 420 -7.93 18.41 24.29
CA TRP B 420 -9.40 18.62 24.38
C TRP B 420 -9.84 19.92 23.75
N THR B 421 -10.63 19.82 22.65
CA THR B 421 -11.15 21.01 22.00
C THR B 421 -12.31 20.56 21.12
N THR B 422 -13.30 21.44 20.90
CA THR B 422 -14.38 21.13 19.97
C THR B 422 -14.18 21.83 18.66
N ASN B 423 -13.08 22.54 18.53
CA ASN B 423 -12.85 23.34 17.28
C ASN B 423 -12.11 22.51 16.23
N LEU B 424 -12.70 22.43 15.03
CA LEU B 424 -12.18 21.62 13.93
C LEU B 424 -10.72 21.96 13.54
N SER B 425 -10.45 23.25 13.23
CA SER B 425 -9.12 23.68 12.85
C SER B 425 -8.12 23.46 13.96
N ARG B 426 -8.46 23.90 15.16
CA ARG B 426 -7.54 23.79 16.23
C ARG B 426 -7.09 22.34 16.42
N ALA B 427 -8.03 21.39 16.35
CA ALA B 427 -7.69 20.01 16.62
C ALA B 427 -6.59 19.51 15.66
N HIS B 428 -6.78 19.74 14.37
CA HIS B 428 -5.83 19.22 13.42
C HIS B 428 -4.60 20.08 13.37
N ARG B 429 -4.75 21.40 13.56
CA ARG B 429 -3.59 22.33 13.48
C ARG B 429 -2.63 22.02 14.67
N VAL B 430 -3.22 21.81 15.85
CA VAL B 430 -2.39 21.60 17.03
C VAL B 430 -1.81 20.18 17.13
N SER B 431 -2.63 19.18 16.79
CA SER B 431 -2.17 17.78 16.88
C SER B 431 -0.94 17.56 16.10
N ARG B 432 -0.86 18.17 14.91
CA ARG B 432 0.32 17.93 14.02
C ARG B 432 1.59 18.57 14.53
N GLN B 433 1.43 19.54 15.43
CA GLN B 433 2.59 20.28 16.02
C GLN B 433 3.20 19.65 17.28
N ILE B 434 2.54 18.64 17.84
CA ILE B 434 3.05 18.05 19.11
C ILE B 434 4.08 16.99 18.79
N HIS B 435 5.24 17.06 19.43
CA HIS B 435 6.36 16.19 19.07
C HIS B 435 6.31 14.85 19.84
N VAL B 436 5.31 14.02 19.51
CA VAL B 436 5.15 12.73 20.13
C VAL B 436 4.82 11.70 19.03
N GLY B 437 4.74 10.44 19.42
CA GLY B 437 4.29 9.40 18.47
C GLY B 437 2.74 9.29 18.40
N LEU B 438 2.06 9.64 19.50
CA LEU B 438 0.64 9.41 19.58
C LEU B 438 -0.12 10.58 20.12
N VAL B 439 -1.10 11.02 19.36
CA VAL B 439 -1.98 12.11 19.81
C VAL B 439 -3.39 11.62 19.87
N TRP B 440 -4.10 11.94 20.98
CA TRP B 440 -5.57 11.73 21.04
C TRP B 440 -6.30 13.03 21.16
N VAL B 441 -7.47 13.14 20.49
CA VAL B 441 -8.26 14.33 20.59
C VAL B 441 -9.64 13.97 21.20
N ASN B 442 -9.96 14.58 22.35
CA ASN B 442 -11.22 14.31 23.03
C ASN B 442 -11.36 12.84 23.45
N THR B 443 -10.22 12.21 23.75
CA THR B 443 -10.21 10.88 24.31
C THR B 443 -8.80 10.58 24.77
N TRP B 444 -8.60 9.35 25.24
CA TRP B 444 -7.28 8.88 25.70
C TRP B 444 -7.17 7.37 25.61
N TYR B 445 -5.96 6.85 25.34
CA TYR B 445 -5.72 5.40 25.23
C TYR B 445 -6.81 4.66 24.47
N LEU B 446 -7.19 5.16 23.30
CA LEU B 446 -8.12 4.45 22.45
C LEU B 446 -7.22 3.85 21.36
N ARG B 447 -7.19 2.52 21.21
CA ARG B 447 -6.14 1.84 20.41
C ARG B 447 -6.72 0.99 19.29
N ASP B 448 -6.29 1.25 18.08
CA ASP B 448 -6.59 0.40 16.94
C ASP B 448 -5.27 -0.31 16.65
N LEU B 449 -5.29 -1.63 16.66
CA LEU B 449 -4.05 -2.40 16.61
C LEU B 449 -3.29 -2.29 15.29
N ARG B 450 -3.96 -1.77 14.25
CA ARG B 450 -3.32 -1.53 12.95
C ARG B 450 -2.42 -0.31 12.95
N THR B 451 -2.61 0.59 13.89
CA THR B 451 -1.91 1.90 13.81
C THR B 451 -0.45 1.84 14.29
N PRO B 452 0.42 2.70 13.72
CA PRO B 452 1.84 2.72 14.22
C PRO B 452 1.89 3.20 15.63
N PHE B 453 2.59 2.48 16.48
CA PHE B 453 2.65 2.84 17.91
C PHE B 453 4.10 3.01 18.33
N GLY B 454 4.43 4.15 18.96
CA GLY B 454 5.81 4.32 19.46
C GLY B 454 6.03 5.76 19.84
N GLY B 455 7.27 6.09 20.20
CA GLY B 455 7.62 7.43 20.63
C GLY B 455 8.81 8.03 19.93
N VAL B 456 9.11 9.28 20.27
CA VAL B 456 10.27 9.98 19.70
C VAL B 456 11.14 10.31 20.90
N LYS B 457 12.33 10.83 20.63
CA LYS B 457 13.23 11.22 21.64
C LYS B 457 13.46 10.05 22.61
N LEU B 458 13.60 10.33 23.90
CA LEU B 458 13.79 9.24 24.87
C LEU B 458 12.63 8.23 24.98
N SER B 459 11.48 8.53 24.41
CA SER B 459 10.34 7.70 24.57
C SER B 459 10.37 6.41 23.70
N GLY B 460 11.33 6.27 22.81
CA GLY B 460 11.40 5.06 22.04
C GLY B 460 12.26 5.07 20.78
N LEU B 461 12.22 3.93 20.09
CA LEU B 461 12.95 3.74 18.87
C LEU B 461 12.10 2.82 18.04
N GLY B 462 11.76 3.24 16.84
CA GLY B 462 10.98 2.35 15.97
C GLY B 462 9.49 2.40 16.22
N ARG B 463 8.71 1.71 15.39
CA ARG B 463 7.25 1.68 15.54
C ARG B 463 6.85 0.23 15.51
N GLU B 464 5.80 -0.09 16.28
CA GLU B 464 5.11 -1.39 16.14
C GLU B 464 3.63 -1.17 15.87
N GLY B 465 2.95 -2.25 15.54
CA GLY B 465 1.56 -2.21 15.19
C GLY B 465 1.37 -2.45 13.73
N GLY B 466 0.26 -3.08 13.37
CA GLY B 466 -0.03 -3.28 11.93
C GLY B 466 1.16 -3.78 11.12
N ARG B 467 1.34 -3.21 9.92
CA ARG B 467 2.46 -3.53 9.08
C ARG B 467 3.84 -3.12 9.66
N PHE B 468 3.83 -2.19 10.61
CA PHE B 468 5.09 -1.85 11.29
C PHE B 468 5.65 -3.07 12.07
N SER B 469 4.75 -3.86 12.67
CA SER B 469 5.17 -5.06 13.37
C SER B 469 5.54 -6.12 12.40
N MET B 470 4.75 -6.27 11.33
CA MET B 470 5.01 -7.32 10.34
C MET B 470 6.41 -7.13 9.69
N ASP B 471 6.83 -5.86 9.59
CA ASP B 471 8.14 -5.51 9.02
C ASP B 471 9.26 -5.73 10.06
N PHE B 472 9.05 -5.28 11.29
CA PHE B 472 10.09 -5.48 12.29
C PHE B 472 10.35 -6.92 12.65
N TYR B 473 9.30 -7.70 12.81
CA TYR B 473 9.48 -9.13 13.15
C TYR B 473 9.84 -10.01 11.93
N SER B 474 10.13 -9.36 10.78
CA SER B 474 10.53 -10.12 9.61
C SER B 474 11.87 -9.70 9.02
N ASP B 475 12.59 -10.63 8.40
CA ASP B 475 13.62 -10.26 7.41
C ASP B 475 12.87 -9.73 6.19
N ILE B 476 13.25 -8.54 5.72
CA ILE B 476 12.77 -8.14 4.40
C ILE B 476 13.86 -8.45 3.40
N ALA B 477 13.53 -9.22 2.37
CA ALA B 477 14.60 -9.63 1.38
C ALA B 477 14.14 -9.18 0.01
N ASN B 478 15.03 -8.50 -0.69
CA ASN B 478 14.77 -8.18 -2.07
C ASN B 478 15.41 -9.23 -3.02
N ILE B 479 14.62 -9.79 -3.93
CA ILE B 479 15.17 -10.76 -4.88
C ILE B 479 15.10 -10.21 -6.31
N CYS B 480 16.23 -10.06 -6.96
CA CYS B 480 16.23 -9.45 -8.30
C CYS B 480 16.56 -10.47 -9.41
N ILE B 481 15.63 -10.64 -10.33
CA ILE B 481 15.76 -11.58 -11.42
C ILE B 481 16.11 -10.85 -12.72
N LYS B 482 17.34 -11.09 -13.24
CA LYS B 482 17.69 -10.58 -14.59
C LYS B 482 17.04 -11.46 -15.65
N ILE B 483 16.38 -10.82 -16.64
CA ILE B 483 15.53 -11.60 -17.58
C ILE B 483 16.21 -11.85 -18.97
N SER C 1 -37.97 -32.87 -3.40
CA SER C 1 -37.19 -31.63 -3.01
C SER C 1 -37.83 -30.35 -3.61
N GLN C 2 -37.85 -29.28 -2.83
CA GLN C 2 -38.40 -28.03 -3.33
C GLN C 2 -37.50 -26.84 -3.03
N LEU C 3 -37.36 -25.93 -3.98
CA LEU C 3 -36.46 -24.78 -3.80
C LEU C 3 -37.20 -23.44 -3.80
N LEU C 4 -37.20 -22.78 -2.66
CA LEU C 4 -37.92 -21.51 -2.52
C LEU C 4 -36.99 -20.31 -2.56
N ASN C 5 -37.54 -19.14 -2.89
CA ASN C 5 -36.81 -17.89 -2.74
C ASN C 5 -36.70 -17.49 -1.28
N TYR C 6 -35.64 -16.75 -0.94
CA TYR C 6 -35.46 -16.21 0.43
C TYR C 6 -35.46 -14.71 0.38
N ILE C 7 -36.54 -14.09 0.88
CA ILE C 7 -36.78 -12.65 0.75
C ILE C 7 -37.14 -11.99 2.09
N ASP C 8 -36.31 -11.04 2.52
CA ASP C 8 -36.55 -10.32 3.78
C ASP C 8 -36.72 -11.31 4.91
N GLY C 9 -35.77 -12.25 4.97
CA GLY C 9 -35.71 -13.27 6.03
C GLY C 9 -36.82 -14.35 5.98
N ASN C 10 -37.68 -14.37 4.93
CA ASN C 10 -38.68 -15.47 4.74
C ASN C 10 -38.51 -16.28 3.46
N PHE C 11 -38.54 -17.59 3.60
CA PHE C 11 -38.65 -18.46 2.40
C PHE C 11 -40.02 -18.44 1.80
N VAL C 12 -40.12 -18.09 0.53
CA VAL C 12 -41.43 -17.92 -0.09
C VAL C 12 -41.49 -18.70 -1.41
N THR C 13 -42.70 -19.04 -1.84
CA THR C 13 -42.93 -19.70 -3.11
C THR C 13 -43.19 -18.62 -4.18
N SER C 14 -43.56 -19.04 -5.40
CA SER C 14 -43.89 -18.11 -6.50
C SER C 14 -45.15 -18.48 -7.27
N ALA C 15 -45.53 -17.68 -8.24
CA ALA C 15 -46.67 -17.98 -9.10
C ALA C 15 -46.34 -19.06 -10.14
N SER C 16 -45.11 -19.57 -10.13
CA SER C 16 -44.69 -20.56 -11.10
C SER C 16 -43.39 -21.18 -10.71
N SER C 17 -43.29 -22.50 -10.86
CA SER C 17 -42.03 -23.18 -10.62
C SER C 17 -41.50 -23.85 -11.88
N PHE C 18 -40.23 -24.23 -11.86
CA PHE C 18 -39.58 -24.92 -12.96
C PHE C 18 -38.77 -26.10 -12.42
N ALA C 19 -38.35 -26.98 -13.33
CA ALA C 19 -37.68 -28.23 -12.96
C ALA C 19 -36.18 -28.10 -12.81
N ASN C 20 -35.60 -28.66 -11.75
CA ASN C 20 -34.15 -28.86 -11.66
C ASN C 20 -33.87 -30.32 -11.95
N ILE C 21 -32.95 -30.58 -12.89
CA ILE C 21 -32.67 -31.92 -13.44
C ILE C 21 -31.28 -32.45 -13.12
N ASN C 22 -31.18 -33.67 -12.59
CA ASN C 22 -29.90 -34.30 -12.38
C ASN C 22 -29.31 -34.74 -13.71
N PRO C 23 -28.21 -34.08 -14.14
CA PRO C 23 -27.61 -34.37 -15.46
C PRO C 23 -27.02 -35.80 -15.58
N VAL C 24 -26.88 -36.52 -14.46
CA VAL C 24 -26.32 -37.86 -14.51
C VAL C 24 -27.31 -38.85 -15.19
N ASN C 25 -28.62 -38.63 -14.98
CA ASN C 25 -29.61 -39.63 -15.26
C ASN C 25 -30.90 -39.01 -15.66
N GLY C 26 -30.93 -37.68 -15.70
CA GLY C 26 -32.06 -36.94 -16.27
C GLY C 26 -33.28 -36.94 -15.39
N LYS C 27 -33.16 -37.51 -14.19
CA LYS C 27 -34.23 -37.45 -13.16
C LYS C 27 -34.47 -36.03 -12.59
N LEU C 28 -35.68 -35.77 -12.13
CA LEU C 28 -36.01 -34.52 -11.49
C LEU C 28 -35.56 -34.56 -10.04
N ILE C 29 -34.71 -33.61 -9.66
CA ILE C 29 -34.27 -33.44 -8.28
C ILE C 29 -35.25 -32.56 -7.52
N SER C 30 -35.71 -31.49 -8.13
CA SER C 30 -36.54 -30.56 -7.38
C SER C 30 -37.32 -29.64 -8.26
N ASP C 31 -38.34 -29.02 -7.66
CA ASP C 31 -39.03 -27.94 -8.31
C ASP C 31 -38.53 -26.59 -7.74
N VAL C 32 -38.24 -25.65 -8.63
CA VAL C 32 -37.67 -24.35 -8.21
C VAL C 32 -38.65 -23.22 -8.48
N PHE C 33 -39.05 -22.52 -7.43
CA PHE C 33 -39.94 -21.36 -7.60
C PHE C 33 -39.35 -20.11 -8.24
N GLU C 34 -39.88 -19.72 -9.38
CA GLU C 34 -39.35 -18.61 -10.15
C GLU C 34 -39.86 -17.27 -9.65
N ALA C 35 -39.00 -16.53 -8.95
CA ALA C 35 -39.34 -15.18 -8.51
C ALA C 35 -39.80 -14.31 -9.69
N ASP C 36 -40.95 -13.64 -9.55
CA ASP C 36 -41.41 -12.73 -10.62
C ASP C 36 -40.94 -11.31 -10.32
N ALA C 37 -41.35 -10.39 -11.17
CA ALA C 37 -40.86 -9.04 -11.11
C ALA C 37 -41.15 -8.43 -9.74
N LYS C 38 -42.33 -8.74 -9.21
CA LYS C 38 -42.78 -8.13 -8.02
C LYS C 38 -41.96 -8.66 -6.87
N GLN C 39 -41.61 -9.93 -6.95
CA GLN C 39 -40.81 -10.54 -5.92
C GLN C 39 -39.35 -10.00 -5.94
N VAL C 40 -38.82 -9.80 -7.13
CA VAL C 40 -37.53 -9.14 -7.28
C VAL C 40 -37.54 -7.75 -6.59
N ASN C 41 -38.57 -6.96 -6.91
CA ASN C 41 -38.72 -5.65 -6.32
C ASN C 41 -38.82 -5.66 -4.80
N GLU C 42 -39.62 -6.57 -4.28
CA GLU C 42 -39.70 -6.74 -2.86
C GLU C 42 -38.33 -7.15 -2.26
N ALA C 43 -37.55 -7.94 -3.01
CA ALA C 43 -36.20 -8.27 -2.56
C ALA C 43 -35.26 -7.03 -2.48
N VAL C 44 -35.30 -6.17 -3.51
CA VAL C 44 -34.43 -5.03 -3.59
C VAL C 44 -34.81 -3.99 -2.51
N VAL C 45 -36.11 -3.81 -2.30
CA VAL C 45 -36.60 -2.93 -1.20
C VAL C 45 -36.24 -3.38 0.21
N ALA C 46 -36.25 -4.68 0.43
CA ALA C 46 -35.79 -5.21 1.69
C ALA C 46 -34.27 -5.04 1.89
N ALA C 47 -33.48 -5.30 0.86
CA ALA C 47 -32.03 -5.10 0.94
C ALA C 47 -31.72 -3.61 1.21
N GLN C 48 -32.43 -2.70 0.51
CA GLN C 48 -32.27 -1.27 0.75
C GLN C 48 -32.51 -0.93 2.22
N ASN C 49 -33.65 -1.42 2.75
CA ASN C 49 -34.02 -1.21 4.15
C ASN C 49 -33.10 -1.82 5.15
N ALA C 50 -32.60 -3.02 4.87
CA ALA C 50 -31.73 -3.70 5.83
C ALA C 50 -30.42 -2.88 6.07
N LEU C 51 -30.05 -2.05 5.09
CA LEU C 51 -28.86 -1.16 5.17
C LEU C 51 -29.06 -0.12 6.29
N LYS C 52 -30.30 0.28 6.52
CA LYS C 52 -30.64 1.25 7.58
C LYS C 52 -31.05 0.53 8.86
N GLY C 53 -30.93 -0.79 8.88
CA GLY C 53 -31.22 -1.55 10.07
C GLY C 53 -29.97 -1.91 10.83
N PRO C 54 -30.04 -2.94 11.67
CA PRO C 54 -28.98 -3.39 12.58
C PRO C 54 -27.67 -3.84 11.90
N TRP C 55 -27.81 -4.32 10.66
CA TRP C 55 -26.67 -4.72 9.85
C TRP C 55 -25.79 -3.53 9.65
N GLY C 56 -26.41 -2.38 9.41
CA GLY C 56 -25.70 -1.11 9.24
C GLY C 56 -25.11 -0.54 10.52
N LYS C 57 -25.55 -1.01 11.67
CA LYS C 57 -24.96 -0.60 12.96
C LYS C 57 -23.80 -1.49 13.36
N LEU C 58 -23.65 -2.62 12.69
CA LEU C 58 -22.56 -3.51 13.05
C LEU C 58 -21.17 -2.88 12.86
N SER C 59 -20.26 -3.12 13.82
CA SER C 59 -18.90 -2.72 13.65
C SER C 59 -18.25 -3.66 12.68
N VAL C 60 -17.15 -3.22 12.13
CA VAL C 60 -16.43 -4.02 11.17
C VAL C 60 -15.99 -5.30 11.81
N GLN C 61 -15.61 -5.29 13.10
CA GLN C 61 -15.25 -6.54 13.80
C GLN C 61 -16.43 -7.51 13.95
N ASP C 62 -17.53 -6.98 14.43
CA ASP C 62 -18.72 -7.82 14.68
C ASP C 62 -19.31 -8.30 13.34
N ARG C 63 -19.23 -7.45 12.30
CA ARG C 63 -19.74 -7.84 11.00
C ARG C 63 -18.93 -9.02 10.50
N ALA C 64 -17.61 -8.91 10.66
CA ALA C 64 -16.71 -9.98 10.24
C ALA C 64 -16.97 -11.24 11.01
N ALA C 65 -17.26 -11.12 12.31
CA ALA C 65 -17.41 -12.36 13.09
C ALA C 65 -18.70 -13.07 12.68
N LEU C 66 -19.71 -12.30 12.30
CA LEU C 66 -20.95 -12.93 11.85
C LEU C 66 -20.73 -13.66 10.50
N ILE C 67 -19.86 -13.09 9.68
CA ILE C 67 -19.50 -13.68 8.41
C ILE C 67 -18.77 -14.98 8.66
N HIS C 68 -17.89 -15.02 9.66
CA HIS C 68 -17.20 -16.26 10.00
C HIS C 68 -18.17 -17.32 10.44
N LYS C 69 -19.20 -16.90 11.15
CA LYS C 69 -20.29 -17.73 11.55
C LYS C 69 -21.12 -18.24 10.36
N ILE C 70 -21.25 -17.45 9.28
CA ILE C 70 -21.78 -18.00 8.05
C ILE C 70 -20.88 -19.18 7.60
N ALA C 71 -19.56 -18.99 7.61
CA ALA C 71 -18.64 -20.01 7.13
C ALA C 71 -18.71 -21.23 8.03
N ASP C 72 -18.77 -21.00 9.32
CA ASP C 72 -18.93 -22.06 10.30
C ASP C 72 -20.19 -22.87 9.97
N GLY C 73 -21.23 -22.16 9.55
CA GLY C 73 -22.49 -22.73 9.30
C GLY C 73 -22.44 -23.65 8.12
N ILE C 74 -21.51 -23.41 7.20
CA ILE C 74 -21.42 -24.22 5.99
C ILE C 74 -20.67 -25.50 6.33
N GLN C 75 -19.47 -25.35 6.91
CA GLN C 75 -18.76 -26.45 7.53
C GLN C 75 -19.65 -27.37 8.41
N ALA C 76 -20.55 -26.77 9.19
CA ALA C 76 -21.44 -27.56 10.03
C ALA C 76 -22.34 -28.46 9.16
N ARG C 77 -22.68 -28.04 7.95
CA ARG C 77 -23.56 -28.81 7.12
C ARG C 77 -22.80 -29.26 5.88
N PHE C 78 -21.53 -29.56 6.04
CA PHE C 78 -20.65 -29.72 4.90
C PHE C 78 -21.14 -30.76 3.92
N GLU C 79 -21.30 -31.98 4.41
CA GLU C 79 -21.75 -33.10 3.55
C GLU C 79 -23.05 -32.81 2.87
N GLU C 80 -23.94 -32.07 3.50
CA GLU C 80 -25.17 -31.69 2.81
C GLU C 80 -24.86 -30.80 1.60
N PHE C 81 -23.83 -29.95 1.74
CA PHE C 81 -23.46 -29.03 0.62
C PHE C 81 -22.83 -29.76 -0.55
N VAL C 82 -21.95 -30.71 -0.24
CA VAL C 82 -21.42 -31.59 -1.25
C VAL C 82 -22.56 -32.25 -2.02
N ALA C 83 -23.52 -32.77 -1.26
CA ALA C 83 -24.64 -33.50 -1.87
C ALA C 83 -25.44 -32.58 -2.80
N ALA C 84 -25.84 -31.40 -2.31
CA ALA C 84 -26.59 -30.48 -3.15
C ALA C 84 -25.89 -30.16 -4.48
N GLU C 85 -24.58 -29.95 -4.42
CA GLU C 85 -23.83 -29.48 -5.62
C GLU C 85 -23.66 -30.61 -6.58
N VAL C 86 -23.40 -31.79 -6.04
CA VAL C 86 -23.34 -33.00 -6.84
C VAL C 86 -24.65 -33.22 -7.61
N ALA C 87 -25.76 -33.23 -6.87
CA ALA C 87 -27.04 -33.50 -7.46
C ALA C 87 -27.27 -32.61 -8.66
N ASP C 88 -27.18 -31.30 -8.44
CA ASP C 88 -27.40 -30.29 -9.49
C ASP C 88 -26.52 -30.53 -10.71
N THR C 89 -25.28 -30.99 -10.54
CA THR C 89 -24.28 -30.80 -11.57
C THR C 89 -23.58 -32.07 -12.01
N GLY C 90 -23.68 -33.09 -11.17
CA GLY C 90 -23.07 -34.37 -11.50
C GLY C 90 -21.57 -34.38 -11.33
N ARG C 91 -21.04 -33.38 -10.64
CA ARG C 91 -19.59 -33.29 -10.50
C ARG C 91 -19.14 -34.41 -9.58
N PRO C 92 -17.93 -34.94 -9.79
CA PRO C 92 -17.34 -35.91 -8.91
C PRO C 92 -17.43 -35.48 -7.44
N VAL C 93 -17.83 -36.42 -6.57
CA VAL C 93 -18.14 -36.18 -5.15
C VAL C 93 -16.89 -35.71 -4.54
N HIS C 94 -15.80 -36.35 -4.93
CA HIS C 94 -14.48 -35.96 -4.50
C HIS C 94 -14.15 -34.53 -4.85
N GLN C 95 -14.46 -34.09 -6.06
CA GLN C 95 -14.14 -32.71 -6.44
C GLN C 95 -14.92 -31.70 -5.55
N ALA C 96 -16.17 -32.03 -5.24
CA ALA C 96 -16.97 -31.12 -4.45
C ALA C 96 -16.42 -31.04 -3.04
N ARG C 97 -15.85 -32.13 -2.55
CA ARG C 97 -15.39 -32.20 -1.16
C ARG C 97 -14.09 -31.47 -0.97
N THR C 98 -13.28 -31.39 -2.00
CA THR C 98 -11.94 -30.85 -1.87
C THR C 98 -11.82 -29.46 -2.52
N LEU C 99 -12.64 -29.16 -3.53
CA LEU C 99 -12.58 -27.86 -4.19
C LEU C 99 -13.82 -26.98 -3.93
N ASP C 100 -14.97 -27.43 -4.40
CA ASP C 100 -16.13 -26.58 -4.46
C ASP C 100 -16.57 -26.06 -3.08
N ILE C 101 -16.73 -26.97 -2.11
CA ILE C 101 -17.26 -26.54 -0.83
C ILE C 101 -16.22 -25.88 0.04
N PRO C 102 -15.00 -26.43 0.13
CA PRO C 102 -14.02 -25.68 0.93
C PRO C 102 -13.76 -24.26 0.38
N ARG C 103 -13.76 -24.08 -0.94
CA ARG C 103 -13.44 -22.81 -1.52
C ARG C 103 -14.49 -21.81 -1.10
N ALA C 104 -15.74 -22.26 -1.03
CA ALA C 104 -16.83 -21.38 -0.71
C ALA C 104 -16.74 -20.93 0.78
N ILE C 105 -16.30 -21.83 1.61
CA ILE C 105 -16.06 -21.47 2.99
C ILE C 105 -14.89 -20.46 3.02
N ALA C 106 -13.84 -20.71 2.25
CA ALA C 106 -12.66 -19.83 2.29
C ALA C 106 -13.02 -18.42 1.79
N ASN C 107 -13.91 -18.35 0.81
CA ASN C 107 -14.38 -17.07 0.29
C ASN C 107 -14.90 -16.17 1.43
N PHE C 108 -15.73 -16.70 2.32
CA PHE C 108 -16.23 -15.88 3.41
C PHE C 108 -15.16 -15.57 4.40
N ARG C 109 -14.35 -16.57 4.74
CA ARG C 109 -13.28 -16.35 5.69
C ARG C 109 -12.28 -15.28 5.21
N THR C 110 -11.92 -15.35 3.95
CA THR C 110 -10.93 -14.44 3.39
C THR C 110 -11.43 -12.99 3.39
N PHE C 111 -12.68 -12.78 3.00
CA PHE C 111 -13.19 -11.42 2.96
C PHE C 111 -13.57 -10.85 4.31
N ALA C 112 -13.95 -11.69 5.25
CA ALA C 112 -14.14 -11.27 6.60
C ALA C 112 -12.83 -10.75 7.14
N ASP C 113 -11.74 -11.46 6.87
CA ASP C 113 -10.47 -11.11 7.36
C ASP C 113 -10.00 -9.79 6.76
N LEU C 114 -10.15 -9.68 5.44
CA LEU C 114 -9.85 -8.47 4.71
C LEU C 114 -10.63 -7.30 5.23
N ALA C 115 -11.87 -7.55 5.62
CA ALA C 115 -12.74 -6.50 6.12
C ALA C 115 -12.17 -5.91 7.40
N LYS C 116 -11.39 -6.68 8.13
CA LYS C 116 -10.85 -6.23 9.38
C LYS C 116 -9.53 -5.57 9.16
N THR C 117 -8.75 -6.05 8.22
CA THR C 117 -7.40 -5.51 8.04
C THR C 117 -7.38 -4.26 7.14
N SER C 118 -8.41 -4.06 6.31
CA SER C 118 -8.31 -3.06 5.22
C SER C 118 -8.36 -1.67 5.82
N HIS C 119 -7.59 -0.77 5.27
CA HIS C 119 -7.69 0.61 5.71
C HIS C 119 -7.61 1.47 4.50
N THR C 120 -7.63 2.79 4.66
CA THR C 120 -7.62 3.71 3.56
C THR C 120 -6.49 4.73 3.68
N ASP C 121 -6.64 5.91 3.03
CA ASP C 121 -5.51 6.81 2.79
C ASP C 121 -5.60 8.19 3.41
N LEU C 122 -4.45 8.73 3.86
CA LEU C 122 -4.39 10.12 4.30
C LEU C 122 -3.46 10.90 3.37
N PHE C 123 -3.94 12.04 2.84
CA PHE C 123 -3.09 12.91 1.97
C PHE C 123 -3.03 14.32 2.53
N GLU C 124 -1.84 14.81 2.88
CA GLU C 124 -1.67 16.18 3.40
C GLU C 124 -1.36 17.12 2.26
N MET C 125 -1.73 18.39 2.39
CA MET C 125 -1.46 19.31 1.31
C MET C 125 -1.33 20.70 1.85
N SER C 126 -0.61 21.54 1.09
CA SER C 126 -0.40 22.93 1.44
C SER C 126 -1.48 23.76 0.77
N THR C 127 -1.81 24.87 1.40
CA THR C 127 -2.77 25.81 0.79
C THR C 127 -2.24 27.22 0.79
N SER C 128 -2.74 28.02 -0.12
CA SER C 128 -2.22 29.39 -0.28
C SER C 128 -2.21 30.23 1.00
N ASP C 129 -3.08 29.97 1.97
CA ASP C 129 -3.07 30.71 3.27
C ASP C 129 -2.10 30.16 4.26
N GLY C 130 -1.28 29.19 3.85
CA GLY C 130 -0.27 28.61 4.76
C GLY C 130 -0.79 27.66 5.88
N SER C 131 -2.11 27.49 5.98
CA SER C 131 -2.65 26.60 6.98
C SER C 131 -2.75 25.15 6.56
N GLY C 132 -2.83 24.91 5.25
CA GLY C 132 -2.92 23.56 4.74
C GLY C 132 -4.33 22.91 4.80
N ALA C 133 -4.40 21.68 4.29
CA ALA C 133 -5.61 20.88 4.32
C ALA C 133 -5.26 19.37 4.45
N LEU C 134 -6.27 18.57 4.83
CA LEU C 134 -6.14 17.10 4.90
C LEU C 134 -7.18 16.49 4.01
N ASN C 135 -6.78 15.51 3.18
CA ASN C 135 -7.72 14.67 2.46
C ASN C 135 -7.58 13.29 3.04
N TYR C 136 -8.67 12.72 3.57
CA TYR C 136 -8.70 11.28 3.89
C TYR C 136 -9.80 10.55 3.15
N THR C 137 -9.59 9.25 2.93
CA THR C 137 -10.61 8.47 2.19
C THR C 137 -11.21 7.46 3.11
N VAL C 138 -12.44 7.02 2.79
CA VAL C 138 -13.12 5.99 3.55
C VAL C 138 -13.82 5.01 2.60
N ARG C 139 -13.99 3.76 3.06
CA ARG C 139 -14.75 2.77 2.32
C ARG C 139 -16.08 2.66 3.01
N LYS C 140 -17.13 2.80 2.22
CA LYS C 140 -18.48 2.63 2.72
C LYS C 140 -19.17 1.57 1.91
N PRO C 141 -20.26 0.95 2.44
CA PRO C 141 -21.02 0.03 1.62
C PRO C 141 -21.44 0.73 0.33
N LEU C 142 -21.29 0.08 -0.79
CA LEU C 142 -21.85 0.57 -2.05
C LEU C 142 -23.38 0.74 -1.97
N GLY C 143 -24.03 -0.20 -1.29
CA GLY C 143 -25.48 -0.25 -1.16
C GLY C 143 -25.97 -1.68 -1.47
N VAL C 144 -26.92 -1.82 -2.40
CA VAL C 144 -27.49 -3.14 -2.75
C VAL C 144 -26.76 -3.72 -3.90
N ILE C 145 -26.16 -4.90 -3.68
CA ILE C 145 -25.37 -5.53 -4.68
C ILE C 145 -26.20 -6.59 -5.39
N GLY C 146 -26.38 -6.46 -6.70
CA GLY C 146 -27.01 -7.49 -7.49
C GLY C 146 -26.01 -8.54 -7.93
N VAL C 147 -26.30 -9.80 -7.59
CA VAL C 147 -25.39 -10.91 -7.88
C VAL C 147 -26.05 -11.90 -8.83
N ILE C 148 -25.43 -12.12 -9.99
CA ILE C 148 -25.94 -13.13 -10.93
C ILE C 148 -24.83 -14.12 -11.35
N SER C 149 -25.01 -15.40 -10.99
CA SER C 149 -23.92 -16.36 -11.06
C SER C 149 -24.22 -17.56 -12.00
N PRO C 150 -23.16 -18.24 -12.49
CA PRO C 150 -23.41 -19.31 -13.49
C PRO C 150 -23.43 -20.70 -12.81
N TRP C 151 -23.45 -21.76 -13.63
CA TRP C 151 -23.76 -23.09 -13.16
C TRP C 151 -22.54 -23.98 -13.04
N ASN C 152 -21.37 -23.51 -13.46
CA ASN C 152 -20.19 -24.41 -13.58
C ASN C 152 -19.56 -24.76 -12.23
N LEU C 153 -19.33 -23.73 -11.40
CA LEU C 153 -18.90 -23.93 -10.03
C LEU C 153 -19.88 -23.15 -9.16
N PRO C 154 -21.01 -23.77 -8.81
CA PRO C 154 -22.17 -23.01 -8.41
C PRO C 154 -21.95 -22.29 -7.09
N LEU C 155 -21.66 -23.03 -6.02
CA LEU C 155 -21.40 -22.38 -4.72
C LEU C 155 -20.13 -21.54 -4.73
N LEU C 156 -19.04 -22.06 -5.30
CA LEU C 156 -17.75 -21.35 -5.32
C LEU C 156 -17.94 -19.95 -5.91
N LEU C 157 -18.56 -19.86 -7.10
CA LEU C 157 -18.70 -18.60 -7.79
C LEU C 157 -19.78 -17.69 -7.19
N PHE C 158 -20.81 -18.29 -6.60
CA PHE C 158 -21.84 -17.55 -5.92
C PHE C 158 -21.24 -16.82 -4.66
N THR C 159 -20.46 -17.56 -3.87
CA THR C 159 -19.92 -17.00 -2.67
C THR C 159 -18.73 -16.08 -2.95
N TRP C 160 -18.09 -16.23 -4.09
CA TRP C 160 -16.99 -15.36 -4.50
C TRP C 160 -17.50 -13.95 -4.63
N LYS C 161 -18.79 -13.82 -4.93
CA LYS C 161 -19.39 -12.51 -5.09
C LYS C 161 -20.12 -12.06 -3.83
N VAL C 162 -20.81 -12.98 -3.20
CA VAL C 162 -21.56 -12.66 -2.00
C VAL C 162 -20.65 -12.37 -0.81
N ALA C 163 -19.57 -13.12 -0.66
CA ALA C 163 -18.74 -12.89 0.52
C ALA C 163 -18.14 -11.44 0.58
N PRO C 164 -17.43 -10.98 -0.48
CA PRO C 164 -16.93 -9.57 -0.38
C PRO C 164 -18.05 -8.54 -0.29
N ALA C 165 -19.17 -8.77 -0.96
CA ALA C 165 -20.29 -7.85 -0.89
C ALA C 165 -20.66 -7.66 0.56
N LEU C 166 -20.83 -8.74 1.30
CA LEU C 166 -21.27 -8.63 2.68
C LEU C 166 -20.12 -8.15 3.57
N ALA C 167 -18.91 -8.62 3.29
CA ALA C 167 -17.77 -8.16 4.12
C ALA C 167 -17.66 -6.60 4.04
N CYS C 168 -17.99 -6.02 2.87
CA CYS C 168 -17.96 -4.57 2.72
C CYS C 168 -19.24 -3.86 3.25
N GLY C 169 -20.15 -4.59 3.90
CA GLY C 169 -21.29 -3.98 4.60
C GLY C 169 -22.48 -3.80 3.68
N ASN C 170 -22.37 -4.28 2.43
CA ASN C 170 -23.47 -4.17 1.52
C ASN C 170 -24.59 -5.10 1.92
N THR C 171 -25.73 -4.92 1.25
CA THR C 171 -26.76 -5.96 1.24
C THR C 171 -26.84 -6.57 -0.16
N VAL C 172 -27.42 -7.79 -0.26
CA VAL C 172 -27.28 -8.61 -1.48
C VAL C 172 -28.62 -9.15 -1.99
N VAL C 173 -28.84 -9.05 -3.30
CA VAL C 173 -29.94 -9.78 -3.96
C VAL C 173 -29.29 -10.65 -5.03
N ALA C 174 -29.40 -11.97 -4.87
CA ALA C 174 -28.57 -12.91 -5.57
C ALA C 174 -29.40 -13.93 -6.34
N LYS C 175 -29.09 -14.10 -7.64
CA LYS C 175 -29.81 -14.97 -8.55
C LYS C 175 -28.87 -16.03 -9.12
N PRO C 176 -28.93 -17.25 -8.55
CA PRO C 176 -28.02 -18.30 -9.00
C PRO C 176 -28.55 -18.88 -10.33
N SER C 177 -27.72 -19.64 -11.04
CA SER C 177 -28.14 -20.15 -12.31
C SER C 177 -29.39 -21.07 -12.11
N GLU C 178 -30.37 -20.95 -13.01
CA GLU C 178 -31.47 -21.96 -13.11
C GLU C 178 -31.03 -23.42 -13.03
N GLU C 179 -29.86 -23.73 -13.60
CA GLU C 179 -29.30 -25.08 -13.61
C GLU C 179 -28.80 -25.59 -12.25
N SER C 180 -28.40 -24.68 -11.34
CA SER C 180 -27.78 -25.14 -10.09
C SER C 180 -28.21 -24.28 -8.86
N PRO C 181 -29.48 -24.40 -8.46
CA PRO C 181 -29.99 -23.54 -7.41
C PRO C 181 -29.92 -24.10 -5.99
N SER C 182 -29.40 -25.30 -5.85
CA SER C 182 -29.49 -25.99 -4.58
C SER C 182 -28.55 -25.51 -3.50
N SER C 183 -27.25 -25.57 -3.77
CA SER C 183 -26.24 -25.09 -2.80
C SER C 183 -26.59 -23.67 -2.32
N ALA C 184 -27.15 -22.84 -3.20
CA ALA C 184 -27.46 -21.45 -2.83
C ALA C 184 -28.67 -21.34 -1.92
N THR C 185 -29.62 -22.25 -2.11
CA THR C 185 -30.83 -22.31 -1.28
C THR C 185 -30.45 -22.80 0.11
N LEU C 186 -29.53 -23.75 0.14
CA LEU C 186 -28.96 -24.17 1.43
C LEU C 186 -28.21 -23.00 2.11
N LEU C 187 -27.52 -22.17 1.33
CA LEU C 187 -26.79 -21.05 1.92
C LEU C 187 -27.77 -20.11 2.61
N ALA C 188 -28.87 -19.82 1.95
CA ALA C 188 -29.96 -19.03 2.53
C ALA C 188 -30.39 -19.53 3.91
N GLU C 189 -30.46 -20.86 4.06
CA GLU C 189 -30.76 -21.48 5.36
C GLU C 189 -29.66 -21.20 6.33
N VAL C 190 -28.42 -21.41 5.92
CA VAL C 190 -27.29 -21.06 6.78
C VAL C 190 -27.35 -19.55 7.18
N MET C 191 -27.68 -18.65 6.25
CA MET C 191 -27.72 -17.25 6.61
C MET C 191 -28.72 -17.08 7.74
N HIS C 192 -29.91 -17.65 7.52
CA HIS C 192 -30.97 -17.59 8.46
C HIS C 192 -30.56 -18.17 9.77
N ASP C 193 -29.99 -19.35 9.77
CA ASP C 193 -29.68 -19.94 11.08
C ASP C 193 -28.49 -19.24 11.76
N ALA C 194 -27.80 -18.37 11.02
CA ALA C 194 -26.65 -17.66 11.59
C ALA C 194 -27.11 -16.41 12.32
N GLY C 195 -28.35 -16.00 12.05
CA GLY C 195 -28.90 -14.78 12.56
C GLY C 195 -28.68 -13.60 11.64
N VAL C 196 -28.46 -13.85 10.36
CA VAL C 196 -28.17 -12.75 9.47
C VAL C 196 -29.45 -11.97 9.37
N PRO C 197 -29.42 -10.66 9.65
CA PRO C 197 -30.63 -9.83 9.71
C PRO C 197 -31.40 -9.87 8.42
N PRO C 198 -32.76 -9.83 8.51
CA PRO C 198 -33.62 -10.00 7.35
C PRO C 198 -33.43 -8.87 6.38
N GLY C 199 -33.31 -9.20 5.10
CA GLY C 199 -33.12 -8.22 4.02
C GLY C 199 -31.65 -8.09 3.65
N VAL C 200 -30.75 -8.60 4.50
CA VAL C 200 -29.30 -8.49 4.23
C VAL C 200 -28.91 -9.38 3.01
N PHE C 201 -29.44 -10.60 3.00
CA PHE C 201 -29.18 -11.55 1.92
C PHE C 201 -30.50 -12.06 1.34
N ASN C 202 -30.75 -11.73 0.07
CA ASN C 202 -31.98 -12.17 -0.62
C ASN C 202 -31.67 -13.07 -1.79
N LEU C 203 -32.36 -14.21 -1.85
CA LEU C 203 -32.13 -15.24 -2.91
C LEU C 203 -33.34 -15.30 -3.78
N ILE C 204 -33.12 -15.04 -5.06
CA ILE C 204 -34.24 -15.09 -5.99
C ILE C 204 -33.90 -16.10 -7.06
N HIS C 205 -34.81 -17.04 -7.34
CA HIS C 205 -34.62 -18.05 -8.41
C HIS C 205 -35.24 -17.67 -9.72
N GLY C 206 -34.80 -18.31 -10.78
CA GLY C 206 -35.36 -17.93 -12.07
C GLY C 206 -34.32 -17.99 -13.14
N PHE C 207 -34.68 -17.51 -14.33
CA PHE C 207 -33.80 -17.54 -15.48
C PHE C 207 -33.24 -16.16 -15.71
N GLY C 208 -32.77 -15.91 -16.93
CA GLY C 208 -32.22 -14.64 -17.28
C GLY C 208 -33.29 -13.78 -17.94
N LYS C 209 -33.21 -13.73 -19.26
CA LYS C 209 -34.07 -12.88 -20.09
C LYS C 209 -35.56 -13.06 -19.70
N ASP C 210 -36.27 -11.97 -19.48
CA ASP C 210 -37.66 -12.06 -19.12
C ASP C 210 -37.94 -12.80 -17.81
N SER C 211 -36.89 -13.05 -17.03
CA SER C 211 -37.06 -13.67 -15.71
C SER C 211 -36.30 -12.88 -14.57
N ALA C 212 -36.14 -13.52 -13.41
CA ALA C 212 -35.54 -12.87 -12.23
C ALA C 212 -34.22 -12.11 -12.60
N GLY C 213 -33.36 -12.74 -13.42
CA GLY C 213 -32.09 -12.19 -13.83
C GLY C 213 -32.24 -10.80 -14.41
N GLU C 214 -32.97 -10.72 -15.52
CA GLU C 214 -33.27 -9.45 -16.16
C GLU C 214 -33.89 -8.45 -15.20
N PHE C 215 -34.82 -8.92 -14.36
CA PHE C 215 -35.54 -8.02 -13.44
C PHE C 215 -34.57 -7.38 -12.41
N LEU C 216 -33.67 -8.18 -11.85
CA LEU C 216 -32.63 -7.69 -10.97
C LEU C 216 -31.90 -6.59 -11.69
N THR C 217 -31.47 -6.94 -12.88
CA THR C 217 -30.65 -6.11 -13.71
C THR C 217 -31.28 -4.75 -14.12
N GLN C 218 -32.60 -4.67 -14.17
CA GLN C 218 -33.26 -3.43 -14.57
C GLN C 218 -33.78 -2.68 -13.37
N HIS C 219 -33.59 -3.22 -12.19
CA HIS C 219 -34.15 -2.58 -11.02
C HIS C 219 -33.28 -1.42 -10.60
N PRO C 220 -33.88 -0.23 -10.43
CA PRO C 220 -33.14 1.01 -10.12
C PRO C 220 -32.64 1.12 -8.67
N GLY C 221 -33.05 0.20 -7.81
CA GLY C 221 -32.66 0.20 -6.41
C GLY C 221 -31.31 -0.45 -6.09
N ILE C 222 -30.73 -1.14 -7.06
CA ILE C 222 -29.44 -1.74 -6.83
C ILE C 222 -28.35 -0.68 -7.05
N SER C 223 -27.16 -0.93 -6.49
CA SER C 223 -26.04 -0.04 -6.69
C SER C 223 -24.98 -0.62 -7.61
N ALA C 224 -24.94 -1.93 -7.72
CA ALA C 224 -23.97 -2.60 -8.56
C ALA C 224 -24.53 -3.94 -9.06
N LEU C 225 -23.95 -4.41 -10.13
CA LEU C 225 -24.24 -5.74 -10.63
C LEU C 225 -22.93 -6.43 -10.96
N THR C 226 -22.61 -7.48 -10.23
CA THR C 226 -21.42 -8.24 -10.47
C THR C 226 -21.84 -9.55 -11.12
N PHE C 227 -21.18 -9.91 -12.20
CA PHE C 227 -21.67 -10.98 -13.06
C PHE C 227 -20.55 -11.87 -13.51
N THR C 228 -20.82 -13.16 -13.53
CA THR C 228 -19.87 -14.13 -14.08
C THR C 228 -20.63 -15.06 -15.07
N GLY C 229 -20.22 -15.09 -16.33
CA GLY C 229 -20.93 -15.88 -17.32
C GLY C 229 -20.58 -15.61 -18.75
N GLU C 230 -21.56 -15.76 -19.61
CA GLU C 230 -21.26 -15.66 -21.01
C GLU C 230 -20.97 -14.21 -21.40
N SER C 231 -20.01 -14.05 -22.30
CA SER C 231 -19.62 -12.74 -22.76
C SER C 231 -20.76 -11.93 -23.42
N LYS C 232 -21.58 -12.55 -24.25
CA LYS C 232 -22.75 -11.83 -24.80
C LYS C 232 -23.76 -11.44 -23.70
N THR C 233 -23.88 -12.24 -22.65
CA THR C 233 -24.80 -11.92 -21.55
C THR C 233 -24.27 -10.67 -20.79
N GLY C 234 -22.95 -10.58 -20.63
CA GLY C 234 -22.32 -9.40 -19.99
C GLY C 234 -22.66 -8.14 -20.75
N SER C 235 -22.51 -8.18 -22.07
CA SER C 235 -22.78 -7.04 -22.89
C SER C 235 -24.23 -6.62 -22.69
N THR C 236 -25.09 -7.62 -22.52
CA THR C 236 -26.54 -7.39 -22.38
C THR C 236 -26.81 -6.73 -21.05
N ILE C 237 -26.14 -7.20 -20.01
CA ILE C 237 -26.31 -6.62 -18.71
C ILE C 237 -25.79 -5.18 -18.69
N MET C 238 -24.66 -4.96 -19.35
CA MET C 238 -24.06 -3.63 -19.42
C MET C 238 -25.05 -2.63 -19.99
N LYS C 239 -25.74 -3.00 -21.07
CA LYS C 239 -26.78 -2.08 -21.64
C LYS C 239 -27.90 -1.96 -20.65
N ALA C 240 -28.23 -3.04 -20.00
CA ALA C 240 -29.40 -3.03 -19.12
C ALA C 240 -29.23 -2.08 -17.89
N VAL C 241 -27.98 -1.94 -17.34
CA VAL C 241 -27.76 -1.09 -16.16
C VAL C 241 -27.31 0.31 -16.56
N ALA C 242 -27.28 0.57 -17.86
CA ALA C 242 -26.59 1.73 -18.36
C ALA C 242 -27.27 3.05 -18.02
N ASP C 243 -28.59 3.05 -17.97
CA ASP C 243 -29.34 4.27 -17.71
C ASP C 243 -29.19 4.67 -16.27
N GLY C 244 -29.05 3.71 -15.37
CA GLY C 244 -28.81 4.04 -13.96
C GLY C 244 -27.29 4.19 -13.64
N VAL C 245 -26.42 4.02 -14.62
CA VAL C 245 -24.95 4.13 -14.45
C VAL C 245 -24.46 3.32 -13.23
N LYS C 246 -25.01 2.12 -13.08
CA LYS C 246 -24.61 1.22 -12.02
C LYS C 246 -23.16 0.74 -12.19
N GLU C 247 -22.48 0.56 -11.07
CA GLU C 247 -21.14 -0.07 -11.06
C GLU C 247 -21.25 -1.52 -11.56
N VAL C 248 -20.32 -1.94 -12.41
CA VAL C 248 -20.36 -3.27 -12.99
C VAL C 248 -19.01 -3.96 -12.85
N SER C 249 -19.04 -5.26 -12.55
CA SER C 249 -17.86 -6.10 -12.55
C SER C 249 -18.16 -7.40 -13.31
N PHE C 250 -17.49 -7.59 -14.44
CA PHE C 250 -17.69 -8.76 -15.29
C PHE C 250 -16.49 -9.73 -15.41
N ALA C 251 -16.78 -11.02 -15.19
CA ALA C 251 -15.85 -12.10 -15.53
C ALA C 251 -16.58 -13.00 -16.54
N LEU C 252 -16.09 -13.01 -17.78
CA LEU C 252 -16.88 -13.56 -18.87
C LEU C 252 -16.17 -14.74 -19.54
N GLY C 253 -16.39 -14.93 -20.85
CA GLY C 253 -15.81 -16.10 -21.55
C GLY C 253 -14.29 -16.12 -21.73
N GLY C 254 -13.76 -17.24 -22.17
CA GLY C 254 -12.38 -17.36 -22.60
C GLY C 254 -12.25 -18.32 -23.81
N LYS C 255 -11.22 -18.13 -24.63
CA LYS C 255 -10.73 -19.22 -25.46
C LYS C 255 -9.27 -19.38 -25.12
N ASN C 256 -9.01 -20.00 -23.96
CA ASN C 256 -7.69 -20.04 -23.34
C ASN C 256 -6.72 -20.98 -23.97
N ALA C 257 -5.46 -20.56 -24.03
CA ALA C 257 -4.42 -21.38 -24.53
C ALA C 257 -3.50 -21.95 -23.46
N ALA C 258 -2.96 -23.14 -23.70
CA ALA C 258 -1.80 -23.57 -22.97
C ALA C 258 -0.65 -23.68 -23.95
N VAL C 259 0.56 -23.33 -23.52
CA VAL C 259 1.74 -23.36 -24.35
C VAL C 259 2.79 -24.26 -23.73
N VAL C 260 3.23 -25.27 -24.48
CA VAL C 260 4.25 -26.15 -24.02
C VAL C 260 5.54 -25.93 -24.85
N PHE C 261 6.57 -25.38 -24.21
CA PHE C 261 7.84 -25.16 -24.88
C PHE C 261 8.68 -26.39 -24.85
N ALA C 262 9.61 -26.51 -25.77
CA ALA C 262 10.49 -27.69 -25.86
C ALA C 262 11.22 -27.97 -24.54
N ASP C 263 11.59 -26.95 -23.75
CA ASP C 263 12.31 -27.25 -22.52
C ASP C 263 11.35 -27.60 -21.31
N ALA C 264 10.09 -27.84 -21.57
CA ALA C 264 9.17 -28.20 -20.49
C ALA C 264 9.47 -29.57 -19.94
N ASP C 265 9.08 -29.80 -18.69
CA ASP C 265 8.97 -31.17 -18.19
C ASP C 265 7.76 -31.73 -18.95
N LEU C 266 8.04 -32.65 -19.88
CA LEU C 266 6.98 -33.13 -20.79
C LEU C 266 5.88 -33.87 -20.05
N ASP C 267 6.28 -34.70 -19.11
CA ASP C 267 5.35 -35.47 -18.32
C ASP C 267 4.44 -34.57 -17.51
N ALA C 268 5.06 -33.61 -16.85
CA ALA C 268 4.30 -32.64 -16.06
C ALA C 268 3.32 -31.88 -16.94
N ALA C 269 3.76 -31.52 -18.14
CA ALA C 269 2.88 -30.72 -19.03
C ALA C 269 1.71 -31.53 -19.57
N ILE C 270 1.95 -32.82 -19.82
CA ILE C 270 0.87 -33.66 -20.31
C ILE C 270 -0.22 -33.76 -19.22
N GLU C 271 0.23 -34.13 -18.02
CA GLU C 271 -0.62 -34.07 -16.84
C GLU C 271 -1.31 -32.68 -16.67
N GLY C 272 -0.55 -31.59 -16.82
CA GLY C 272 -1.07 -30.25 -16.51
C GLY C 272 -2.16 -29.87 -17.50
N VAL C 273 -1.89 -30.13 -18.78
CA VAL C 273 -2.88 -29.92 -19.87
C VAL C 273 -4.08 -30.85 -19.84
N LEU C 274 -3.83 -32.11 -19.47
CA LEU C 274 -4.96 -33.01 -19.09
C LEU C 274 -5.94 -32.30 -18.13
N ARG C 275 -5.43 -31.81 -16.99
CA ARG C 275 -6.26 -31.14 -16.00
C ARG C 275 -6.84 -29.87 -16.53
N SER C 276 -6.03 -29.05 -17.24
CA SER C 276 -6.60 -27.79 -17.73
C SER C 276 -7.71 -27.93 -18.80
N SER C 277 -7.76 -29.06 -19.49
CA SER C 277 -8.76 -29.23 -20.55
C SER C 277 -10.03 -29.97 -20.07
N PHE C 278 -9.84 -30.94 -19.16
CA PHE C 278 -10.96 -31.80 -18.78
C PHE C 278 -11.42 -31.72 -17.30
N THR C 279 -10.84 -30.80 -16.51
CA THR C 279 -11.39 -30.55 -15.17
C THR C 279 -12.83 -30.16 -15.24
N ASN C 280 -13.64 -30.71 -14.34
CA ASN C 280 -15.06 -30.32 -14.32
C ASN C 280 -15.72 -30.60 -15.66
N SER C 281 -15.22 -31.64 -16.36
CA SER C 281 -15.64 -31.94 -17.72
C SER C 281 -15.48 -30.74 -18.68
N GLY C 282 -14.36 -30.02 -18.52
CA GLY C 282 -14.02 -28.86 -19.34
C GLY C 282 -14.94 -27.67 -19.16
N GLN C 283 -15.77 -27.71 -18.10
CA GLN C 283 -16.72 -26.64 -17.86
C GLN C 283 -16.15 -25.62 -16.85
N VAL C 284 -14.91 -25.16 -17.10
CA VAL C 284 -14.42 -23.98 -16.38
C VAL C 284 -14.02 -22.83 -17.32
N CYS C 285 -14.31 -21.60 -16.94
CA CYS C 285 -13.93 -20.45 -17.75
C CYS C 285 -12.43 -20.46 -18.07
N LEU C 286 -11.65 -21.11 -17.21
CA LEU C 286 -10.20 -21.08 -17.30
C LEU C 286 -9.60 -22.20 -18.12
N CYS C 287 -10.42 -23.14 -18.59
CA CYS C 287 -9.88 -24.32 -19.26
C CYS C 287 -9.14 -23.95 -20.53
N SER C 288 -8.13 -24.75 -20.84
CA SER C 288 -7.40 -24.62 -22.08
C SER C 288 -8.06 -25.35 -23.27
N GLU C 289 -8.84 -24.63 -24.08
CA GLU C 289 -9.45 -25.20 -25.28
C GLU C 289 -8.52 -25.13 -26.50
N ARG C 290 -7.51 -24.27 -26.43
CA ARG C 290 -6.45 -24.26 -27.44
C ARG C 290 -5.12 -24.64 -26.78
N VAL C 291 -4.31 -25.46 -27.44
CA VAL C 291 -3.02 -25.85 -26.88
C VAL C 291 -2.00 -25.75 -28.02
N TYR C 292 -0.86 -25.12 -27.77
CA TYR C 292 0.24 -25.04 -28.77
C TYR C 292 1.42 -25.73 -28.15
N VAL C 293 2.14 -26.55 -28.94
CA VAL C 293 3.20 -27.40 -28.43
C VAL C 293 4.38 -27.26 -29.37
N HIS C 294 5.59 -27.13 -28.86
CA HIS C 294 6.68 -26.98 -29.81
C HIS C 294 6.81 -28.21 -30.72
N ARG C 295 7.10 -27.95 -32.00
CA ARG C 295 7.14 -28.96 -33.04
C ARG C 295 8.00 -30.15 -32.67
N SER C 296 9.14 -29.90 -32.07
CA SER C 296 10.06 -30.95 -31.69
C SER C 296 9.48 -32.02 -30.74
N ILE C 297 8.40 -31.70 -30.04
CA ILE C 297 7.82 -32.60 -29.08
C ILE C 297 6.34 -32.85 -29.34
N PHE C 298 5.81 -32.31 -30.42
CA PHE C 298 4.38 -32.33 -30.64
C PHE C 298 3.82 -33.75 -30.63
N ASP C 299 4.41 -34.66 -31.39
CA ASP C 299 3.75 -35.97 -31.57
C ASP C 299 3.72 -36.72 -30.25
N GLU C 300 4.87 -36.70 -29.56
CA GLU C 300 5.02 -37.36 -28.28
C GLU C 300 4.03 -36.77 -27.28
N PHE C 301 3.84 -35.46 -27.31
CA PHE C 301 2.81 -34.83 -26.48
C PHE C 301 1.42 -35.34 -26.76
N VAL C 302 1.00 -35.25 -28.00
CA VAL C 302 -0.33 -35.73 -28.36
C VAL C 302 -0.53 -37.20 -27.94
N SER C 303 0.49 -38.03 -28.14
CA SER C 303 0.39 -39.47 -27.83
C SER C 303 0.17 -39.63 -26.35
N GLY C 304 0.97 -38.90 -25.57
CA GLY C 304 0.91 -39.03 -24.11
C GLY C 304 -0.43 -38.57 -23.64
N LEU C 305 -0.96 -37.56 -24.28
CA LEU C 305 -2.17 -36.96 -23.78
C LEU C 305 -3.35 -37.81 -24.17
N LYS C 306 -3.28 -38.40 -25.37
CA LYS C 306 -4.36 -39.31 -25.83
C LYS C 306 -4.49 -40.44 -24.83
N VAL C 307 -3.35 -40.94 -24.39
CA VAL C 307 -3.29 -42.05 -23.47
C VAL C 307 -3.93 -41.67 -22.12
N GLU C 308 -3.51 -40.53 -21.58
CA GLU C 308 -4.02 -40.10 -20.27
C GLU C 308 -5.48 -39.77 -20.38
N ALA C 309 -5.86 -39.14 -21.48
CA ALA C 309 -7.27 -38.83 -21.71
C ALA C 309 -8.09 -40.14 -21.67
N GLU C 310 -7.55 -41.20 -22.26
CA GLU C 310 -8.32 -42.44 -22.35
C GLU C 310 -8.45 -43.17 -21.03
N ARG C 311 -7.52 -42.92 -20.11
CA ARG C 311 -7.65 -43.47 -18.77
C ARG C 311 -8.72 -42.85 -17.92
N LEU C 312 -9.19 -41.67 -18.28
CA LEU C 312 -10.17 -40.95 -17.46
C LEU C 312 -11.46 -41.71 -17.32
N VAL C 313 -11.95 -41.84 -16.09
CA VAL C 313 -13.16 -42.59 -15.79
C VAL C 313 -14.35 -41.65 -15.83
N VAL C 314 -15.19 -41.84 -16.82
CA VAL C 314 -16.35 -41.00 -16.96
C VAL C 314 -17.55 -41.77 -16.42
N GLY C 315 -18.13 -41.31 -15.29
CA GLY C 315 -19.15 -42.12 -14.64
C GLY C 315 -19.90 -41.43 -13.54
N TYR C 316 -20.35 -42.22 -12.55
CA TYR C 316 -21.07 -41.71 -11.39
C TYR C 316 -20.19 -40.78 -10.53
N PRO C 317 -20.78 -39.70 -10.00
CA PRO C 317 -20.06 -38.78 -9.13
C PRO C 317 -19.34 -39.52 -8.02
N ASP C 318 -19.94 -40.60 -7.54
CA ASP C 318 -19.33 -41.37 -6.44
C ASP C 318 -18.68 -42.68 -6.91
N GLN C 319 -18.72 -42.90 -8.23
CA GLN C 319 -18.01 -44.03 -8.82
C GLN C 319 -16.53 -44.02 -8.47
N ASP C 320 -16.00 -45.17 -8.11
CA ASP C 320 -14.62 -45.31 -7.71
C ASP C 320 -13.72 -44.83 -8.85
N GLY C 321 -12.75 -43.97 -8.53
CA GLY C 321 -11.75 -43.47 -9.50
C GLY C 321 -12.28 -42.48 -10.56
N VAL C 322 -13.53 -42.05 -10.41
CA VAL C 322 -14.19 -41.24 -11.42
C VAL C 322 -13.45 -39.92 -11.62
N ASN C 323 -13.16 -39.57 -12.86
CA ASN C 323 -12.43 -38.35 -13.17
C ASN C 323 -13.40 -37.34 -13.78
N MET C 324 -14.39 -37.83 -14.52
CA MET C 324 -15.30 -36.96 -15.14
C MET C 324 -16.74 -37.32 -14.83
N GLY C 325 -17.56 -36.29 -14.62
CA GLY C 325 -19.02 -36.40 -14.58
C GLY C 325 -19.57 -35.97 -15.91
N PRO C 326 -20.88 -35.76 -16.00
CA PRO C 326 -21.49 -35.31 -17.22
C PRO C 326 -21.42 -33.80 -17.35
N LEU C 327 -21.94 -33.31 -18.46
CA LEU C 327 -22.18 -31.92 -18.67
C LEU C 327 -23.32 -31.51 -17.80
N ILE C 328 -23.48 -30.19 -17.58
CA ILE C 328 -24.59 -29.65 -16.79
C ILE C 328 -26.01 -30.02 -17.25
N SER C 329 -26.26 -30.05 -18.55
CA SER C 329 -27.61 -30.27 -19.04
C SER C 329 -27.61 -30.92 -20.44
N HIS C 330 -28.80 -31.16 -20.96
CA HIS C 330 -28.96 -31.74 -22.26
C HIS C 330 -28.82 -30.63 -23.22
N GLY C 331 -29.35 -29.45 -22.88
CA GLY C 331 -29.19 -28.26 -23.72
C GLY C 331 -27.71 -28.03 -24.01
N HIS C 332 -26.92 -28.06 -22.95
CA HIS C 332 -25.52 -27.72 -23.10
C HIS C 332 -24.80 -28.81 -23.83
N ARG C 333 -25.23 -30.07 -23.64
CA ARG C 333 -24.62 -31.17 -24.41
C ARG C 333 -24.92 -31.05 -25.92
N ASP C 334 -26.12 -30.63 -26.25
CA ASP C 334 -26.41 -30.34 -27.65
C ASP C 334 -25.41 -29.36 -28.26
N LYS C 335 -25.12 -28.29 -27.52
CA LYS C 335 -24.23 -27.28 -28.03
C LYS C 335 -22.87 -27.93 -28.27
N VAL C 336 -22.39 -28.68 -27.31
CA VAL C 336 -21.06 -29.21 -27.39
C VAL C 336 -20.95 -30.22 -28.54
N LEU C 337 -21.96 -31.05 -28.66
CA LEU C 337 -21.97 -32.06 -29.75
C LEU C 337 -21.98 -31.38 -31.09
N SER C 338 -22.73 -30.30 -31.19
CA SER C 338 -22.70 -29.47 -32.38
C SER C 338 -21.24 -29.08 -32.74
N TYR C 339 -20.44 -28.76 -31.71
CA TYR C 339 -19.05 -28.37 -32.00
C TYR C 339 -18.26 -29.58 -32.39
N TYR C 340 -18.60 -30.70 -31.78
CA TYR C 340 -17.94 -31.93 -32.13
C TYR C 340 -18.09 -32.19 -33.65
N ARG C 341 -19.35 -32.17 -34.13
CA ARG C 341 -19.67 -32.25 -35.57
C ARG C 341 -18.94 -31.16 -36.38
N LEU C 342 -19.05 -29.90 -35.93
CA LEU C 342 -18.40 -28.78 -36.63
C LEU C 342 -16.89 -28.94 -36.76
N ALA C 343 -16.27 -29.57 -35.77
CA ALA C 343 -14.85 -29.78 -35.88
C ALA C 343 -14.51 -30.72 -37.02
N VAL C 344 -15.34 -31.77 -37.16
CA VAL C 344 -15.18 -32.76 -38.25
C VAL C 344 -15.33 -32.03 -39.58
N ASP C 345 -16.47 -31.37 -39.77
CA ASP C 345 -16.70 -30.61 -40.98
C ASP C 345 -15.56 -29.68 -41.24
N GLU C 346 -14.96 -29.13 -40.18
CA GLU C 346 -13.89 -28.17 -40.36
C GLU C 346 -12.56 -28.81 -40.73
N GLY C 347 -12.50 -30.13 -40.69
CA GLY C 347 -11.30 -30.83 -41.19
C GLY C 347 -10.43 -31.41 -40.12
N ALA C 348 -10.96 -31.49 -38.92
CA ALA C 348 -10.15 -31.91 -37.78
C ALA C 348 -9.90 -33.39 -37.80
N THR C 349 -8.73 -33.81 -37.33
CA THR C 349 -8.49 -35.21 -37.03
C THR C 349 -8.85 -35.48 -35.57
N VAL C 350 -9.88 -36.30 -35.33
CA VAL C 350 -10.21 -36.68 -33.97
C VAL C 350 -9.24 -37.69 -33.35
N VAL C 351 -8.39 -37.22 -32.46
CA VAL C 351 -7.36 -38.05 -31.82
C VAL C 351 -8.03 -38.97 -30.82
N THR C 352 -9.13 -38.49 -30.23
CA THR C 352 -9.87 -39.27 -29.19
C THR C 352 -11.16 -38.59 -28.90
N GLY C 353 -12.14 -39.38 -28.45
CA GLY C 353 -13.48 -38.88 -28.10
C GLY C 353 -14.33 -38.54 -29.27
N GLY C 354 -15.07 -37.44 -29.21
CA GLY C 354 -15.80 -36.96 -30.36
C GLY C 354 -17.26 -37.29 -30.36
N GLY C 355 -17.69 -38.03 -29.35
CA GLY C 355 -19.11 -38.42 -29.21
C GLY C 355 -19.52 -38.61 -27.76
N VAL C 356 -20.51 -39.46 -27.55
CA VAL C 356 -20.96 -39.73 -26.19
C VAL C 356 -20.73 -41.16 -25.80
N PRO C 357 -20.35 -41.41 -24.55
CA PRO C 357 -20.11 -42.81 -24.18
C PRO C 357 -21.44 -43.56 -24.00
N LYS C 358 -21.39 -44.89 -23.95
CA LYS C 358 -22.59 -45.72 -23.73
C LYS C 358 -22.42 -46.48 -22.43
N PHE C 359 -23.40 -46.35 -21.54
CA PHE C 359 -23.28 -46.99 -20.21
C PHE C 359 -24.14 -48.25 -20.09
N ASN C 360 -25.26 -48.23 -20.82
CA ASN C 360 -26.32 -49.21 -20.68
C ASN C 360 -26.88 -49.17 -19.28
N ASP C 361 -27.23 -47.96 -18.85
CA ASP C 361 -27.96 -47.75 -17.61
C ASP C 361 -28.60 -46.36 -17.62
N GLU C 362 -29.05 -45.92 -16.46
CA GLU C 362 -29.76 -44.66 -16.38
C GLU C 362 -28.90 -43.52 -16.94
N ARG C 363 -27.57 -43.68 -16.87
CA ARG C 363 -26.63 -42.63 -17.34
C ARG C 363 -26.84 -42.24 -18.79
N ASP C 364 -27.27 -43.20 -19.63
CA ASP C 364 -27.61 -42.89 -21.00
C ASP C 364 -28.77 -41.92 -21.03
N GLN C 365 -29.46 -41.73 -19.89
CA GLN C 365 -30.51 -40.70 -19.86
C GLN C 365 -29.95 -39.36 -19.38
N GLY C 366 -28.67 -39.40 -18.95
CA GLY C 366 -27.92 -38.20 -18.50
C GLY C 366 -27.43 -37.29 -19.62
N ALA C 367 -26.30 -36.61 -19.38
CA ALA C 367 -25.70 -35.72 -20.40
C ALA C 367 -24.21 -35.83 -20.44
N TYR C 368 -23.71 -37.05 -20.57
CA TYR C 368 -22.27 -37.27 -20.68
C TYR C 368 -21.77 -37.08 -22.09
N VAL C 369 -20.50 -36.66 -22.19
CA VAL C 369 -19.75 -36.62 -23.42
C VAL C 369 -18.41 -37.13 -23.07
N GLN C 370 -17.67 -37.50 -24.10
CA GLN C 370 -16.29 -37.98 -23.87
C GLN C 370 -15.26 -36.86 -23.95
N PRO C 371 -14.16 -36.98 -23.19
CA PRO C 371 -13.07 -36.02 -23.38
C PRO C 371 -12.58 -36.15 -24.82
N THR C 372 -12.51 -35.02 -25.52
CA THR C 372 -12.08 -35.01 -26.89
C THR C 372 -10.76 -34.28 -27.06
N ILE C 373 -9.93 -34.80 -27.97
CA ILE C 373 -8.78 -34.05 -28.46
C ILE C 373 -8.84 -33.92 -30.00
N TRP C 374 -8.61 -32.72 -30.52
CA TRP C 374 -8.49 -32.49 -31.97
C TRP C 374 -7.14 -32.06 -32.37
N THR C 375 -6.87 -32.19 -33.67
CA THR C 375 -5.58 -31.84 -34.25
C THR C 375 -5.92 -31.42 -35.65
N GLY C 376 -5.07 -30.63 -36.29
CA GLY C 376 -5.24 -30.37 -37.70
C GLY C 376 -6.11 -29.21 -38.14
N LEU C 377 -6.68 -28.42 -37.21
CA LEU C 377 -7.43 -27.23 -37.61
C LEU C 377 -6.53 -26.00 -37.76
N SER C 378 -6.95 -25.06 -38.61
CA SER C 378 -6.19 -23.81 -38.77
C SER C 378 -6.52 -22.87 -37.60
N ASP C 379 -5.70 -21.84 -37.42
CA ASP C 379 -5.96 -20.84 -36.39
C ASP C 379 -7.28 -20.10 -36.53
N LYS C 380 -7.90 -20.15 -37.73
CA LYS C 380 -9.15 -19.41 -37.92
C LYS C 380 -10.39 -20.25 -37.84
N ALA C 381 -10.21 -21.54 -37.66
CA ALA C 381 -11.34 -22.46 -37.59
C ALA C 381 -12.24 -22.04 -36.42
N ARG C 382 -13.54 -21.99 -36.64
CA ARG C 382 -14.51 -21.71 -35.59
C ARG C 382 -14.28 -22.49 -34.29
N CYS C 383 -13.79 -23.73 -34.41
CA CYS C 383 -13.63 -24.61 -33.28
C CYS C 383 -12.44 -24.19 -32.40
N VAL C 384 -11.53 -23.42 -33.00
CA VAL C 384 -10.32 -22.97 -32.33
C VAL C 384 -10.52 -21.57 -31.79
N THR C 385 -11.55 -20.87 -32.23
CA THR C 385 -11.72 -19.50 -31.83
C THR C 385 -12.91 -19.30 -30.90
N GLU C 386 -13.97 -20.12 -31.02
CA GLU C 386 -15.20 -19.92 -30.22
C GLU C 386 -15.16 -20.78 -28.98
N GLU C 387 -15.73 -20.27 -27.90
CA GLU C 387 -15.79 -21.01 -26.64
C GLU C 387 -16.81 -22.13 -26.78
N ILE C 388 -16.35 -23.33 -26.48
CA ILE C 388 -17.20 -24.51 -26.49
C ILE C 388 -17.71 -24.80 -25.07
N PHE C 389 -16.80 -24.78 -24.10
CA PHE C 389 -17.13 -25.04 -22.71
C PHE C 389 -17.45 -26.55 -22.54
N GLY C 390 -16.66 -27.39 -23.23
CA GLY C 390 -16.67 -28.82 -23.00
C GLY C 390 -15.30 -29.44 -22.76
N PRO C 391 -15.26 -30.76 -22.54
CA PRO C 391 -14.02 -31.38 -22.22
C PRO C 391 -13.26 -31.65 -23.51
N VAL C 392 -12.65 -30.60 -24.03
CA VAL C 392 -12.10 -30.66 -25.37
C VAL C 392 -10.96 -29.67 -25.54
N CYS C 393 -9.96 -30.09 -26.32
CA CYS C 393 -8.87 -29.21 -26.72
C CYS C 393 -8.35 -29.48 -28.14
N HIS C 394 -7.90 -28.42 -28.81
CA HIS C 394 -7.21 -28.56 -30.05
C HIS C 394 -5.76 -28.30 -29.87
N ILE C 395 -4.94 -29.16 -30.42
CA ILE C 395 -3.49 -29.05 -30.32
C ILE C 395 -2.85 -28.68 -31.67
N SER C 396 -1.93 -27.72 -31.65
CA SER C 396 -1.27 -27.25 -32.86
C SER C 396 0.18 -27.18 -32.53
N PRO C 397 1.05 -27.39 -33.52
CA PRO C 397 2.47 -27.21 -33.27
C PRO C 397 2.88 -25.73 -33.48
N PHE C 398 4.05 -25.33 -32.97
CA PHE C 398 4.61 -24.02 -33.28
C PHE C 398 6.10 -24.14 -33.29
N ASP C 399 6.78 -23.12 -33.81
CA ASP C 399 8.22 -23.20 -33.95
C ASP C 399 8.96 -22.12 -33.22
N ASP C 400 8.38 -20.94 -33.17
CA ASP C 400 9.03 -19.77 -32.57
C ASP C 400 8.24 -19.17 -31.41
N GLU C 401 8.99 -18.61 -30.47
CA GLU C 401 8.41 -17.95 -29.30
C GLU C 401 7.51 -16.75 -29.68
N ASP C 402 8.01 -15.88 -30.54
CA ASP C 402 7.24 -14.72 -30.94
C ASP C 402 6.03 -15.18 -31.74
N GLU C 403 6.21 -16.20 -32.57
CA GLU C 403 5.09 -16.72 -33.34
C GLU C 403 3.95 -17.14 -32.38
N VAL C 404 4.31 -17.98 -31.40
CA VAL C 404 3.26 -18.56 -30.57
C VAL C 404 2.61 -17.52 -29.63
N ILE C 405 3.39 -16.52 -29.21
CA ILE C 405 2.82 -15.41 -28.44
C ILE C 405 1.78 -14.72 -29.28
N ASN C 406 2.12 -14.53 -30.56
CA ASN C 406 1.19 -13.82 -31.43
C ASN C 406 -0.06 -14.61 -31.65
N ARG C 407 0.11 -15.92 -31.73
CA ARG C 407 -1.03 -16.82 -31.96
C ARG C 407 -1.90 -16.95 -30.72
N VAL C 408 -1.27 -16.96 -29.54
CA VAL C 408 -2.08 -16.98 -28.31
C VAL C 408 -2.93 -15.71 -28.22
N ASN C 409 -2.35 -14.59 -28.60
CA ASN C 409 -2.99 -13.27 -28.43
C ASN C 409 -4.00 -12.97 -29.54
N ASP C 410 -3.92 -13.69 -30.65
CA ASP C 410 -4.80 -13.46 -31.77
C ASP C 410 -6.20 -14.00 -31.43
N SER C 411 -6.92 -13.25 -30.57
CA SER C 411 -8.19 -13.72 -30.01
C SER C 411 -9.01 -12.52 -29.55
N ASN C 412 -10.32 -12.66 -29.56
CA ASN C 412 -11.18 -11.65 -29.02
C ASN C 412 -11.38 -11.87 -27.55
N TYR C 413 -10.84 -12.97 -27.04
CA TYR C 413 -10.88 -13.29 -25.62
C TYR C 413 -9.52 -13.06 -24.98
N GLY C 414 -9.44 -13.03 -23.66
CA GLY C 414 -8.13 -12.82 -22.99
C GLY C 414 -8.27 -13.06 -21.52
N LEU C 415 -8.70 -14.29 -21.17
CA LEU C 415 -8.89 -14.58 -19.76
C LEU C 415 -7.67 -15.17 -19.09
N ALA C 416 -7.21 -16.34 -19.53
CA ALA C 416 -6.04 -16.95 -18.90
C ALA C 416 -5.16 -17.71 -19.91
N CYS C 417 -3.99 -18.11 -19.45
CA CYS C 417 -3.06 -18.83 -20.28
C CYS C 417 -2.17 -19.61 -19.35
N ALA C 418 -1.82 -20.84 -19.74
CA ALA C 418 -0.83 -21.58 -18.96
C ALA C 418 0.41 -21.79 -19.82
N ILE C 419 1.58 -21.69 -19.22
CA ILE C 419 2.80 -21.79 -19.97
C ILE C 419 3.65 -22.85 -19.31
N TRP C 420 4.23 -23.72 -20.14
CA TRP C 420 5.12 -24.74 -19.63
C TRP C 420 6.53 -24.60 -20.15
N THR C 421 7.50 -24.44 -19.23
CA THR C 421 8.91 -24.26 -19.58
C THR C 421 9.66 -24.36 -18.30
N THR C 422 10.88 -24.85 -18.35
CA THR C 422 11.72 -24.86 -17.18
C THR C 422 12.78 -23.74 -17.17
N ASN C 423 12.71 -22.88 -18.19
CA ASN C 423 13.69 -21.83 -18.40
C ASN C 423 13.22 -20.53 -17.70
N LEU C 424 14.09 -19.99 -16.86
CA LEU C 424 13.75 -18.87 -15.99
C LEU C 424 13.48 -17.62 -16.82
N SER C 425 14.41 -17.27 -17.70
CA SER C 425 14.14 -16.13 -18.61
C SER C 425 12.89 -16.25 -19.43
N ARG C 426 12.74 -17.38 -20.11
CA ARG C 426 11.53 -17.58 -20.91
C ARG C 426 10.24 -17.40 -20.13
N ALA C 427 10.21 -17.94 -18.91
CA ALA C 427 9.01 -17.94 -18.17
C ALA C 427 8.53 -16.45 -17.98
N HIS C 428 9.43 -15.61 -17.51
CA HIS C 428 9.05 -14.21 -17.22
C HIS C 428 8.94 -13.37 -18.48
N ARG C 429 9.80 -13.63 -19.46
CA ARG C 429 9.78 -12.90 -20.76
C ARG C 429 8.46 -13.15 -21.45
N VAL C 430 8.07 -14.41 -21.57
CA VAL C 430 6.85 -14.74 -22.33
C VAL C 430 5.57 -14.36 -21.58
N SER C 431 5.56 -14.70 -20.28
CA SER C 431 4.35 -14.42 -19.43
C SER C 431 3.82 -12.98 -19.56
N ARG C 432 4.74 -12.02 -19.51
CA ARG C 432 4.31 -10.61 -19.43
C ARG C 432 3.77 -10.21 -20.80
N GLN C 433 4.05 -11.00 -21.85
CA GLN C 433 3.57 -10.66 -23.25
C GLN C 433 2.22 -11.27 -23.59
N ILE C 434 1.66 -12.10 -22.71
CA ILE C 434 0.37 -12.72 -23.05
C ILE C 434 -0.73 -11.74 -22.70
N HIS C 435 -1.62 -11.46 -23.64
CA HIS C 435 -2.66 -10.45 -23.40
C HIS C 435 -3.86 -11.08 -22.69
N VAL C 436 -3.67 -11.41 -21.41
CA VAL C 436 -4.75 -11.97 -20.60
C VAL C 436 -4.65 -11.38 -19.17
N GLY C 437 -5.60 -11.79 -18.31
CA GLY C 437 -5.63 -11.34 -16.93
C GLY C 437 -4.78 -12.21 -16.02
N LEU C 438 -4.57 -13.47 -16.43
CA LEU C 438 -4.07 -14.54 -15.58
C LEU C 438 -3.14 -15.44 -16.35
N VAL C 439 -1.89 -15.49 -15.94
CA VAL C 439 -0.99 -16.44 -16.51
C VAL C 439 -0.59 -17.41 -15.40
N TRP C 440 -0.55 -18.72 -15.70
CA TRP C 440 0.12 -19.72 -14.82
C TRP C 440 1.30 -20.29 -15.54
N VAL C 441 2.41 -20.50 -14.83
CA VAL C 441 3.53 -21.13 -15.40
C VAL C 441 3.75 -22.47 -14.68
N ASN C 442 3.88 -23.56 -15.44
CA ASN C 442 4.01 -24.94 -14.88
C ASN C 442 2.92 -25.34 -13.91
N THR C 443 1.74 -24.73 -14.02
CA THR C 443 0.62 -25.23 -13.27
C THR C 443 -0.61 -24.67 -13.92
N TRP C 444 -1.75 -24.87 -13.30
CA TRP C 444 -3.00 -24.28 -13.76
C TRP C 444 -4.02 -24.16 -12.67
N TYR C 445 -4.87 -23.14 -12.79
CA TYR C 445 -5.95 -22.90 -11.82
C TYR C 445 -5.46 -23.03 -10.40
N LEU C 446 -4.28 -22.46 -10.14
CA LEU C 446 -3.79 -22.35 -8.79
C LEU C 446 -4.23 -20.96 -8.28
N ARG C 447 -5.01 -20.92 -7.19
CA ARG C 447 -5.67 -19.66 -6.78
C ARG C 447 -5.31 -19.11 -5.39
N ASP C 448 -4.70 -17.92 -5.37
CA ASP C 448 -4.46 -17.18 -4.13
C ASP C 448 -5.50 -16.10 -4.10
N LEU C 449 -6.39 -16.15 -3.12
CA LEU C 449 -7.59 -15.28 -3.20
C LEU C 449 -7.26 -13.78 -3.03
N ARG C 450 -6.01 -13.43 -2.75
CA ARG C 450 -5.62 -11.99 -2.66
C ARG C 450 -5.36 -11.34 -4.02
N THR C 451 -5.11 -12.18 -5.03
CA THR C 451 -4.60 -11.66 -6.31
C THR C 451 -5.73 -11.03 -7.10
N PRO C 452 -5.40 -10.10 -8.00
CA PRO C 452 -6.44 -9.55 -8.86
C PRO C 452 -6.84 -10.65 -9.87
N PHE C 453 -8.15 -10.80 -10.07
CA PHE C 453 -8.66 -11.83 -10.97
C PHE C 453 -9.61 -11.17 -11.99
N GLY C 454 -9.39 -11.40 -13.27
CA GLY C 454 -10.21 -10.75 -14.33
C GLY C 454 -9.64 -11.07 -15.70
N GLY C 455 -10.39 -10.70 -16.74
CA GLY C 455 -9.92 -10.88 -18.11
C GLY C 455 -9.77 -9.55 -18.88
N VAL C 456 -9.20 -9.63 -20.10
CA VAL C 456 -9.17 -8.49 -20.99
C VAL C 456 -10.09 -8.75 -22.18
N LYS C 457 -10.26 -7.72 -22.99
CA LYS C 457 -11.11 -7.79 -24.19
C LYS C 457 -12.50 -8.32 -23.84
N LEU C 458 -13.00 -9.31 -24.60
CA LEU C 458 -14.32 -9.82 -24.31
C LEU C 458 -14.38 -10.60 -23.01
N SER C 459 -13.22 -10.90 -22.42
CA SER C 459 -13.20 -11.81 -21.27
C SER C 459 -13.58 -11.13 -19.98
N GLY C 460 -13.70 -9.81 -20.01
CA GLY C 460 -14.27 -9.12 -18.91
C GLY C 460 -14.02 -7.62 -18.81
N LEU C 461 -14.29 -7.15 -17.60
CA LEU C 461 -14.19 -5.75 -17.28
C LEU C 461 -13.99 -5.77 -15.78
N GLY C 462 -12.97 -5.04 -15.33
CA GLY C 462 -12.69 -4.91 -13.90
C GLY C 462 -11.85 -6.06 -13.38
N ARG C 463 -11.53 -5.98 -12.09
CA ARG C 463 -10.82 -7.09 -11.39
C ARG C 463 -11.51 -7.34 -10.05
N GLU C 464 -11.50 -8.60 -9.61
CA GLU C 464 -11.95 -8.94 -8.26
C GLU C 464 -10.83 -9.65 -7.54
N GLY C 465 -10.98 -9.87 -6.25
CA GLY C 465 -9.87 -10.48 -5.46
C GLY C 465 -9.26 -9.40 -4.57
N GLY C 466 -8.87 -9.77 -3.37
CA GLY C 466 -8.12 -8.83 -2.47
C GLY C 466 -8.78 -7.46 -2.42
N ARG C 467 -7.96 -6.43 -2.50
CA ARG C 467 -8.43 -5.03 -2.42
C ARG C 467 -9.24 -4.63 -3.61
N PHE C 468 -9.13 -5.40 -4.69
CA PHE C 468 -9.91 -5.12 -5.89
C PHE C 468 -11.36 -5.36 -5.64
N SER C 469 -11.66 -6.44 -4.93
CA SER C 469 -13.01 -6.61 -4.36
C SER C 469 -13.37 -5.57 -3.28
N MET C 470 -12.49 -5.33 -2.33
CA MET C 470 -12.76 -4.39 -1.25
C MET C 470 -13.10 -3.02 -1.87
N ASP C 471 -12.47 -2.70 -2.99
CA ASP C 471 -12.71 -1.43 -3.69
C ASP C 471 -13.97 -1.49 -4.51
N PHE C 472 -14.11 -2.54 -5.32
CA PHE C 472 -15.37 -2.64 -6.09
C PHE C 472 -16.65 -2.63 -5.27
N TYR C 473 -16.73 -3.44 -4.21
CA TYR C 473 -17.94 -3.46 -3.37
C TYR C 473 -18.09 -2.30 -2.38
N SER C 474 -17.30 -1.23 -2.55
CA SER C 474 -17.39 -0.10 -1.62
C SER C 474 -17.53 1.18 -2.38
N ASP C 475 -18.23 2.16 -1.80
CA ASP C 475 -18.01 3.56 -2.20
C ASP C 475 -16.65 3.98 -1.66
N ILE C 476 -15.79 4.48 -2.53
CA ILE C 476 -14.59 5.16 -2.09
C ILE C 476 -14.97 6.65 -1.98
N ALA C 477 -14.93 7.22 -0.77
CA ALA C 477 -15.28 8.63 -0.59
C ALA C 477 -14.08 9.43 -0.16
N ASN C 478 -13.92 10.64 -0.73
CA ASN C 478 -12.77 11.47 -0.33
C ASN C 478 -13.33 12.64 0.46
N ILE C 479 -12.76 12.85 1.65
CA ILE C 479 -13.17 13.92 2.55
C ILE C 479 -12.05 14.94 2.82
N CYS C 480 -12.26 16.17 2.42
CA CYS C 480 -11.22 17.21 2.44
C CYS C 480 -11.50 18.27 3.51
N ILE C 481 -10.64 18.32 4.51
CA ILE C 481 -10.76 19.26 5.60
C ILE C 481 -9.80 20.41 5.42
N LYS C 482 -10.33 21.64 5.21
CA LYS C 482 -9.49 22.83 5.27
C LYS C 482 -9.18 23.10 6.71
N ILE C 483 -7.92 23.38 7.02
CA ILE C 483 -7.50 23.60 8.41
C ILE C 483 -7.41 25.08 8.82
N SER D 1 -8.81 31.62 -38.31
CA SER D 1 -8.11 30.51 -37.61
C SER D 1 -8.69 29.15 -38.06
N GLN D 2 -7.82 28.21 -38.42
CA GLN D 2 -8.26 26.87 -38.83
C GLN D 2 -7.76 25.76 -37.86
N LEU D 3 -8.64 24.85 -37.46
CA LEU D 3 -8.26 23.84 -36.47
C LEU D 3 -8.37 22.48 -37.10
N LEU D 4 -7.20 21.94 -37.35
CA LEU D 4 -7.07 20.64 -37.99
C LEU D 4 -7.07 19.48 -37.01
N ASN D 5 -7.39 18.28 -37.53
CA ASN D 5 -7.16 17.08 -36.76
C ASN D 5 -5.67 16.80 -36.75
N TYR D 6 -5.25 15.95 -35.80
CA TYR D 6 -3.88 15.44 -35.74
C TYR D 6 -3.93 13.92 -35.71
N ILE D 7 -3.55 13.29 -36.84
CA ILE D 7 -3.68 11.85 -36.98
C ILE D 7 -2.36 11.27 -37.49
N ASP D 8 -1.87 10.24 -36.81
CA ASP D 8 -0.62 9.59 -37.17
C ASP D 8 0.48 10.59 -37.43
N GLY D 9 0.59 11.61 -36.61
CA GLY D 9 1.75 12.52 -36.75
C GLY D 9 1.58 13.64 -37.77
N ASN D 10 0.41 13.73 -38.36
CA ASN D 10 0.14 14.78 -39.36
C ASN D 10 -1.09 15.56 -39.06
N PHE D 11 -0.99 16.88 -39.17
CA PHE D 11 -2.19 17.69 -39.15
C PHE D 11 -2.99 17.53 -40.46
N VAL D 12 -4.28 17.21 -40.34
CA VAL D 12 -5.12 16.97 -41.53
C VAL D 12 -6.42 17.74 -41.43
N THR D 13 -7.04 18.00 -42.58
CA THR D 13 -8.34 18.66 -42.67
C THR D 13 -9.39 17.59 -42.89
N SER D 14 -10.61 17.98 -43.20
CA SER D 14 -11.70 17.05 -43.38
C SER D 14 -12.58 17.65 -44.48
N ALA D 15 -13.53 16.86 -44.96
CA ALA D 15 -14.50 17.30 -45.96
C ALA D 15 -15.42 18.40 -45.42
N SER D 16 -15.79 18.29 -44.15
CA SER D 16 -16.65 19.28 -43.53
C SER D 16 -15.94 20.07 -42.39
N SER D 17 -16.19 21.37 -42.34
CA SER D 17 -15.81 22.23 -41.22
C SER D 17 -17.02 22.72 -40.40
N PHE D 18 -16.76 23.19 -39.19
CA PHE D 18 -17.80 23.81 -38.36
C PHE D 18 -17.24 24.98 -37.59
N ALA D 19 -18.14 25.82 -37.09
CA ALA D 19 -17.79 27.11 -36.60
C ALA D 19 -17.48 27.03 -35.09
N ASN D 20 -16.40 27.70 -34.69
CA ASN D 20 -16.08 27.96 -33.28
C ASN D 20 -16.37 29.43 -32.99
N ILE D 21 -17.30 29.63 -32.07
CA ILE D 21 -17.83 30.95 -31.73
C ILE D 21 -17.30 31.40 -30.38
N ASN D 22 -16.85 32.66 -30.31
CA ASN D 22 -16.49 33.32 -29.07
C ASN D 22 -17.78 33.72 -28.32
N PRO D 23 -18.07 33.11 -27.15
CA PRO D 23 -19.31 33.43 -26.41
C PRO D 23 -19.34 34.86 -25.85
N VAL D 24 -18.23 35.58 -25.93
CA VAL D 24 -18.21 36.92 -25.36
C VAL D 24 -19.02 37.86 -26.28
N ASN D 25 -18.97 37.60 -27.59
CA ASN D 25 -19.54 38.57 -28.55
C ASN D 25 -20.09 37.92 -29.76
N GLY D 26 -20.11 36.58 -29.77
CA GLY D 26 -20.71 35.82 -30.86
C GLY D 26 -19.91 35.81 -32.12
N LYS D 27 -18.68 36.32 -32.09
CA LYS D 27 -17.86 36.31 -33.29
C LYS D 27 -17.24 34.96 -33.64
N LEU D 28 -17.02 34.75 -34.94
CA LEU D 28 -16.37 33.55 -35.42
C LEU D 28 -14.90 33.56 -35.05
N ILE D 29 -14.46 32.52 -34.30
CA ILE D 29 -13.07 32.42 -33.93
C ILE D 29 -12.32 31.65 -34.99
N SER D 30 -12.85 30.49 -35.36
CA SER D 30 -12.09 29.56 -36.19
C SER D 30 -12.99 28.64 -36.90
N ASP D 31 -12.45 27.94 -37.90
CA ASP D 31 -13.16 26.84 -38.54
C ASP D 31 -12.52 25.54 -38.12
N VAL D 32 -13.32 24.53 -37.82
CA VAL D 32 -12.82 23.32 -37.23
C VAL D 32 -13.18 22.15 -38.13
N PHE D 33 -12.18 21.40 -38.58
CA PHE D 33 -12.45 20.26 -39.48
C PHE D 33 -13.04 19.06 -38.76
N GLU D 34 -14.24 18.64 -39.15
CA GLU D 34 -14.92 17.58 -38.45
C GLU D 34 -14.43 16.25 -38.96
N ALA D 35 -13.82 15.46 -38.07
CA ALA D 35 -13.33 14.11 -38.45
C ALA D 35 -14.51 13.19 -38.84
N ASP D 36 -14.40 12.50 -39.96
CA ASP D 36 -15.46 11.57 -40.34
C ASP D 36 -15.14 10.18 -39.83
N ALA D 37 -16.06 9.23 -40.05
CA ALA D 37 -15.89 7.86 -39.56
C ALA D 37 -14.64 7.18 -40.11
N LYS D 38 -14.20 7.60 -41.29
CA LYS D 38 -13.01 7.01 -41.92
C LYS D 38 -11.72 7.53 -41.24
N GLN D 39 -11.78 8.79 -40.79
CA GLN D 39 -10.64 9.43 -40.16
C GLN D 39 -10.52 8.92 -38.71
N VAL D 40 -11.68 8.66 -38.10
CA VAL D 40 -11.71 8.10 -36.76
C VAL D 40 -11.02 6.75 -36.84
N ASN D 41 -11.34 6.00 -37.89
CA ASN D 41 -10.70 4.71 -38.10
C ASN D 41 -9.22 4.80 -38.31
N GLU D 42 -8.78 5.77 -39.12
CA GLU D 42 -7.35 5.99 -39.31
C GLU D 42 -6.63 6.24 -37.98
N ALA D 43 -7.22 7.09 -37.14
CA ALA D 43 -6.62 7.46 -35.81
C ALA D 43 -6.44 6.25 -34.87
N VAL D 44 -7.51 5.45 -34.76
CA VAL D 44 -7.47 4.22 -33.98
C VAL D 44 -6.42 3.24 -34.52
N VAL D 45 -6.40 3.04 -35.84
CA VAL D 45 -5.45 2.09 -36.41
C VAL D 45 -4.03 2.57 -36.17
N ALA D 46 -3.81 3.86 -36.34
CA ALA D 46 -2.52 4.47 -36.08
C ALA D 46 -2.12 4.30 -34.60
N ALA D 47 -3.09 4.50 -33.71
CA ALA D 47 -2.90 4.34 -32.26
C ALA D 47 -2.54 2.90 -31.92
N GLN D 48 -3.26 1.96 -32.51
CA GLN D 48 -2.88 0.53 -32.42
C GLN D 48 -1.47 0.25 -32.85
N ASN D 49 -1.10 0.75 -34.01
CA ASN D 49 0.23 0.50 -34.53
C ASN D 49 1.30 1.20 -33.73
N ALA D 50 0.99 2.38 -33.16
CA ALA D 50 2.01 3.07 -32.36
C ALA D 50 2.43 2.20 -31.18
N LEU D 51 1.53 1.38 -30.71
CA LEU D 51 1.85 0.50 -29.56
C LEU D 51 2.99 -0.47 -29.86
N LYS D 52 3.14 -0.86 -31.11
CA LYS D 52 4.24 -1.76 -31.49
C LYS D 52 5.46 -1.01 -31.99
N GLY D 53 5.42 0.32 -31.98
CA GLY D 53 6.59 1.12 -32.37
C GLY D 53 7.49 1.52 -31.24
N PRO D 54 8.36 2.52 -31.49
CA PRO D 54 9.28 3.06 -30.50
C PRO D 54 8.63 3.41 -29.17
N TRP D 55 7.40 3.93 -29.21
CA TRP D 55 6.66 4.29 -28.00
C TRP D 55 6.61 3.07 -27.06
N GLY D 56 6.23 1.92 -27.63
CA GLY D 56 6.15 0.66 -26.93
C GLY D 56 7.46 0.25 -26.26
N LYS D 57 8.61 0.77 -26.72
CA LYS D 57 9.88 0.22 -26.29
C LYS D 57 10.58 1.08 -25.27
N LEU D 58 10.03 2.25 -25.02
CA LEU D 58 10.52 3.15 -24.02
C LEU D 58 10.40 2.58 -22.61
N SER D 59 11.49 2.65 -21.85
CA SER D 59 11.44 2.43 -20.43
C SER D 59 10.42 3.42 -19.79
N VAL D 60 9.92 3.05 -18.62
CA VAL D 60 9.00 3.88 -17.87
C VAL D 60 9.65 5.24 -17.62
N GLN D 61 10.94 5.26 -17.29
CA GLN D 61 11.61 6.51 -16.98
C GLN D 61 11.83 7.35 -18.25
N ASP D 62 12.08 6.72 -19.39
CA ASP D 62 12.15 7.48 -20.62
C ASP D 62 10.78 8.04 -21.04
N ARG D 63 9.74 7.21 -20.95
CA ARG D 63 8.36 7.67 -21.15
C ARG D 63 8.03 8.87 -20.26
N ALA D 64 8.33 8.75 -18.99
CA ALA D 64 8.11 9.83 -18.03
C ALA D 64 8.85 11.11 -18.46
N ALA D 65 10.12 11.01 -18.87
CA ALA D 65 10.87 12.21 -19.27
C ALA D 65 10.23 12.89 -20.49
N LEU D 66 9.75 12.09 -21.43
CA LEU D 66 9.10 12.65 -22.59
C LEU D 66 7.81 13.38 -22.19
N ILE D 67 7.09 12.83 -21.21
CA ILE D 67 5.85 13.43 -20.75
C ILE D 67 6.13 14.75 -20.04
N HIS D 68 7.26 14.82 -19.32
CA HIS D 68 7.70 16.11 -18.76
C HIS D 68 8.03 17.16 -19.81
N LYS D 69 8.51 16.72 -20.98
CA LYS D 69 8.76 17.61 -22.09
C LYS D 69 7.48 18.11 -22.69
N ILE D 70 6.43 17.27 -22.68
CA ILE D 70 5.13 17.75 -23.15
C ILE D 70 4.73 18.92 -22.26
N ALA D 71 4.75 18.68 -20.94
CA ALA D 71 4.50 19.70 -19.94
C ALA D 71 5.39 20.94 -20.15
N ASP D 72 6.67 20.73 -20.45
CA ASP D 72 7.57 21.84 -20.65
C ASP D 72 7.14 22.65 -21.86
N GLY D 73 6.74 21.94 -22.92
CA GLY D 73 6.33 22.58 -24.16
C GLY D 73 5.10 23.49 -23.96
N ILE D 74 4.19 23.08 -23.08
CA ILE D 74 3.00 23.88 -22.76
C ILE D 74 3.43 25.12 -22.00
N GLN D 75 4.29 24.94 -21.00
CA GLN D 75 4.82 26.06 -20.25
C GLN D 75 5.51 27.09 -21.16
N ALA D 76 6.21 26.58 -22.16
CA ALA D 76 6.98 27.39 -23.05
C ALA D 76 6.02 28.30 -23.83
N ARG D 77 4.79 27.82 -24.07
CA ARG D 77 3.80 28.59 -24.84
C ARG D 77 2.62 28.97 -23.97
N PHE D 78 2.92 29.25 -22.71
CA PHE D 78 1.89 29.42 -21.69
C PHE D 78 0.75 30.38 -22.07
N GLU D 79 1.14 31.56 -22.50
CA GLU D 79 0.17 32.62 -22.82
C GLU D 79 -0.69 32.36 -24.09
N GLU D 80 -0.12 31.70 -25.09
CA GLU D 80 -0.92 31.18 -26.22
C GLU D 80 -2.02 30.21 -25.78
N PHE D 81 -1.69 29.27 -24.88
CA PHE D 81 -2.69 28.39 -24.26
C PHE D 81 -3.72 29.20 -23.49
N VAL D 82 -3.28 30.14 -22.65
CA VAL D 82 -4.21 31.03 -21.97
C VAL D 82 -5.18 31.70 -22.99
N ALA D 83 -4.64 32.24 -24.09
CA ALA D 83 -5.47 32.96 -25.07
C ALA D 83 -6.46 32.03 -25.73
N ALA D 84 -6.02 30.81 -26.05
CA ALA D 84 -6.91 29.88 -26.78
C ALA D 84 -8.09 29.45 -25.92
N GLU D 85 -7.80 29.17 -24.66
CA GLU D 85 -8.82 28.78 -23.72
C GLU D 85 -9.82 29.92 -23.48
N VAL D 86 -9.33 31.13 -23.24
CA VAL D 86 -10.19 32.33 -23.08
C VAL D 86 -11.08 32.57 -24.33
N ALA D 87 -10.48 32.58 -25.51
CA ALA D 87 -11.21 32.79 -26.74
C ALA D 87 -12.36 31.84 -26.87
N ASP D 88 -12.09 30.54 -26.74
CA ASP D 88 -13.14 29.52 -26.88
C ASP D 88 -14.33 29.67 -25.92
N THR D 89 -14.09 30.16 -24.70
CA THR D 89 -15.05 29.93 -23.62
C THR D 89 -15.44 31.19 -22.83
N GLY D 90 -14.68 32.25 -23.03
CA GLY D 90 -15.02 33.53 -22.37
C GLY D 90 -14.59 33.60 -20.91
N ARG D 91 -13.82 32.62 -20.45
CA ARG D 91 -13.41 32.57 -19.02
C ARG D 91 -12.48 33.72 -18.69
N PRO D 92 -12.59 34.26 -17.49
CA PRO D 92 -11.71 35.38 -17.14
C PRO D 92 -10.26 34.94 -17.34
N VAL D 93 -9.44 35.84 -17.88
CA VAL D 93 -8.05 35.60 -18.08
C VAL D 93 -7.37 35.13 -16.80
N HIS D 94 -7.61 35.79 -15.68
CA HIS D 94 -7.01 35.36 -14.42
C HIS D 94 -7.28 33.92 -14.05
N GLN D 95 -8.51 33.45 -14.28
CA GLN D 95 -8.85 32.07 -14.01
C GLN D 95 -8.01 31.16 -14.91
N ALA D 96 -7.83 31.55 -16.20
CA ALA D 96 -7.09 30.76 -17.18
C ALA D 96 -5.65 30.69 -16.76
N ARG D 97 -5.10 31.84 -16.35
CA ARG D 97 -3.72 31.90 -15.85
C ARG D 97 -3.46 31.12 -14.54
N THR D 98 -4.45 31.02 -13.65
CA THR D 98 -4.19 30.43 -12.33
C THR D 98 -4.67 29.02 -12.11
N LEU D 99 -5.84 28.68 -12.63
CA LEU D 99 -6.35 27.35 -12.52
C LEU D 99 -6.13 26.56 -13.81
N ASP D 100 -6.70 27.06 -14.91
CA ASP D 100 -6.86 26.24 -16.11
C ASP D 100 -5.54 25.71 -16.68
N ILE D 101 -4.58 26.58 -16.97
CA ILE D 101 -3.43 26.11 -17.71
C ILE D 101 -2.41 25.43 -16.76
N PRO D 102 -2.15 26.06 -15.59
CA PRO D 102 -1.25 25.39 -14.64
C PRO D 102 -1.71 23.98 -14.29
N ARG D 103 -3.01 23.77 -14.15
CA ARG D 103 -3.50 22.42 -13.86
C ARG D 103 -3.25 21.46 -14.98
N ALA D 104 -3.27 21.91 -16.23
CA ALA D 104 -3.03 20.99 -17.33
C ALA D 104 -1.56 20.61 -17.33
N ILE D 105 -0.72 21.56 -16.96
CA ILE D 105 0.70 21.24 -16.91
C ILE D 105 0.96 20.26 -15.75
N ALA D 106 0.33 20.54 -14.62
CA ALA D 106 0.46 19.69 -13.45
C ALA D 106 -0.11 18.28 -13.67
N ASN D 107 -1.16 18.15 -14.48
CA ASN D 107 -1.69 16.86 -14.75
C ASN D 107 -0.58 15.97 -15.39
N PHE D 108 0.11 16.50 -16.38
CA PHE D 108 1.15 15.76 -17.04
C PHE D 108 2.33 15.44 -16.07
N ARG D 109 2.74 16.42 -15.29
CA ARG D 109 3.84 16.21 -14.33
C ARG D 109 3.49 15.19 -13.23
N THR D 110 2.27 15.23 -12.73
CA THR D 110 1.83 14.38 -11.65
C THR D 110 1.86 12.95 -12.14
N PHE D 111 1.34 12.71 -13.36
CA PHE D 111 1.23 11.35 -13.83
C PHE D 111 2.53 10.80 -14.37
N ALA D 112 3.37 11.67 -14.94
CA ALA D 112 4.75 11.27 -15.30
C ALA D 112 5.43 10.76 -14.02
N ASP D 113 5.23 11.44 -12.89
CA ASP D 113 5.94 11.07 -11.67
C ASP D 113 5.41 9.72 -11.13
N LEU D 114 4.08 9.54 -11.14
CA LEU D 114 3.43 8.31 -10.71
C LEU D 114 3.84 7.14 -11.55
N ALA D 115 4.11 7.39 -12.84
CA ALA D 115 4.60 6.33 -13.73
C ALA D 115 5.93 5.78 -13.23
N LYS D 116 6.79 6.67 -12.74
CA LYS D 116 8.10 6.28 -12.19
C LYS D 116 8.02 5.64 -10.81
N THR D 117 7.15 6.12 -9.92
CA THR D 117 7.11 5.60 -8.59
C THR D 117 6.24 4.35 -8.39
N SER D 118 5.16 4.20 -9.18
CA SER D 118 4.20 3.13 -8.98
C SER D 118 4.81 1.75 -9.09
N HIS D 119 4.38 0.85 -8.22
CA HIS D 119 4.83 -0.55 -8.36
C HIS D 119 3.64 -1.41 -8.12
N THR D 120 3.84 -2.74 -8.15
CA THR D 120 2.73 -3.70 -8.01
C THR D 120 3.00 -4.64 -6.85
N ASP D 121 2.46 -5.87 -6.92
CA ASP D 121 2.31 -6.67 -5.69
C ASP D 121 2.92 -8.05 -5.86
N LEU D 122 3.43 -8.58 -4.75
CA LEU D 122 3.96 -9.90 -4.68
C LEU D 122 3.16 -10.68 -3.62
N PHE D 123 2.68 -11.86 -4.01
CA PHE D 123 1.91 -12.76 -3.11
C PHE D 123 2.54 -14.16 -3.10
N GLU D 124 3.03 -14.60 -1.93
CA GLU D 124 3.58 -15.99 -1.78
C GLU D 124 2.45 -16.89 -1.30
N MET D 125 2.47 -18.14 -1.73
CA MET D 125 1.46 -19.10 -1.29
C MET D 125 2.07 -20.50 -1.15
N SER D 126 1.46 -21.29 -0.28
CA SER D 126 1.77 -22.72 -0.15
C SER D 126 1.06 -23.59 -1.17
N THR D 127 1.67 -24.72 -1.52
CA THR D 127 1.01 -25.69 -2.43
C THR D 127 0.99 -27.06 -1.79
N SER D 128 0.16 -27.98 -2.27
CA SER D 128 0.11 -29.32 -1.65
C SER D 128 1.47 -30.05 -1.68
N ASP D 129 2.27 -29.87 -2.72
CA ASP D 129 3.59 -30.53 -2.77
C ASP D 129 4.66 -29.91 -1.91
N GLY D 130 4.30 -28.91 -1.09
CA GLY D 130 5.22 -28.18 -0.23
C GLY D 130 6.22 -27.26 -0.93
N SER D 131 6.12 -27.12 -2.26
CA SER D 131 7.13 -26.30 -2.98
C SER D 131 6.69 -24.83 -3.03
N GLY D 132 5.41 -24.57 -2.79
CA GLY D 132 4.93 -23.19 -2.88
C GLY D 132 4.77 -22.66 -4.33
N ALA D 133 4.30 -21.43 -4.42
CA ALA D 133 4.14 -20.74 -5.67
C ALA D 133 4.22 -19.26 -5.39
N LEU D 134 4.50 -18.49 -6.44
CA LEU D 134 4.64 -17.03 -6.37
C LEU D 134 3.61 -16.45 -7.30
N ASN D 135 2.87 -15.44 -6.85
CA ASN D 135 2.00 -14.67 -7.68
C ASN D 135 2.58 -13.22 -7.67
N TYR D 136 2.89 -12.65 -8.85
CA TYR D 136 3.18 -11.22 -9.00
C TYR D 136 2.34 -10.55 -10.04
N THR D 137 2.04 -9.29 -9.77
CA THR D 137 1.19 -8.56 -10.69
C THR D 137 2.05 -7.54 -11.43
N VAL D 138 1.61 -7.15 -12.62
CA VAL D 138 2.30 -6.14 -13.43
C VAL D 138 1.23 -5.24 -14.05
N ARG D 139 1.61 -3.98 -14.33
CA ARG D 139 0.73 -3.04 -15.00
C ARG D 139 1.22 -2.97 -16.42
N LYS D 140 0.37 -3.17 -17.39
CA LYS D 140 0.72 -2.98 -18.79
C LYS D 140 -0.24 -1.94 -19.37
N PRO D 141 0.13 -1.33 -20.52
CA PRO D 141 -0.80 -0.46 -21.25
C PRO D 141 -2.10 -1.23 -21.54
N LEU D 142 -3.25 -0.62 -21.26
CA LEU D 142 -4.52 -1.23 -21.56
C LEU D 142 -4.61 -1.37 -23.11
N GLY D 143 -4.12 -0.38 -23.86
CA GLY D 143 -4.12 -0.39 -25.31
C GLY D 143 -4.40 0.99 -25.88
N VAL D 144 -5.45 1.11 -26.67
CA VAL D 144 -5.86 2.40 -27.20
C VAL D 144 -6.98 3.00 -26.36
N ILE D 145 -6.74 4.18 -25.81
CA ILE D 145 -7.76 4.83 -24.94
C ILE D 145 -8.51 5.86 -25.77
N GLY D 146 -9.83 5.71 -25.85
CA GLY D 146 -10.60 6.80 -26.43
C GLY D 146 -10.93 7.84 -25.36
N VAL D 147 -10.62 9.11 -25.66
CA VAL D 147 -10.91 10.19 -24.72
C VAL D 147 -11.96 11.14 -25.29
N ILE D 148 -13.05 11.39 -24.54
CA ILE D 148 -14.06 12.36 -25.00
C ILE D 148 -14.31 13.34 -23.85
N SER D 149 -14.09 14.65 -24.10
CA SER D 149 -14.08 15.65 -22.99
C SER D 149 -15.05 16.81 -23.18
N PRO D 150 -15.43 17.45 -22.07
CA PRO D 150 -16.43 18.49 -22.16
C PRO D 150 -15.77 19.88 -22.33
N TRP D 151 -16.61 20.92 -22.39
CA TRP D 151 -16.19 22.25 -22.76
C TRP D 151 -16.00 23.14 -21.60
N ASN D 152 -16.36 22.73 -20.38
CA ASN D 152 -16.31 23.71 -19.25
C ASN D 152 -14.89 24.06 -18.73
N LEU D 153 -14.03 23.04 -18.64
CA LEU D 153 -12.63 23.28 -18.28
C LEU D 153 -11.84 22.45 -19.30
N PRO D 154 -11.77 22.95 -20.53
CA PRO D 154 -11.32 22.17 -21.70
C PRO D 154 -9.94 21.54 -21.54
N LEU D 155 -8.86 22.31 -21.46
CA LEU D 155 -7.55 21.70 -21.40
C LEU D 155 -7.35 20.97 -20.07
N LEU D 156 -7.94 21.47 -19.00
CA LEU D 156 -7.76 20.83 -17.71
C LEU D 156 -8.33 19.41 -17.73
N LEU D 157 -9.56 19.25 -18.21
CA LEU D 157 -10.22 17.95 -18.23
C LEU D 157 -9.69 17.05 -19.33
N PHE D 158 -9.34 17.65 -20.46
CA PHE D 158 -8.69 16.91 -21.55
C PHE D 158 -7.39 16.26 -21.04
N THR D 159 -6.52 17.04 -20.40
CA THR D 159 -5.22 16.47 -19.97
C THR D 159 -5.34 15.58 -18.73
N TRP D 160 -6.38 15.80 -17.94
CA TRP D 160 -6.68 14.92 -16.82
C TRP D 160 -6.85 13.47 -17.27
N LYS D 161 -7.31 13.29 -18.51
CA LYS D 161 -7.47 11.98 -19.08
C LYS D 161 -6.23 11.56 -19.94
N VAL D 162 -5.70 12.50 -20.74
CA VAL D 162 -4.62 12.18 -21.65
C VAL D 162 -3.29 11.91 -20.85
N ALA D 163 -3.06 12.68 -19.80
CA ALA D 163 -1.82 12.46 -19.04
C ALA D 163 -1.67 11.02 -18.45
N PRO D 164 -2.64 10.53 -17.64
CA PRO D 164 -2.45 9.13 -17.15
C PRO D 164 -2.50 8.07 -18.25
N ALA D 165 -3.22 8.35 -19.33
CA ALA D 165 -3.27 7.40 -20.45
C ALA D 165 -1.86 7.23 -20.98
N LEU D 166 -1.17 8.35 -21.22
CA LEU D 166 0.18 8.29 -21.76
C LEU D 166 1.18 7.77 -20.75
N ALA D 167 0.99 8.16 -19.49
CA ALA D 167 1.89 7.74 -18.43
C ALA D 167 1.85 6.20 -18.25
N CYS D 168 0.67 5.60 -18.51
CA CYS D 168 0.55 4.17 -18.44
C CYS D 168 0.99 3.47 -19.76
N GLY D 169 1.53 4.25 -20.72
CA GLY D 169 2.08 3.66 -21.95
C GLY D 169 1.00 3.36 -23.00
N ASN D 170 -0.22 3.85 -22.79
CA ASN D 170 -1.24 3.72 -23.83
C ASN D 170 -0.95 4.65 -24.98
N THR D 171 -1.68 4.44 -26.08
CA THR D 171 -1.79 5.42 -27.13
C THR D 171 -3.22 5.93 -27.07
N VAL D 172 -3.43 7.14 -27.61
CA VAL D 172 -4.63 7.91 -27.38
C VAL D 172 -5.31 8.39 -28.71
N VAL D 173 -6.63 8.28 -28.75
CA VAL D 173 -7.43 9.03 -29.73
C VAL D 173 -8.41 9.87 -28.92
N ALA D 174 -8.28 11.19 -29.01
CA ALA D 174 -9.01 12.09 -28.10
C ALA D 174 -9.90 13.08 -28.87
N LYS D 175 -11.12 13.28 -28.38
CA LYS D 175 -12.10 14.13 -29.05
C LYS D 175 -12.56 15.22 -28.07
N PRO D 176 -12.04 16.43 -28.22
CA PRO D 176 -12.44 17.47 -27.25
C PRO D 176 -13.83 17.99 -27.65
N SER D 177 -14.47 18.79 -26.78
CA SER D 177 -15.83 19.24 -27.10
C SER D 177 -15.78 20.13 -28.33
N GLU D 178 -16.86 20.11 -29.13
CA GLU D 178 -16.94 20.97 -30.29
C GLU D 178 -16.97 22.47 -29.91
N GLU D 179 -17.40 22.78 -28.68
CA GLU D 179 -17.42 24.19 -28.19
C GLU D 179 -15.99 24.69 -27.84
N SER D 180 -15.07 23.78 -27.56
CA SER D 180 -13.77 24.22 -27.11
C SER D 180 -12.61 23.43 -27.63
N PRO D 181 -12.34 23.55 -28.94
CA PRO D 181 -11.30 22.79 -29.62
C PRO D 181 -9.89 23.36 -29.66
N SER D 182 -9.70 24.62 -29.28
CA SER D 182 -8.45 25.33 -29.54
C SER D 182 -7.24 24.85 -28.66
N SER D 183 -7.41 24.82 -27.35
CA SER D 183 -6.32 24.37 -26.48
C SER D 183 -5.88 22.89 -26.82
N ALA D 184 -6.83 22.01 -27.14
CA ALA D 184 -6.46 20.65 -27.56
C ALA D 184 -5.62 20.64 -28.84
N THR D 185 -5.93 21.54 -29.78
CA THR D 185 -5.19 21.58 -31.03
C THR D 185 -3.80 22.13 -30.75
N LEU D 186 -3.72 23.13 -29.89
CA LEU D 186 -2.37 23.60 -29.45
C LEU D 186 -1.63 22.46 -28.73
N LEU D 187 -2.35 21.67 -27.95
CA LEU D 187 -1.66 20.57 -27.29
C LEU D 187 -1.04 19.61 -28.37
N ALA D 188 -1.77 19.34 -29.46
CA ALA D 188 -1.24 18.46 -30.51
C ALA D 188 0.04 19.02 -31.14
N GLU D 189 0.11 20.36 -31.23
CA GLU D 189 1.34 21.03 -31.68
C GLU D 189 2.48 20.80 -30.71
N VAL D 190 2.21 20.93 -29.42
CA VAL D 190 3.21 20.67 -28.41
C VAL D 190 3.70 19.19 -28.54
N MET D 191 2.76 18.27 -28.70
CA MET D 191 3.12 16.83 -28.79
C MET D 191 4.03 16.58 -29.97
N HIS D 192 3.69 17.21 -31.09
CA HIS D 192 4.51 17.13 -32.29
C HIS D 192 5.90 17.64 -32.06
N ASP D 193 6.01 18.88 -31.64
CA ASP D 193 7.29 19.50 -31.43
C ASP D 193 8.10 18.79 -30.40
N ALA D 194 7.44 18.10 -29.45
CA ALA D 194 8.19 17.39 -28.37
C ALA D 194 8.78 16.06 -28.87
N GLY D 195 8.41 15.67 -30.08
CA GLY D 195 8.91 14.44 -30.68
C GLY D 195 8.09 13.22 -30.28
N VAL D 196 6.92 13.41 -29.67
CA VAL D 196 6.06 12.28 -29.37
C VAL D 196 5.86 11.49 -30.67
N PRO D 197 6.11 10.17 -30.64
CA PRO D 197 5.97 9.32 -31.84
C PRO D 197 4.62 9.38 -32.50
N PRO D 198 4.60 9.26 -33.83
CA PRO D 198 3.31 9.32 -34.58
C PRO D 198 2.39 8.16 -34.27
N GLY D 199 1.10 8.45 -34.09
CA GLY D 199 0.12 7.46 -33.70
C GLY D 199 -0.10 7.39 -32.17
N VAL D 200 0.81 7.95 -31.39
CA VAL D 200 0.71 7.89 -29.90
C VAL D 200 -0.38 8.78 -29.40
N PHE D 201 -0.42 10.03 -29.90
CA PHE D 201 -1.50 10.97 -29.56
C PHE D 201 -2.25 11.42 -30.83
N ASN D 202 -3.56 11.22 -30.86
CA ASN D 202 -4.37 11.52 -32.03
C ASN D 202 -5.51 12.38 -31.62
N LEU D 203 -5.68 13.51 -32.31
CA LEU D 203 -6.74 14.48 -32.03
C LEU D 203 -7.76 14.47 -33.14
N ILE D 204 -8.99 14.19 -32.77
CA ILE D 204 -10.12 14.18 -33.74
C ILE D 204 -11.16 15.21 -33.27
N HIS D 205 -11.62 16.08 -34.18
CA HIS D 205 -12.60 17.13 -33.83
C HIS D 205 -13.97 16.71 -34.28
N GLY D 206 -14.99 17.22 -33.59
CA GLY D 206 -16.37 16.95 -33.99
C GLY D 206 -17.37 16.93 -32.87
N PHE D 207 -18.55 16.41 -33.18
CA PHE D 207 -19.65 16.38 -32.25
C PHE D 207 -19.75 15.02 -31.65
N GLY D 208 -20.89 14.75 -31.02
CA GLY D 208 -21.14 13.50 -30.37
C GLY D 208 -21.93 12.60 -31.31
N LYS D 209 -23.26 12.64 -31.09
CA LYS D 209 -24.20 11.79 -31.82
C LYS D 209 -23.97 11.91 -33.31
N ASP D 210 -23.93 10.75 -34.00
CA ASP D 210 -23.64 10.65 -35.46
C ASP D 210 -22.45 11.47 -35.89
N SER D 211 -21.40 11.50 -35.06
CA SER D 211 -20.21 12.28 -35.37
C SER D 211 -18.97 11.59 -34.74
N ALA D 212 -17.85 12.33 -34.69
CA ALA D 212 -16.55 11.77 -34.26
C ALA D 212 -16.69 11.07 -32.92
N GLY D 213 -17.35 11.74 -31.98
CA GLY D 213 -17.61 11.18 -30.64
C GLY D 213 -18.22 9.79 -30.68
N GLU D 214 -19.37 9.68 -31.33
CA GLU D 214 -20.03 8.38 -31.47
C GLU D 214 -19.18 7.34 -32.26
N PHE D 215 -18.49 7.78 -33.29
CA PHE D 215 -17.66 6.86 -34.06
C PHE D 215 -16.51 6.31 -33.20
N LEU D 216 -15.90 7.19 -32.40
CA LEU D 216 -14.79 6.74 -31.54
C LEU D 216 -15.31 5.64 -30.64
N THR D 217 -16.49 5.94 -30.14
CA THR D 217 -17.13 5.16 -29.17
C THR D 217 -17.51 3.77 -29.74
N GLN D 218 -17.75 3.69 -31.03
CA GLN D 218 -18.17 2.46 -31.64
C GLN D 218 -16.98 1.67 -32.18
N HIS D 219 -15.83 2.28 -32.27
CA HIS D 219 -14.72 1.55 -32.83
C HIS D 219 -14.25 0.37 -32.00
N PRO D 220 -14.12 -0.81 -32.62
CA PRO D 220 -13.73 -2.03 -31.89
C PRO D 220 -12.23 -2.03 -31.53
N GLY D 221 -11.46 -1.14 -32.12
CA GLY D 221 -10.02 -1.08 -31.88
C GLY D 221 -9.62 -0.39 -30.59
N ILE D 222 -10.56 0.27 -29.89
CA ILE D 222 -10.17 0.98 -28.67
C ILE D 222 -10.18 -0.04 -27.51
N SER D 223 -9.49 0.22 -26.40
CA SER D 223 -9.55 -0.72 -25.26
C SER D 223 -10.39 -0.18 -24.10
N ALA D 224 -10.64 1.13 -24.10
CA ALA D 224 -11.32 1.77 -23.04
C ALA D 224 -11.87 3.11 -23.51
N LEU D 225 -12.92 3.57 -22.86
CA LEU D 225 -13.46 4.91 -23.13
C LEU D 225 -13.60 5.63 -21.81
N THR D 226 -12.87 6.72 -21.64
CA THR D 226 -13.02 7.50 -20.46
C THR D 226 -13.74 8.78 -20.83
N PHE D 227 -14.70 9.17 -20.02
CA PHE D 227 -15.58 10.23 -20.41
C PHE D 227 -15.88 11.09 -19.24
N THR D 228 -15.89 12.41 -19.49
CA THR D 228 -16.47 13.40 -18.59
C THR D 228 -17.57 14.22 -19.36
N GLY D 229 -18.77 14.28 -18.81
CA GLY D 229 -19.88 14.95 -19.48
C GLY D 229 -21.21 14.69 -18.79
N GLU D 230 -22.28 14.98 -19.51
CA GLU D 230 -23.62 14.75 -18.99
C GLU D 230 -23.87 13.28 -18.66
N SER D 231 -24.65 13.06 -17.63
CA SER D 231 -24.99 11.74 -17.19
C SER D 231 -25.74 10.87 -18.26
N LYS D 232 -26.75 11.44 -18.92
CA LYS D 232 -27.41 10.71 -20.00
C LYS D 232 -26.45 10.38 -21.16
N THR D 233 -25.47 11.24 -21.39
CA THR D 233 -24.45 10.96 -22.39
C THR D 233 -23.62 9.71 -21.98
N GLY D 234 -23.31 9.62 -20.69
CA GLY D 234 -22.53 8.49 -20.13
C GLY D 234 -23.24 7.18 -20.43
N SER D 235 -24.52 7.15 -20.11
CA SER D 235 -25.38 6.00 -20.38
C SER D 235 -25.29 5.58 -21.84
N THR D 236 -25.27 6.57 -22.74
CA THR D 236 -25.25 6.29 -24.20
C THR D 236 -23.93 5.64 -24.57
N ILE D 237 -22.86 6.23 -24.08
CA ILE D 237 -21.54 5.66 -24.27
C ILE D 237 -21.44 4.28 -23.67
N MET D 238 -22.00 4.08 -22.47
CA MET D 238 -21.92 2.78 -21.84
C MET D 238 -22.64 1.76 -22.78
N LYS D 239 -23.81 2.13 -23.31
CA LYS D 239 -24.54 1.20 -24.21
C LYS D 239 -23.73 0.91 -25.45
N ALA D 240 -23.11 1.94 -26.00
CA ALA D 240 -22.38 1.85 -27.24
C ALA D 240 -21.17 0.93 -27.22
N VAL D 241 -20.51 0.84 -26.07
CA VAL D 241 -19.29 0.02 -26.01
C VAL D 241 -19.57 -1.35 -25.42
N ALA D 242 -20.85 -1.61 -25.07
CA ALA D 242 -21.19 -2.82 -24.31
C ALA D 242 -20.83 -4.13 -25.07
N ASP D 243 -21.14 -4.18 -26.37
CA ASP D 243 -20.87 -5.36 -27.21
C ASP D 243 -19.38 -5.66 -27.19
N GLY D 244 -18.56 -4.64 -27.01
CA GLY D 244 -17.14 -4.84 -26.97
C GLY D 244 -16.60 -5.08 -25.56
N VAL D 245 -17.46 -4.90 -24.54
CA VAL D 245 -17.04 -5.00 -23.10
C VAL D 245 -15.78 -4.15 -22.84
N LYS D 246 -15.74 -2.94 -23.43
CA LYS D 246 -14.63 -2.00 -23.22
C LYS D 246 -14.60 -1.49 -21.76
N GLU D 247 -13.40 -1.34 -21.20
CA GLU D 247 -13.30 -0.69 -19.90
C GLU D 247 -13.86 0.76 -20.03
N VAL D 248 -14.58 1.20 -19.01
CA VAL D 248 -15.13 2.53 -19.02
C VAL D 248 -14.89 3.26 -17.69
N SER D 249 -14.64 4.57 -17.78
CA SER D 249 -14.52 5.41 -16.59
C SER D 249 -15.38 6.67 -16.86
N PHE D 250 -16.36 6.95 -16.00
CA PHE D 250 -17.26 8.10 -16.21
C PHE D 250 -17.27 9.00 -14.99
N ALA D 251 -17.17 10.32 -15.23
CA ALA D 251 -17.45 11.35 -14.24
C ALA D 251 -18.54 12.22 -14.85
N LEU D 252 -19.70 12.22 -14.21
CA LEU D 252 -20.94 12.72 -14.82
C LEU D 252 -21.58 13.91 -14.11
N GLY D 253 -22.90 14.04 -14.22
CA GLY D 253 -23.55 15.25 -13.73
C GLY D 253 -23.57 15.33 -12.21
N GLY D 254 -23.92 16.48 -11.68
CA GLY D 254 -24.16 16.59 -10.26
C GLY D 254 -25.34 17.53 -9.96
N LYS D 255 -25.89 17.41 -8.75
CA LYS D 255 -26.77 18.46 -8.22
C LYS D 255 -26.31 18.63 -6.80
N ASN D 256 -25.15 19.25 -6.63
CA ASN D 256 -24.41 19.25 -5.37
C ASN D 256 -24.97 20.26 -4.38
N ALA D 257 -25.01 19.85 -3.13
CA ALA D 257 -25.40 20.71 -2.03
C ALA D 257 -24.23 21.32 -1.28
N ALA D 258 -24.41 22.53 -0.78
CA ALA D 258 -23.60 23.03 0.27
C ALA D 258 -24.47 23.11 1.53
N VAL D 259 -23.88 22.80 2.65
CA VAL D 259 -24.63 22.86 3.90
C VAL D 259 -23.94 23.84 4.83
N VAL D 260 -24.69 24.79 5.39
CA VAL D 260 -24.10 25.75 6.32
C VAL D 260 -24.74 25.61 7.71
N PHE D 261 -23.98 25.10 8.66
CA PHE D 261 -24.46 24.89 10.00
C PHE D 261 -24.38 26.19 10.82
N ALA D 262 -25.05 26.21 11.95
CA ALA D 262 -25.23 27.42 12.74
C ALA D 262 -23.89 27.82 13.26
N ASP D 263 -22.95 26.87 13.40
CA ASP D 263 -21.64 27.25 13.99
C ASP D 263 -20.61 27.55 12.91
N ALA D 264 -21.09 27.71 11.67
CA ALA D 264 -20.14 28.08 10.60
C ALA D 264 -19.52 29.43 10.87
N ASP D 265 -18.35 29.67 10.35
CA ASP D 265 -17.85 30.99 10.23
C ASP D 265 -18.71 31.59 9.08
N LEU D 266 -19.70 32.41 9.45
CA LEU D 266 -20.66 32.94 8.48
C LEU D 266 -20.11 33.67 7.26
N ASP D 267 -19.22 34.64 7.49
CA ASP D 267 -18.56 35.34 6.36
C ASP D 267 -17.75 34.42 5.47
N ALA D 268 -17.02 33.48 6.08
CA ALA D 268 -16.25 32.50 5.31
C ALA D 268 -17.26 31.71 4.51
N ALA D 269 -18.43 31.37 5.08
CA ALA D 269 -19.36 30.52 4.34
C ALA D 269 -20.04 31.24 3.19
N ILE D 270 -20.43 32.48 3.44
CA ILE D 270 -20.96 33.33 2.37
C ILE D 270 -19.97 33.40 1.21
N GLU D 271 -18.73 33.75 1.53
CA GLU D 271 -17.70 33.79 0.50
C GLU D 271 -17.55 32.44 -0.18
N GLY D 272 -17.71 31.36 0.60
CA GLY D 272 -17.43 30.00 0.10
C GLY D 272 -18.49 29.57 -0.87
N VAL D 273 -19.75 29.89 -0.53
CA VAL D 273 -20.89 29.49 -1.37
C VAL D 273 -20.96 30.38 -2.61
N LEU D 274 -20.53 31.62 -2.47
CA LEU D 274 -20.33 32.49 -3.62
C LEU D 274 -19.46 31.79 -4.65
N ARG D 275 -18.29 31.33 -4.21
CA ARG D 275 -17.37 30.62 -5.07
C ARG D 275 -17.95 29.31 -5.60
N SER D 276 -18.56 28.53 -4.74
CA SER D 276 -19.03 27.21 -5.17
C SER D 276 -20.26 27.32 -6.10
N SER D 277 -20.94 28.45 -6.06
CA SER D 277 -22.11 28.61 -6.90
C SER D 277 -21.80 29.24 -8.25
N PHE D 278 -20.84 30.16 -8.27
CA PHE D 278 -20.68 31.07 -9.45
C PHE D 278 -19.30 31.02 -10.15
N THR D 279 -18.34 30.32 -9.55
CA THR D 279 -17.07 30.05 -10.27
C THR D 279 -17.32 29.53 -11.70
N ASN D 280 -16.54 30.03 -12.65
CA ASN D 280 -16.69 29.66 -14.07
C ASN D 280 -18.13 29.91 -14.55
N SER D 281 -18.82 30.87 -13.93
CA SER D 281 -20.23 31.11 -14.23
C SER D 281 -21.12 29.90 -13.98
N GLY D 282 -20.77 29.14 -12.92
CA GLY D 282 -21.59 28.03 -12.44
C GLY D 282 -21.42 26.79 -13.31
N GLN D 283 -20.52 26.88 -14.30
CA GLN D 283 -20.31 25.73 -15.20
C GLN D 283 -19.17 24.81 -14.72
N VAL D 284 -19.30 24.31 -13.52
CA VAL D 284 -18.39 23.32 -12.99
C VAL D 284 -19.28 22.24 -12.44
N CYS D 285 -18.99 20.98 -12.77
CA CYS D 285 -19.76 19.84 -12.25
C CYS D 285 -19.75 19.82 -10.74
N LEU D 286 -18.75 20.45 -10.15
CA LEU D 286 -18.63 20.53 -8.70
C LEU D 286 -19.52 21.61 -8.03
N CYS D 287 -20.03 22.55 -8.83
CA CYS D 287 -20.80 23.68 -8.27
C CYS D 287 -21.97 23.31 -7.40
N SER D 288 -22.25 24.16 -6.40
CA SER D 288 -23.37 23.96 -5.51
C SER D 288 -24.66 24.60 -6.09
N GLU D 289 -25.57 23.79 -6.64
CA GLU D 289 -26.86 24.35 -7.03
C GLU D 289 -27.98 24.23 -5.96
N ARG D 290 -27.73 23.46 -4.91
CA ARG D 290 -28.56 23.44 -3.72
C ARG D 290 -27.74 23.90 -2.51
N VAL D 291 -28.34 24.68 -1.62
CA VAL D 291 -27.62 25.21 -0.46
C VAL D 291 -28.60 25.12 0.70
N TYR D 292 -28.17 24.53 1.82
CA TYR D 292 -29.04 24.41 2.97
C TYR D 292 -28.35 25.13 4.11
N VAL D 293 -29.12 25.96 4.81
CA VAL D 293 -28.56 26.85 5.77
C VAL D 293 -29.40 26.76 7.04
N HIS D 294 -28.75 26.73 8.19
CA HIS D 294 -29.51 26.57 9.40
C HIS D 294 -30.46 27.77 9.62
N ARG D 295 -31.66 27.50 10.15
CA ARG D 295 -32.74 28.52 10.27
C ARG D 295 -32.28 29.76 11.01
N SER D 296 -31.50 29.56 12.07
CA SER D 296 -31.07 30.66 12.88
C SER D 296 -30.20 31.64 12.12
N ILE D 297 -29.64 31.22 10.97
CA ILE D 297 -28.75 32.12 10.19
C ILE D 297 -29.21 32.31 8.75
N PHE D 298 -30.34 31.70 8.41
CA PHE D 298 -30.75 31.65 7.04
C PHE D 298 -30.91 33.04 6.47
N ASP D 299 -31.68 33.87 7.17
CA ASP D 299 -31.96 35.19 6.65
C ASP D 299 -30.68 36.03 6.38
N GLU D 300 -29.81 36.09 7.37
CA GLU D 300 -28.54 36.80 7.25
C GLU D 300 -27.64 36.20 6.14
N PHE D 301 -27.54 34.86 6.09
CA PHE D 301 -26.76 34.23 5.02
C PHE D 301 -27.29 34.67 3.66
N VAL D 302 -28.61 34.59 3.50
CA VAL D 302 -29.22 34.93 2.19
C VAL D 302 -28.94 36.40 1.77
N SER D 303 -29.06 37.32 2.72
CA SER D 303 -28.82 38.71 2.47
C SER D 303 -27.35 39.00 2.18
N GLY D 304 -26.47 38.41 3.00
CA GLY D 304 -25.02 38.49 2.70
C GLY D 304 -24.67 37.97 1.30
N LEU D 305 -25.17 36.81 0.94
CA LEU D 305 -24.84 36.20 -0.35
C LEU D 305 -25.42 37.05 -1.48
N LYS D 306 -26.58 37.67 -1.23
CA LYS D 306 -27.15 38.56 -2.27
C LYS D 306 -26.18 39.73 -2.54
N VAL D 307 -25.74 40.40 -1.47
CA VAL D 307 -24.86 41.54 -1.62
C VAL D 307 -23.60 41.09 -2.37
N GLU D 308 -23.00 40.00 -1.92
CA GLU D 308 -21.80 39.50 -2.58
C GLU D 308 -22.00 39.11 -4.04
N ALA D 309 -23.16 38.55 -4.36
CA ALA D 309 -23.45 38.16 -5.76
C ALA D 309 -23.60 39.40 -6.65
N GLU D 310 -24.30 40.42 -6.13
CA GLU D 310 -24.45 41.67 -6.89
C GLU D 310 -23.17 42.51 -7.00
N ARG D 311 -22.17 42.23 -6.17
CA ARG D 311 -20.86 42.85 -6.34
C ARG D 311 -20.00 42.20 -7.44
N LEU D 312 -20.31 40.96 -7.79
CA LEU D 312 -19.62 40.23 -8.90
C LEU D 312 -19.62 41.01 -10.23
N VAL D 313 -18.44 41.15 -10.82
CA VAL D 313 -18.30 41.81 -12.07
C VAL D 313 -18.42 40.78 -13.22
N VAL D 314 -19.45 40.99 -14.03
CA VAL D 314 -19.73 40.13 -15.18
C VAL D 314 -19.31 40.85 -16.45
N GLY D 315 -18.28 40.37 -17.15
CA GLY D 315 -17.73 41.15 -18.24
C GLY D 315 -16.71 40.50 -19.14
N TYR D 316 -15.89 41.33 -19.76
CA TYR D 316 -14.83 40.84 -20.59
C TYR D 316 -13.83 39.98 -19.78
N PRO D 317 -13.20 38.98 -20.43
CA PRO D 317 -12.12 38.17 -19.90
C PRO D 317 -10.98 38.94 -19.28
N ASP D 318 -10.63 40.08 -19.85
CA ASP D 318 -9.50 40.88 -19.29
C ASP D 318 -9.94 42.20 -18.73
N GLN D 319 -11.24 42.37 -18.54
CA GLN D 319 -11.73 43.56 -17.84
C GLN D 319 -11.20 43.60 -16.40
N ASP D 320 -10.88 44.80 -15.91
CA ASP D 320 -10.57 45.07 -14.48
C ASP D 320 -11.58 44.52 -13.47
N GLY D 321 -11.08 43.73 -12.52
CA GLY D 321 -11.89 43.13 -11.46
C GLY D 321 -12.94 42.10 -11.89
N VAL D 322 -12.87 41.59 -13.13
CA VAL D 322 -13.90 40.66 -13.66
C VAL D 322 -14.00 39.34 -12.85
N ASN D 323 -15.21 38.94 -12.56
CA ASN D 323 -15.45 37.69 -11.84
C ASN D 323 -16.05 36.61 -12.70
N MET D 324 -16.94 37.00 -13.64
CA MET D 324 -17.66 36.01 -14.39
C MET D 324 -17.66 36.37 -15.86
N GLY D 325 -17.46 35.35 -16.69
CA GLY D 325 -17.62 35.51 -18.13
C GLY D 325 -19.01 35.05 -18.55
N PRO D 326 -19.20 34.82 -19.85
CA PRO D 326 -20.48 34.38 -20.33
C PRO D 326 -20.66 32.90 -20.05
N LEU D 327 -21.77 32.36 -20.48
CA LEU D 327 -21.87 30.93 -20.65
C LEU D 327 -21.14 30.53 -21.91
N ILE D 328 -20.82 29.25 -22.02
CA ILE D 328 -20.11 28.72 -23.16
C ILE D 328 -20.72 29.02 -24.56
N SER D 329 -22.05 29.06 -24.66
CA SER D 329 -22.68 29.15 -26.00
C SER D 329 -24.11 29.63 -25.90
N HIS D 330 -24.64 30.17 -27.02
CA HIS D 330 -26.04 30.59 -27.08
C HIS D 330 -26.97 29.46 -26.75
N GLY D 331 -26.65 28.27 -27.31
CA GLY D 331 -27.35 27.00 -27.01
C GLY D 331 -27.47 26.70 -25.50
N HIS D 332 -26.35 26.79 -24.80
CA HIS D 332 -26.39 26.55 -23.36
C HIS D 332 -27.18 27.63 -22.62
N ARG D 333 -26.98 28.86 -23.01
CA ARG D 333 -27.76 29.97 -22.43
C ARG D 333 -29.30 29.76 -22.59
N ASP D 334 -29.72 29.33 -23.77
CA ASP D 334 -31.15 28.96 -23.94
C ASP D 334 -31.61 27.99 -22.88
N LYS D 335 -30.81 26.92 -22.65
CA LYS D 335 -31.18 25.95 -21.65
C LYS D 335 -31.20 26.58 -20.26
N VAL D 336 -30.22 27.42 -19.97
CA VAL D 336 -30.13 28.01 -18.62
C VAL D 336 -31.30 28.97 -18.31
N LEU D 337 -31.60 29.84 -19.26
CA LEU D 337 -32.74 30.74 -19.18
C LEU D 337 -34.06 30.00 -19.07
N SER D 338 -34.18 28.90 -19.82
CA SER D 338 -35.33 28.04 -19.73
C SER D 338 -35.59 27.57 -18.29
N TYR D 339 -34.52 27.17 -17.60
CA TYR D 339 -34.61 26.86 -16.16
C TYR D 339 -34.93 28.09 -15.32
N TYR D 340 -34.37 29.24 -15.70
CA TYR D 340 -34.64 30.46 -14.95
C TYR D 340 -36.13 30.80 -14.90
N ARG D 341 -36.81 30.62 -16.02
CA ARG D 341 -38.25 30.87 -16.01
C ARG D 341 -39.03 29.71 -15.37
N LEU D 342 -38.58 28.47 -15.63
CA LEU D 342 -39.12 27.36 -14.87
C LEU D 342 -39.10 27.66 -13.34
N ALA D 343 -38.01 28.22 -12.84
CA ALA D 343 -37.94 28.48 -11.39
C ALA D 343 -39.08 29.41 -10.94
N VAL D 344 -39.31 30.45 -11.72
CA VAL D 344 -40.46 31.32 -11.46
C VAL D 344 -41.75 30.50 -11.49
N ASP D 345 -41.96 29.76 -12.57
CA ASP D 345 -43.16 28.93 -12.74
C ASP D 345 -43.39 27.96 -11.60
N GLU D 346 -42.32 27.55 -10.95
CA GLU D 346 -42.38 26.59 -9.85
C GLU D 346 -42.56 27.30 -8.53
N GLY D 347 -42.51 28.62 -8.56
CA GLY D 347 -42.88 29.39 -7.41
C GLY D 347 -41.72 29.98 -6.64
N ALA D 348 -40.54 29.99 -7.25
CA ALA D 348 -39.36 30.53 -6.55
C ALA D 348 -39.45 32.06 -6.34
N THR D 349 -38.85 32.53 -5.25
CA THR D 349 -38.53 33.96 -5.11
C THR D 349 -37.18 34.21 -5.72
N VAL D 350 -37.08 35.23 -6.58
CA VAL D 350 -35.78 35.63 -7.15
C VAL D 350 -35.07 36.65 -6.28
N VAL D 351 -34.13 36.16 -5.48
CA VAL D 351 -33.37 37.04 -4.62
C VAL D 351 -32.47 37.96 -5.44
N THR D 352 -31.98 37.49 -6.60
CA THR D 352 -31.14 38.28 -7.47
C THR D 352 -30.99 37.56 -8.81
N GLY D 353 -30.60 38.31 -9.83
CA GLY D 353 -30.35 37.79 -11.14
C GLY D 353 -31.62 37.35 -11.82
N GLY D 354 -31.56 36.26 -12.55
CA GLY D 354 -32.75 35.66 -13.10
C GLY D 354 -32.93 36.13 -14.51
N GLY D 355 -31.95 36.87 -15.03
CA GLY D 355 -32.00 37.25 -16.43
C GLY D 355 -30.65 37.38 -17.09
N VAL D 356 -30.60 38.26 -18.10
CA VAL D 356 -29.39 38.48 -18.85
C VAL D 356 -28.99 39.92 -18.56
N PRO D 357 -27.70 40.16 -18.27
CA PRO D 357 -27.29 41.54 -18.05
C PRO D 357 -27.38 42.28 -19.36
N LYS D 358 -27.60 43.57 -19.33
CA LYS D 358 -27.64 44.37 -20.57
C LYS D 358 -26.35 45.22 -20.66
N PHE D 359 -25.62 45.06 -21.74
CA PHE D 359 -24.32 45.74 -21.82
C PHE D 359 -24.38 46.99 -22.70
N ASN D 360 -25.24 46.96 -23.71
CA ASN D 360 -25.29 48.03 -24.74
C ASN D 360 -23.98 48.14 -25.48
N ASP D 361 -23.42 46.99 -25.84
CA ASP D 361 -22.22 46.89 -26.63
C ASP D 361 -22.17 45.49 -27.23
N GLU D 362 -21.04 45.13 -27.83
CA GLU D 362 -20.95 43.85 -28.55
C GLU D 362 -21.25 42.61 -27.66
N ARG D 363 -21.06 42.73 -26.36
CA ARG D 363 -21.34 41.61 -25.46
C ARG D 363 -22.80 41.17 -25.47
N ASP D 364 -23.68 42.05 -25.95
CA ASP D 364 -25.09 41.68 -26.01
C ASP D 364 -25.34 40.65 -27.09
N GLN D 365 -24.42 40.53 -28.04
CA GLN D 365 -24.49 39.41 -29.01
C GLN D 365 -23.81 38.15 -28.46
N GLY D 366 -23.26 38.24 -27.24
CA GLY D 366 -22.60 37.08 -26.59
C GLY D 366 -23.60 36.16 -25.90
N ALA D 367 -23.12 35.39 -24.92
CA ALA D 367 -24.01 34.42 -24.25
C ALA D 367 -24.00 34.58 -22.73
N TYR D 368 -24.14 35.82 -22.28
CA TYR D 368 -24.12 36.11 -20.84
C TYR D 368 -25.42 35.83 -20.15
N VAL D 369 -25.32 35.38 -18.89
CA VAL D 369 -26.48 35.38 -17.96
C VAL D 369 -26.09 35.99 -16.63
N GLN D 370 -27.07 36.25 -15.78
CA GLN D 370 -26.76 36.85 -14.45
C GLN D 370 -26.56 35.78 -13.43
N PRO D 371 -25.71 36.06 -12.42
CA PRO D 371 -25.63 35.11 -11.32
C PRO D 371 -26.98 35.18 -10.59
N THR D 372 -27.50 34.04 -10.13
CA THR D 372 -28.94 33.98 -9.79
C THR D 372 -29.10 33.17 -8.52
N ILE D 373 -29.85 33.72 -7.58
CA ILE D 373 -30.18 33.07 -6.33
C ILE D 373 -31.68 32.92 -6.18
N TRP D 374 -32.15 31.67 -5.96
CA TRP D 374 -33.58 31.42 -5.64
C TRP D 374 -33.76 31.03 -4.18
N THR D 375 -34.98 31.27 -3.71
CA THR D 375 -35.47 30.91 -2.40
C THR D 375 -36.90 30.37 -2.61
N GLY D 376 -37.42 29.58 -1.65
CA GLY D 376 -38.81 29.21 -1.61
C GLY D 376 -39.37 28.06 -2.46
N LEU D 377 -38.50 27.32 -3.17
CA LEU D 377 -38.91 26.07 -3.84
C LEU D 377 -38.93 24.87 -2.87
N SER D 378 -39.85 23.91 -3.09
CA SER D 378 -39.79 22.67 -2.31
C SER D 378 -38.71 21.78 -2.85
N ASP D 379 -38.38 20.71 -2.13
CA ASP D 379 -37.27 19.83 -2.49
C ASP D 379 -37.58 19.04 -3.79
N LYS D 380 -38.87 18.90 -4.11
CA LYS D 380 -39.31 18.20 -5.32
C LYS D 380 -39.26 19.05 -6.60
N ALA D 381 -39.19 20.36 -6.46
CA ALA D 381 -39.12 21.21 -7.63
C ALA D 381 -38.02 20.74 -8.60
N ARG D 382 -38.29 20.80 -9.89
CA ARG D 382 -37.35 20.36 -10.89
C ARG D 382 -36.04 21.19 -10.83
N CYS D 383 -36.15 22.44 -10.43
CA CYS D 383 -35.04 23.37 -10.39
C CYS D 383 -34.12 23.04 -9.19
N VAL D 384 -34.63 22.25 -8.24
CA VAL D 384 -33.83 21.85 -7.12
C VAL D 384 -33.26 20.47 -7.36
N THR D 385 -33.77 19.79 -8.39
CA THR D 385 -33.44 18.39 -8.59
C THR D 385 -32.62 18.18 -9.83
N GLU D 386 -32.81 19.00 -10.87
CA GLU D 386 -32.12 18.78 -12.13
C GLU D 386 -30.90 19.69 -12.26
N GLU D 387 -29.88 19.14 -12.87
CA GLU D 387 -28.66 19.89 -13.04
C GLU D 387 -28.91 21.02 -14.08
N ILE D 388 -28.68 22.24 -13.64
CA ILE D 388 -28.77 23.38 -14.55
C ILE D 388 -27.44 23.74 -15.24
N PHE D 389 -26.35 23.70 -14.48
CA PHE D 389 -25.02 23.98 -15.02
C PHE D 389 -24.86 25.45 -15.43
N GLY D 390 -25.50 26.32 -14.65
CA GLY D 390 -25.36 27.76 -14.79
C GLY D 390 -25.06 28.36 -13.44
N PRO D 391 -24.93 29.69 -13.39
CA PRO D 391 -24.51 30.38 -12.16
C PRO D 391 -25.72 30.61 -11.24
N VAL D 392 -26.17 29.53 -10.59
CA VAL D 392 -27.42 29.56 -9.88
C VAL D 392 -27.37 28.63 -8.69
N CYS D 393 -28.07 29.03 -7.65
CA CYS D 393 -28.25 28.21 -6.44
C CYS D 393 -29.55 28.53 -5.79
N HIS D 394 -30.24 27.48 -5.34
CA HIS D 394 -31.42 27.63 -4.52
C HIS D 394 -31.04 27.42 -3.08
N ILE D 395 -31.52 28.31 -2.22
CA ILE D 395 -31.21 28.25 -0.78
C ILE D 395 -32.46 27.97 0.08
N SER D 396 -32.32 27.06 1.01
CA SER D 396 -33.43 26.56 1.82
C SER D 396 -32.95 26.36 3.29
N PRO D 397 -33.82 26.73 4.29
CA PRO D 397 -33.46 26.57 5.70
C PRO D 397 -33.56 25.09 6.17
N PHE D 398 -32.88 24.76 7.29
CA PHE D 398 -33.12 23.46 7.92
C PHE D 398 -32.92 23.66 9.41
N ASP D 399 -33.35 22.70 10.21
CA ASP D 399 -33.24 22.82 11.66
C ASP D 399 -32.38 21.75 12.25
N ASP D 400 -32.36 20.58 11.62
CA ASP D 400 -31.81 19.41 12.25
C ASP D 400 -30.73 18.73 11.38
N GLU D 401 -29.66 18.28 12.02
CA GLU D 401 -28.55 17.62 11.29
C GLU D 401 -28.94 16.39 10.47
N ASP D 402 -29.67 15.44 11.08
CA ASP D 402 -30.13 14.24 10.32
C ASP D 402 -31.02 14.62 9.19
N GLU D 403 -31.97 15.52 9.46
CA GLU D 403 -32.87 15.99 8.41
C GLU D 403 -32.11 16.51 7.22
N VAL D 404 -31.11 17.37 7.47
CA VAL D 404 -30.40 17.95 6.32
C VAL D 404 -29.55 16.91 5.55
N ILE D 405 -29.05 15.95 6.28
CA ILE D 405 -28.24 14.85 5.67
C ILE D 405 -29.14 14.08 4.67
N ASN D 406 -30.36 13.81 5.12
CA ASN D 406 -31.31 13.11 4.30
C ASN D 406 -31.72 13.92 3.11
N ARG D 407 -31.97 15.21 3.32
CA ARG D 407 -32.28 16.11 2.21
C ARG D 407 -31.14 16.17 1.19
N VAL D 408 -29.89 16.13 1.67
CA VAL D 408 -28.74 16.23 0.74
C VAL D 408 -28.64 14.96 -0.11
N ASN D 409 -28.85 13.82 0.54
CA ASN D 409 -28.74 12.50 -0.07
C ASN D 409 -29.95 12.11 -0.93
N ASP D 410 -31.03 12.85 -0.78
CA ASP D 410 -32.26 12.53 -1.50
C ASP D 410 -32.10 13.11 -2.92
N SER D 411 -31.33 12.39 -3.75
CA SER D 411 -30.92 12.85 -5.07
C SER D 411 -30.53 11.64 -5.88
N ASN D 412 -30.73 11.70 -7.19
CA ASN D 412 -30.25 10.66 -8.09
C ASN D 412 -28.77 10.90 -8.47
N TYR D 413 -28.24 12.07 -8.10
CA TYR D 413 -26.82 12.40 -8.24
C TYR D 413 -26.07 12.20 -6.94
N GLY D 414 -24.74 12.15 -7.03
CA GLY D 414 -23.93 12.04 -5.83
C GLY D 414 -22.50 12.31 -6.14
N LEU D 415 -22.24 13.55 -6.60
CA LEU D 415 -20.91 13.93 -6.99
C LEU D 415 -20.07 14.55 -5.87
N ALA D 416 -20.53 15.69 -5.34
CA ALA D 416 -19.80 16.42 -4.32
C ALA D 416 -20.71 17.09 -3.31
N CYS D 417 -20.11 17.42 -2.17
CA CYS D 417 -20.83 18.23 -1.19
C CYS D 417 -19.84 19.12 -0.47
N ALA D 418 -20.26 20.30 -0.11
CA ALA D 418 -19.44 21.18 0.73
C ALA D 418 -20.16 21.48 2.04
N ILE D 419 -19.46 21.40 3.14
CA ILE D 419 -20.04 21.58 4.45
C ILE D 419 -19.28 22.66 5.20
N TRP D 420 -20.03 23.52 5.89
CA TRP D 420 -19.44 24.60 6.68
C TRP D 420 -19.80 24.48 8.13
N THR D 421 -18.76 24.32 8.97
CA THR D 421 -18.94 24.17 10.39
C THR D 421 -17.56 24.31 11.04
N THR D 422 -17.51 24.96 12.19
CA THR D 422 -16.24 25.03 12.99
C THR D 422 -16.14 23.87 14.00
N ASN D 423 -17.13 22.98 14.02
CA ASN D 423 -17.15 21.92 15.02
C ASN D 423 -16.44 20.64 14.54
N LEU D 424 -15.44 20.24 15.32
CA LEU D 424 -14.62 19.06 15.04
C LEU D 424 -15.45 17.78 14.84
N SER D 425 -16.22 17.38 15.84
CA SER D 425 -17.06 16.19 15.66
C SER D 425 -18.00 16.30 14.49
N ARG D 426 -18.67 17.44 14.38
CA ARG D 426 -19.65 17.61 13.32
C ARG D 426 -19.04 17.38 11.97
N ALA D 427 -17.85 17.94 11.75
CA ALA D 427 -17.27 17.86 10.44
C ALA D 427 -17.04 16.40 10.04
N HIS D 428 -16.49 15.59 10.97
CA HIS D 428 -16.30 14.19 10.66
C HIS D 428 -17.57 13.35 10.65
N ARG D 429 -18.45 13.59 11.61
CA ARG D 429 -19.72 12.86 11.70
C ARG D 429 -20.57 13.03 10.46
N VAL D 430 -20.78 14.28 10.03
CA VAL D 430 -21.63 14.57 8.93
C VAL D 430 -21.02 14.17 7.58
N SER D 431 -19.70 14.44 7.41
CA SER D 431 -19.07 14.24 6.13
C SER D 431 -19.18 12.80 5.68
N ARG D 432 -19.04 11.86 6.64
CA ARG D 432 -18.99 10.46 6.26
C ARG D 432 -20.40 9.94 5.82
N GLN D 433 -21.46 10.70 6.12
CA GLN D 433 -22.82 10.22 5.88
C GLN D 433 -23.36 10.84 4.64
N ILE D 434 -22.61 11.74 4.01
CA ILE D 434 -23.06 12.30 2.74
C ILE D 434 -22.76 11.31 1.62
N HIS D 435 -23.76 10.96 0.84
CA HIS D 435 -23.58 9.96 -0.18
C HIS D 435 -23.05 10.56 -1.47
N VAL D 436 -21.77 10.92 -1.48
CA VAL D 436 -21.09 11.53 -2.64
C VAL D 436 -19.67 10.96 -2.72
N GLY D 437 -18.95 11.20 -3.83
CA GLY D 437 -17.56 10.86 -3.92
C GLY D 437 -16.62 11.85 -3.23
N LEU D 438 -17.04 13.09 -3.08
CA LEU D 438 -16.13 14.18 -2.65
C LEU D 438 -16.85 15.11 -1.66
N VAL D 439 -16.29 15.24 -0.46
CA VAL D 439 -16.78 16.21 0.46
C VAL D 439 -15.65 17.22 0.74
N TRP D 440 -16.02 18.51 0.85
CA TRP D 440 -15.15 19.57 1.36
C TRP D 440 -15.71 20.15 2.59
N VAL D 441 -14.86 20.38 3.58
CA VAL D 441 -15.29 21.07 4.81
C VAL D 441 -14.62 22.44 4.93
N ASN D 442 -15.43 23.51 4.99
CA ASN D 442 -14.90 24.87 5.02
C ASN D 442 -14.02 25.25 3.81
N THR D 443 -14.27 24.65 2.66
CA THR D 443 -13.64 25.11 1.44
C THR D 443 -14.43 24.51 0.27
N TRP D 444 -13.91 24.62 -0.93
CA TRP D 444 -14.53 23.95 -2.08
C TRP D 444 -13.57 23.86 -3.22
N TYR D 445 -13.68 22.78 -4.00
CA TYR D 445 -12.81 22.59 -5.17
C TYR D 445 -11.35 22.80 -4.79
N LEU D 446 -10.90 22.18 -3.71
CA LEU D 446 -9.50 22.22 -3.35
C LEU D 446 -9.02 20.80 -3.71
N ARG D 447 -8.11 20.70 -4.67
CA ARG D 447 -7.76 19.41 -5.27
C ARG D 447 -6.33 18.91 -4.97
N ASP D 448 -6.21 17.72 -4.39
CA ASP D 448 -4.93 17.04 -4.32
C ASP D 448 -5.00 15.95 -5.36
N LEU D 449 -4.11 15.96 -6.33
CA LEU D 449 -4.29 15.08 -7.53
C LEU D 449 -4.06 13.57 -7.25
N ARG D 450 -3.60 13.24 -6.03
CA ARG D 450 -3.39 11.84 -5.63
C ARG D 450 -4.71 11.21 -5.12
N THR D 451 -5.67 12.05 -4.73
CA THR D 451 -6.93 11.54 -4.25
C THR D 451 -7.81 10.87 -5.31
N PRO D 452 -8.60 9.88 -4.88
CA PRO D 452 -9.60 9.35 -5.79
C PRO D 452 -10.67 10.40 -6.03
N PHE D 453 -11.05 10.56 -7.28
CA PHE D 453 -12.02 11.53 -7.67
C PHE D 453 -13.08 10.82 -8.52
N GLY D 454 -14.35 11.16 -8.26
CA GLY D 454 -15.45 10.56 -8.97
C GLY D 454 -16.74 10.61 -8.18
N GLY D 455 -17.80 10.00 -8.73
CA GLY D 455 -19.11 10.17 -8.14
C GLY D 455 -19.82 8.89 -7.83
N VAL D 456 -20.93 8.99 -7.10
CA VAL D 456 -21.86 7.85 -6.95
C VAL D 456 -23.18 8.02 -7.76
N LYS D 457 -24.00 6.98 -7.78
CA LYS D 457 -25.30 7.01 -8.46
C LYS D 457 -25.13 7.55 -9.88
N LEU D 458 -25.96 8.51 -10.28
CA LEU D 458 -25.89 9.05 -11.66
C LEU D 458 -24.63 9.87 -11.98
N SER D 459 -23.78 10.20 -10.96
CA SER D 459 -22.64 11.10 -11.15
C SER D 459 -21.36 10.38 -11.62
N GLY D 460 -21.43 9.06 -11.74
CA GLY D 460 -20.33 8.37 -12.43
C GLY D 460 -20.17 6.89 -12.10
N LEU D 461 -19.03 6.36 -12.52
CA LEU D 461 -18.62 5.05 -12.08
C LEU D 461 -17.15 4.93 -12.26
N GLY D 462 -16.53 4.22 -11.33
CA GLY D 462 -15.07 4.18 -11.32
C GLY D 462 -14.53 5.42 -10.62
N ARG D 463 -13.25 5.39 -10.35
CA ARG D 463 -12.59 6.56 -9.77
C ARG D 463 -11.36 6.82 -10.61
N GLU D 464 -10.97 8.09 -10.64
CA GLU D 464 -9.66 8.45 -11.19
C GLU D 464 -8.85 9.21 -10.16
N GLY D 465 -7.59 9.50 -10.47
CA GLY D 465 -6.70 10.17 -9.54
C GLY D 465 -5.74 9.17 -8.89
N GLY D 466 -4.51 9.60 -8.67
CA GLY D 466 -3.51 8.73 -8.09
C GLY D 466 -3.49 7.32 -8.67
N ARG D 467 -3.46 6.33 -7.78
CA ARG D 467 -3.32 4.95 -8.21
C ARG D 467 -4.61 4.48 -8.91
N PHE D 468 -5.72 5.18 -8.64
CA PHE D 468 -6.96 4.81 -9.30
C PHE D 468 -6.83 5.00 -10.81
N SER D 469 -6.20 6.09 -11.23
CA SER D 469 -5.86 6.28 -12.62
C SER D 469 -4.89 5.24 -13.12
N MET D 470 -3.84 4.97 -12.34
CA MET D 470 -2.79 4.08 -12.79
C MET D 470 -3.34 2.68 -13.01
N ASP D 471 -4.36 2.31 -12.23
CA ASP D 471 -5.05 1.02 -12.36
C ASP D 471 -6.02 1.07 -13.55
N PHE D 472 -6.81 2.14 -13.63
CA PHE D 472 -7.75 2.20 -14.78
C PHE D 472 -7.07 2.19 -16.16
N TYR D 473 -5.99 2.97 -16.33
CA TYR D 473 -5.39 3.05 -17.68
C TYR D 473 -4.38 1.94 -17.94
N SER D 474 -4.43 0.88 -17.11
CA SER D 474 -3.49 -0.22 -17.22
C SER D 474 -4.25 -1.53 -17.24
N ASP D 475 -3.76 -2.48 -18.04
CA ASP D 475 -4.05 -3.90 -17.83
C ASP D 475 -3.35 -4.28 -16.53
N ILE D 476 -4.11 -4.72 -15.54
CA ILE D 476 -3.49 -5.39 -14.39
C ILE D 476 -3.45 -6.93 -14.66
N ALA D 477 -2.24 -7.48 -14.65
CA ALA D 477 -2.05 -8.88 -14.93
C ALA D 477 -1.35 -9.63 -13.79
N ASN D 478 -1.94 -10.76 -13.42
CA ASN D 478 -1.39 -11.64 -12.41
C ASN D 478 -0.63 -12.81 -13.07
N ILE D 479 0.63 -12.95 -12.71
CA ILE D 479 1.46 -14.04 -13.20
C ILE D 479 1.81 -14.94 -12.01
N CYS D 480 1.47 -16.23 -12.14
CA CYS D 480 1.63 -17.18 -11.10
C CYS D 480 2.63 -18.24 -11.46
N ILE D 481 3.72 -18.26 -10.72
CA ILE D 481 4.80 -19.18 -10.96
C ILE D 481 4.69 -20.36 -9.93
N LYS D 482 4.42 -21.57 -10.41
CA LYS D 482 4.65 -22.76 -9.56
C LYS D 482 6.11 -23.02 -9.35
N ILE D 483 6.56 -23.23 -8.11
CA ILE D 483 8.00 -23.40 -7.87
C ILE D 483 8.47 -24.86 -7.73
#